data_6YY1
#
_entry.id   6YY1
#
_cell.length_a   103.690
_cell.length_b   109.570
_cell.length_c   208.580
_cell.angle_alpha   90.000
_cell.angle_beta   90.000
_cell.angle_gamma   90.000
#
_symmetry.space_group_name_H-M   'P 21 21 21'
#
loop_
_entity.id
_entity.type
_entity.pdbx_description
1 polymer PYRB
2 non-polymer GLYCEROL
3 water water
#
_entity_poly.entity_id   1
_entity_poly.type   'polypeptide(L)'
_entity_poly.pdbx_seq_one_letter_code
;MGSSHHHHHHSSGLEVLFQGPHMFELSDVIEGKQFDREMLSAIFDVAREMEKIEKSSSQSEILKGYLMATLFYEPSTRTR
LSFESAMKRLGGEVLTTENAREFSSAAKGETLEDTIRTVEGYSDIIVMRHFESGAARKAAATANIPVINAGDGPGEHPTQ
ALLDVYTIQSEIGKLDGISVALVGDLANGRTVRSLAYLLAKFKDVKIYFVSPEIVKMKDDIKDYLTSSGVEWEESSDLME
VASKCDVVYQTRIQRERFGERLDLYEAARGKFIVDKDLLGVMQKKAIIMHPLPRLDEITADVDADPRAAYFRQAKNGLFI
RMALLKLLLVGW
;
_entity_poly.pdbx_strand_id   A,B,C,D,E,F
#
# COMPACT_ATOMS: atom_id res chain seq x y z
N HIS A 22 35.19 0.61 -36.21
CA HIS A 22 34.54 1.87 -35.85
C HIS A 22 33.72 1.77 -34.52
N MET A 23 34.24 2.41 -33.46
CA MET A 23 33.47 2.46 -32.22
C MET A 23 32.38 3.53 -32.28
N PHE A 24 31.42 3.42 -31.37
CA PHE A 24 30.25 4.30 -31.36
C PHE A 24 30.59 5.65 -30.73
N GLU A 25 30.20 6.73 -31.42
CA GLU A 25 30.62 8.05 -31.00
C GLU A 25 30.05 8.42 -29.63
N LEU A 26 28.99 7.75 -29.18
CA LEU A 26 28.40 8.04 -27.88
C LEU A 26 28.74 6.96 -26.87
N SER A 27 28.95 7.36 -25.62
CA SER A 27 29.19 6.42 -24.54
C SER A 27 27.95 6.18 -23.67
N ASP A 28 26.92 6.98 -23.82
CA ASP A 28 25.65 6.76 -23.15
C ASP A 28 24.57 7.39 -24.02
N VAL A 29 23.32 7.03 -23.73
CA VAL A 29 22.17 7.59 -24.44
C VAL A 29 21.29 8.29 -23.43
N ILE A 30 21.62 9.54 -23.11
CA ILE A 30 21.03 10.21 -21.96
C ILE A 30 19.99 11.21 -22.37
N GLU A 31 20.32 12.11 -23.28
CA GLU A 31 19.44 13.22 -23.65
C GLU A 31 19.41 13.36 -25.17
N GLY A 32 18.50 14.19 -25.66
CA GLY A 32 18.36 14.43 -27.08
C GLY A 32 19.44 15.28 -27.69
N LYS A 33 19.92 16.30 -26.95
CA LYS A 33 20.92 17.22 -27.46
C LYS A 33 22.20 16.51 -27.86
N GLN A 34 22.31 15.21 -27.58
CA GLN A 34 23.49 14.50 -28.03
C GLN A 34 23.49 14.29 -29.55
N PHE A 35 22.30 14.26 -30.16
CA PHE A 35 22.17 13.78 -31.53
C PHE A 35 22.19 14.93 -32.51
N ASP A 36 22.85 14.71 -33.64
CA ASP A 36 22.82 15.60 -34.79
C ASP A 36 22.11 14.89 -35.95
N ARG A 37 21.84 15.66 -36.99
CA ARG A 37 21.12 15.14 -38.15
C ARG A 37 21.78 13.87 -38.66
N GLU A 38 23.12 13.88 -38.70
CA GLU A 38 23.85 12.80 -39.33
C GLU A 38 23.84 11.54 -38.47
N MET A 39 24.08 11.69 -37.16
CA MET A 39 24.00 10.56 -36.23
C MET A 39 22.62 9.92 -36.25
N LEU A 40 21.56 10.73 -36.33
CA LEU A 40 20.21 10.18 -36.34
C LEU A 40 19.96 9.35 -37.59
N SER A 41 20.28 9.90 -38.77
CA SER A 41 20.11 9.14 -40.02
C SER A 41 20.97 7.89 -40.01
N ALA A 42 22.18 8.00 -39.46
CA ALA A 42 23.06 6.84 -39.40
C ALA A 42 22.48 5.78 -38.49
N ILE A 43 21.91 6.19 -37.35
CA ILE A 43 21.31 5.25 -36.40
C ILE A 43 20.05 4.63 -37.00
N PHE A 44 19.22 5.44 -37.65
CA PHE A 44 18.03 4.87 -38.29
C PHE A 44 18.37 3.73 -39.25
N ASP A 45 19.48 3.85 -40.00
CA ASP A 45 19.87 2.78 -40.90
C ASP A 45 20.18 1.52 -40.11
N VAL A 46 20.84 1.65 -38.97
CA VAL A 46 21.07 0.49 -38.11
C VAL A 46 19.75 -0.16 -37.70
N ALA A 47 18.70 0.66 -37.46
CA ALA A 47 17.39 0.10 -37.06
C ALA A 47 16.76 -0.73 -38.18
N ARG A 48 16.93 -0.30 -39.44
CA ARG A 48 16.42 -1.07 -40.58
C ARG A 48 17.19 -2.37 -40.72
N GLU A 49 18.43 -2.41 -40.24
CA GLU A 49 19.15 -3.67 -40.17
C GLU A 49 18.58 -4.56 -39.07
N MET A 50 18.30 -3.97 -37.91
CA MET A 50 17.75 -4.72 -36.79
C MET A 50 16.34 -5.21 -37.12
N GLU A 51 15.66 -4.51 -38.02
CA GLU A 51 14.36 -4.98 -38.48
C GLU A 51 14.53 -6.29 -39.25
N LYS A 52 15.54 -6.37 -40.12
CA LYS A 52 15.77 -7.62 -40.87
C LYS A 52 16.23 -8.76 -39.96
N ILE A 53 16.98 -8.46 -38.91
CA ILE A 53 17.37 -9.48 -37.95
C ILE A 53 16.16 -10.00 -37.16
N GLU A 54 15.25 -9.10 -36.74
CA GLU A 54 14.09 -9.59 -36.00
C GLU A 54 13.19 -10.44 -36.91
N LYS A 55 13.10 -10.11 -38.19
CA LYS A 55 12.22 -10.89 -39.06
C LYS A 55 12.83 -12.24 -39.38
N SER A 56 14.16 -12.32 -39.39
CA SER A 56 14.84 -13.56 -39.68
C SER A 56 14.34 -14.69 -38.78
N SER A 57 14.57 -15.94 -39.21
CA SER A 57 14.17 -17.12 -38.44
C SER A 57 15.33 -17.73 -37.66
N SER A 58 16.57 -17.45 -38.04
CA SER A 58 17.73 -17.92 -37.31
C SER A 58 18.11 -16.90 -36.23
N GLN A 59 18.19 -17.37 -34.99
CA GLN A 59 18.43 -16.49 -33.85
C GLN A 59 19.80 -15.83 -33.96
N SER A 60 19.83 -14.54 -33.67
CA SER A 60 21.08 -13.80 -33.75
C SER A 60 21.96 -14.13 -32.55
N GLU A 61 23.28 -13.86 -32.70
CA GLU A 61 24.27 -13.98 -31.64
C GLU A 61 25.16 -12.74 -31.52
N ILE A 62 24.76 -11.61 -32.08
CA ILE A 62 25.63 -10.43 -32.03
C ILE A 62 26.05 -10.13 -30.59
N LEU A 63 25.09 -10.07 -29.65
CA LEU A 63 25.37 -9.64 -28.27
C LEU A 63 25.56 -10.80 -27.29
N LYS A 64 25.71 -12.02 -27.81
CA LYS A 64 26.06 -13.18 -27.00
C LYS A 64 27.20 -12.86 -26.05
N GLY A 65 27.01 -13.25 -24.79
CA GLY A 65 27.99 -13.01 -23.78
C GLY A 65 27.91 -11.66 -23.12
N TYR A 66 26.88 -10.88 -23.41
CA TYR A 66 26.68 -9.59 -22.77
C TYR A 66 25.45 -9.65 -21.88
N LEU A 67 25.51 -8.95 -20.75
CA LEU A 67 24.40 -8.93 -19.81
C LEU A 67 23.85 -7.52 -19.61
N MET A 68 22.56 -7.38 -19.85
CA MET A 68 21.86 -6.14 -19.58
C MET A 68 21.27 -6.18 -18.19
N ALA A 69 21.44 -5.11 -17.41
CA ALA A 69 20.79 -4.93 -16.12
C ALA A 69 19.68 -3.91 -16.29
N THR A 70 18.44 -4.35 -16.13
CA THR A 70 17.30 -3.44 -16.11
C THR A 70 17.23 -2.87 -14.71
N LEU A 71 16.92 -1.58 -14.61
CA LEU A 71 16.73 -0.92 -13.32
C LEU A 71 15.55 0.07 -13.46
N PHE A 72 14.33 -0.44 -13.23
CA PHE A 72 13.13 0.38 -13.42
C PHE A 72 12.59 0.78 -12.04
N TYR A 73 13.03 1.96 -11.58
CA TYR A 73 12.49 2.55 -10.36
C TYR A 73 11.04 2.98 -10.58
N GLU A 74 10.74 3.50 -11.76
CA GLU A 74 9.41 3.84 -12.19
C GLU A 74 9.00 2.72 -13.15
N PRO A 75 8.14 1.79 -12.75
CA PRO A 75 7.84 0.66 -13.63
C PRO A 75 7.12 1.08 -14.91
N SER A 76 7.52 0.47 -16.02
CA SER A 76 6.88 0.64 -17.33
C SER A 76 6.99 -0.71 -18.03
N THR A 77 5.96 -1.55 -17.92
CA THR A 77 6.07 -2.88 -18.55
C THR A 77 6.35 -2.76 -20.06
N ARG A 78 5.70 -1.82 -20.73
CA ARG A 78 5.95 -1.62 -22.15
C ARG A 78 7.42 -1.27 -22.41
N THR A 79 7.90 -0.20 -21.79
CA THR A 79 9.25 0.26 -22.07
C THR A 79 10.30 -0.75 -21.68
N ARG A 80 10.08 -1.47 -20.58
CA ARG A 80 11.08 -2.44 -20.15
C ARG A 80 11.19 -3.58 -21.13
N LEU A 81 10.06 -4.21 -21.45
CA LEU A 81 10.10 -5.34 -22.36
C LEU A 81 10.69 -4.96 -23.70
N SER A 82 10.34 -3.79 -24.22
CA SER A 82 11.05 -3.25 -25.37
C SER A 82 12.57 -3.44 -25.28
N PHE A 83 13.17 -2.99 -24.20
CA PHE A 83 14.62 -3.11 -24.05
C PHE A 83 15.03 -4.58 -23.85
N GLU A 84 14.29 -5.33 -23.05
CA GLU A 84 14.70 -6.71 -22.78
C GLU A 84 14.59 -7.56 -24.05
N SER A 85 13.43 -7.53 -24.70
CA SER A 85 13.27 -8.18 -26.00
C SER A 85 14.40 -7.80 -26.96
N ALA A 86 14.79 -6.53 -26.97
CA ALA A 86 15.87 -6.09 -27.83
C ALA A 86 17.15 -6.86 -27.54
N MET A 87 17.55 -6.92 -26.28
CA MET A 87 18.78 -7.62 -25.91
C MET A 87 18.72 -9.09 -26.33
N LYS A 88 17.60 -9.76 -26.05
CA LYS A 88 17.55 -11.20 -26.30
C LYS A 88 17.41 -11.50 -27.81
N ARG A 89 16.74 -10.64 -28.56
CA ARG A 89 16.69 -10.83 -30.00
C ARG A 89 18.08 -10.81 -30.62
N LEU A 90 18.99 -10.02 -30.05
CA LEU A 90 20.38 -9.97 -30.49
C LEU A 90 21.27 -11.04 -29.86
N GLY A 91 20.71 -11.91 -29.00
CA GLY A 91 21.49 -12.94 -28.34
C GLY A 91 22.09 -12.59 -26.99
N GLY A 92 21.86 -11.37 -26.47
CA GLY A 92 22.25 -11.02 -25.11
C GLY A 92 21.33 -11.62 -24.04
N GLU A 93 21.63 -11.30 -22.80
CA GLU A 93 20.77 -11.72 -21.70
C GLU A 93 20.53 -10.58 -20.69
N VAL A 94 19.56 -10.80 -19.82
CA VAL A 94 18.99 -9.71 -19.02
C VAL A 94 18.94 -10.09 -17.55
N LEU A 95 19.26 -9.11 -16.70
CA LEU A 95 19.11 -9.20 -15.26
C LEU A 95 17.97 -8.25 -14.90
N THR A 96 16.75 -8.76 -14.97
CA THR A 96 15.57 -7.91 -14.83
C THR A 96 15.27 -7.49 -13.39
N THR A 97 14.76 -6.28 -13.25
CA THR A 97 14.15 -5.79 -12.01
C THR A 97 13.10 -4.76 -12.39
N GLU A 98 11.85 -5.17 -12.27
CA GLU A 98 10.71 -4.32 -12.65
C GLU A 98 10.60 -3.12 -11.73
N ASN A 99 10.48 -3.37 -10.41
CA ASN A 99 10.34 -2.33 -9.39
C ASN A 99 11.64 -2.33 -8.58
N ALA A 100 12.45 -1.30 -8.76
CA ALA A 100 13.67 -1.15 -7.97
C ALA A 100 13.51 -0.19 -6.81
N ARG A 101 12.31 0.36 -6.60
CA ARG A 101 12.09 1.35 -5.55
C ARG A 101 11.97 0.68 -4.21
N GLU A 102 12.61 1.27 -3.20
CA GLU A 102 12.64 0.65 -1.87
C GLU A 102 11.74 1.36 -0.85
N GLY A 109 18.59 2.97 2.48
CA GLY A 109 18.27 4.09 1.60
C GLY A 109 19.49 4.70 0.94
N GLU A 110 20.25 3.85 0.23
CA GLU A 110 21.55 4.25 -0.29
C GLU A 110 21.39 5.10 -1.56
N THR A 111 22.52 5.67 -2.00
CA THR A 111 22.56 6.56 -3.16
C THR A 111 22.65 5.79 -4.47
N LEU A 112 21.99 6.34 -5.49
CA LEU A 112 22.03 5.72 -6.81
C LEU A 112 23.45 5.49 -7.29
N GLU A 113 24.35 6.45 -7.05
CA GLU A 113 25.76 6.26 -7.38
C GLU A 113 26.27 4.95 -6.78
N ASP A 114 26.02 4.72 -5.48
CA ASP A 114 26.42 3.46 -4.86
C ASP A 114 25.79 2.27 -5.55
N THR A 115 24.50 2.39 -5.92
CA THR A 115 23.80 1.26 -6.54
C THR A 115 24.39 0.96 -7.92
N ILE A 116 24.63 2.01 -8.72
CA ILE A 116 25.10 1.80 -10.09
C ILE A 116 26.47 1.12 -10.09
N ARG A 117 27.40 1.62 -9.28
CA ARG A 117 28.74 1.05 -9.21
C ARG A 117 28.67 -0.45 -8.95
N THR A 118 27.85 -0.84 -7.98
CA THR A 118 27.70 -2.25 -7.67
C THR A 118 27.18 -3.03 -8.86
N VAL A 119 26.08 -2.55 -9.44
CA VAL A 119 25.47 -3.24 -10.57
C VAL A 119 26.46 -3.40 -11.73
N GLU A 120 27.28 -2.37 -12.00
CA GLU A 120 28.17 -2.45 -13.15
C GLU A 120 29.16 -3.59 -12.99
N GLY A 121 29.40 -4.06 -11.76
CA GLY A 121 30.18 -5.26 -11.53
C GLY A 121 29.50 -6.49 -12.06
N TYR A 122 28.17 -6.47 -12.10
CA TYR A 122 27.39 -7.65 -12.47
C TYR A 122 26.89 -7.61 -13.91
N SER A 123 27.19 -6.55 -14.66
CA SER A 123 26.58 -6.40 -15.97
C SER A 123 27.54 -5.73 -16.94
N ASP A 124 27.07 -5.59 -18.19
CA ASP A 124 27.83 -4.92 -19.25
C ASP A 124 27.12 -3.69 -19.80
N ILE A 125 25.85 -3.49 -19.46
CA ILE A 125 25.09 -2.29 -19.81
C ILE A 125 23.92 -2.15 -18.85
N ILE A 126 23.59 -0.93 -18.50
CA ILE A 126 22.52 -0.64 -17.56
C ILE A 126 21.46 0.22 -18.25
N VAL A 127 20.23 -0.30 -18.30
CA VAL A 127 19.08 0.45 -18.76
C VAL A 127 18.26 0.84 -17.55
N MET A 128 18.08 2.13 -17.33
CA MET A 128 17.42 2.63 -16.13
C MET A 128 16.27 3.59 -16.45
N ARG A 129 15.16 3.43 -15.74
CA ARG A 129 14.04 4.36 -15.71
C ARG A 129 13.87 4.83 -14.28
N HIS A 130 13.86 6.14 -14.07
CA HIS A 130 13.71 6.70 -12.74
C HIS A 130 12.47 7.55 -12.72
N PHE A 131 12.01 7.87 -11.51
CA PHE A 131 10.91 8.79 -11.30
C PHE A 131 11.38 10.21 -11.02
N GLU A 132 12.66 10.38 -10.68
CA GLU A 132 13.22 11.65 -10.27
C GLU A 132 14.12 12.19 -11.37
N SER A 133 13.91 13.45 -11.72
CA SER A 133 14.69 14.08 -12.78
C SER A 133 16.18 14.10 -12.40
N GLY A 134 17.03 14.01 -13.44
CA GLY A 134 18.47 14.14 -13.27
C GLY A 134 19.22 12.87 -12.90
N ALA A 135 18.53 11.74 -12.82
CA ALA A 135 19.18 10.49 -12.40
C ALA A 135 19.98 9.82 -13.51
N ALA A 136 19.49 9.87 -14.77
CA ALA A 136 20.25 9.34 -15.91
C ALA A 136 21.62 10.00 -16.02
N ARG A 137 21.66 11.35 -15.91
CA ARG A 137 22.95 12.04 -15.80
C ARG A 137 23.82 11.40 -14.72
N LYS A 138 23.26 11.15 -13.52
CA LYS A 138 24.08 10.61 -12.44
C LYS A 138 24.63 9.24 -12.80
N ALA A 139 23.77 8.37 -13.34
CA ALA A 139 24.20 7.00 -13.58
C ALA A 139 25.26 6.92 -14.67
N ALA A 140 25.11 7.73 -15.71
CA ALA A 140 26.05 7.68 -16.81
C ALA A 140 27.44 8.09 -16.34
N ALA A 141 27.51 9.10 -15.47
CA ALA A 141 28.79 9.61 -15.00
C ALA A 141 29.48 8.61 -14.10
N THR A 142 28.71 7.86 -13.33
CA THR A 142 29.27 6.96 -12.34
C THR A 142 29.83 5.71 -13.00
N ALA A 143 29.10 5.13 -13.95
CA ALA A 143 29.45 3.82 -14.49
C ALA A 143 30.57 3.94 -15.52
N ASN A 144 31.41 2.93 -15.56
CA ASN A 144 32.40 2.76 -16.62
C ASN A 144 31.90 1.82 -17.72
N ILE A 145 30.60 1.54 -17.73
CA ILE A 145 29.94 0.83 -18.81
C ILE A 145 28.81 1.68 -19.35
N PRO A 146 28.33 1.38 -20.55
CA PRO A 146 27.31 2.24 -21.14
C PRO A 146 26.04 2.25 -20.29
N VAL A 147 25.27 3.35 -20.39
CA VAL A 147 23.97 3.50 -19.75
C VAL A 147 22.98 4.02 -20.78
N ILE A 148 21.77 3.48 -20.81
CA ILE A 148 20.70 4.06 -21.62
C ILE A 148 19.60 4.57 -20.70
N ASN A 149 19.14 5.80 -20.95
CA ASN A 149 18.07 6.46 -20.19
C ASN A 149 16.74 6.01 -20.77
N ALA A 150 15.98 5.23 -19.99
CA ALA A 150 14.65 4.80 -20.39
C ALA A 150 13.52 5.72 -19.93
N GLY A 151 13.85 6.89 -19.39
CA GLY A 151 12.87 7.79 -18.83
C GLY A 151 13.48 8.43 -17.60
N ASP A 152 13.82 9.73 -17.63
CA ASP A 152 14.47 10.41 -16.51
C ASP A 152 13.41 11.08 -15.63
N GLY A 153 12.40 10.33 -15.26
CA GLY A 153 11.29 10.91 -14.55
C GLY A 153 10.49 11.79 -15.48
N PRO A 154 10.34 13.06 -15.13
CA PRO A 154 9.74 14.01 -16.06
C PRO A 154 10.68 14.66 -17.06
N GLY A 155 11.92 14.20 -17.17
CA GLY A 155 12.95 14.80 -18.00
C GLY A 155 13.07 14.09 -19.32
N GLU A 156 14.31 13.91 -19.77
CA GLU A 156 14.55 13.42 -21.12
C GLU A 156 14.16 11.94 -21.21
N HIS A 157 13.50 11.59 -22.31
CA HIS A 157 13.14 10.21 -22.63
C HIS A 157 13.62 9.99 -24.05
N PRO A 158 14.94 9.89 -24.25
CA PRO A 158 15.52 10.08 -25.59
C PRO A 158 15.14 8.99 -26.56
N THR A 159 15.06 7.72 -26.13
CA THR A 159 14.73 6.63 -27.05
C THR A 159 13.28 6.69 -27.49
N GLN A 160 12.41 7.38 -26.75
CA GLN A 160 11.08 7.69 -27.26
C GLN A 160 11.18 8.72 -28.39
N ALA A 161 11.97 9.78 -28.20
CA ALA A 161 12.11 10.75 -29.28
C ALA A 161 12.75 10.11 -30.51
N LEU A 162 13.62 9.13 -30.31
CA LEU A 162 14.28 8.50 -31.44
C LEU A 162 13.30 7.63 -32.23
N LEU A 163 12.52 6.78 -31.52
CA LEU A 163 11.61 5.90 -32.23
C LEU A 163 10.48 6.67 -32.87
N ASP A 164 10.18 7.87 -32.36
CA ASP A 164 9.17 8.71 -33.01
C ASP A 164 9.66 9.21 -34.37
N VAL A 165 10.85 9.82 -34.40
CA VAL A 165 11.38 10.33 -35.66
C VAL A 165 11.57 9.22 -36.67
N TYR A 166 12.06 8.05 -36.21
CA TYR A 166 12.27 6.91 -37.10
C TYR A 166 10.94 6.38 -37.66
N THR A 167 9.88 6.39 -36.86
CA THR A 167 8.57 6.01 -37.34
C THR A 167 8.07 7.00 -38.39
N ILE A 168 8.34 8.29 -38.20
CA ILE A 168 7.96 9.27 -39.20
C ILE A 168 8.72 9.01 -40.50
N GLN A 169 10.03 8.87 -40.40
CA GLN A 169 10.81 8.59 -41.59
C GLN A 169 10.31 7.33 -42.28
N SER A 170 9.88 6.35 -41.50
CA SER A 170 9.52 5.05 -42.03
C SER A 170 8.19 5.11 -42.77
N GLU A 171 7.19 5.74 -42.16
CA GLU A 171 5.86 5.77 -42.79
C GLU A 171 5.81 6.78 -43.93
N ILE A 172 6.37 7.95 -43.73
CA ILE A 172 6.36 9.00 -44.75
C ILE A 172 7.42 8.72 -45.81
N GLY A 173 8.59 8.22 -45.38
CA GLY A 173 9.71 7.95 -46.26
C GLY A 173 10.83 8.95 -46.15
N LYS A 174 10.57 10.09 -45.52
CA LYS A 174 11.58 11.13 -45.39
C LYS A 174 11.17 12.05 -44.24
N LEU A 175 12.16 12.79 -43.75
CA LEU A 175 11.96 13.74 -42.66
C LEU A 175 12.08 15.19 -43.10
N ASP A 176 12.73 15.46 -44.24
CA ASP A 176 12.78 16.81 -44.78
C ASP A 176 11.47 17.21 -45.47
N GLY A 177 11.05 18.45 -45.28
CA GLY A 177 9.82 18.91 -45.91
C GLY A 177 8.52 18.19 -45.56
N ILE A 178 8.32 17.89 -44.29
CA ILE A 178 7.08 17.31 -43.82
C ILE A 178 6.36 18.32 -42.93
N SER A 179 5.07 18.11 -42.77
CA SER A 179 4.26 18.89 -41.85
C SER A 179 3.80 17.99 -40.72
N VAL A 180 4.06 18.38 -39.49
CA VAL A 180 3.71 17.60 -38.32
C VAL A 180 2.88 18.46 -37.39
N ALA A 181 1.80 17.90 -36.88
CA ALA A 181 0.97 18.55 -35.88
C ALA A 181 1.21 17.89 -34.53
N LEU A 182 1.56 18.71 -33.53
CA LEU A 182 1.68 18.27 -32.13
C LEU A 182 0.39 18.66 -31.41
N VAL A 183 -0.39 17.66 -30.96
CA VAL A 183 -1.72 17.88 -30.40
C VAL A 183 -1.74 17.45 -28.92
N GLY A 184 -2.43 18.24 -28.12
CA GLY A 184 -2.57 17.89 -26.72
C GLY A 184 -1.87 18.81 -25.75
N ASP A 185 -1.37 18.32 -24.64
CA ASP A 185 -0.75 19.18 -23.64
C ASP A 185 0.66 19.49 -24.07
N LEU A 186 0.83 20.68 -24.68
CA LEU A 186 2.12 21.09 -25.24
C LEU A 186 2.96 21.81 -24.19
N ALA A 187 2.31 22.51 -23.26
CA ALA A 187 3.06 23.29 -22.31
C ALA A 187 3.95 22.40 -21.47
N ASN A 188 3.42 21.25 -21.05
CA ASN A 188 4.06 20.41 -20.06
C ASN A 188 4.35 19.01 -20.56
N GLY A 189 4.05 18.72 -21.82
CA GLY A 189 4.31 17.39 -22.27
C GLY A 189 5.72 17.22 -22.77
N ARG A 190 6.50 16.34 -22.14
CA ARG A 190 7.88 16.23 -22.54
C ARG A 190 8.03 15.57 -23.88
N THR A 191 7.03 14.83 -24.34
CA THR A 191 7.23 14.07 -25.58
C THR A 191 7.08 14.96 -26.80
N VAL A 192 6.07 15.82 -26.85
CA VAL A 192 5.98 16.74 -27.98
C VAL A 192 7.21 17.64 -28.04
N ARG A 193 7.74 18.06 -26.88
CA ARG A 193 8.91 18.93 -26.85
C ARG A 193 10.16 18.18 -27.32
N SER A 194 10.32 16.93 -26.92
CA SER A 194 11.50 16.17 -27.31
C SER A 194 11.44 15.80 -28.79
N LEU A 195 10.25 15.44 -29.30
CA LEU A 195 10.10 15.21 -30.73
C LEU A 195 10.33 16.49 -31.52
N ALA A 196 9.75 17.60 -31.08
CA ALA A 196 10.02 18.86 -31.74
C ALA A 196 11.51 19.16 -31.74
N TYR A 197 12.18 18.86 -30.64
CA TYR A 197 13.61 19.14 -30.57
C TYR A 197 14.36 18.44 -31.72
N LEU A 198 14.11 17.14 -31.91
CA LEU A 198 14.84 16.37 -32.92
C LEU A 198 14.37 16.67 -34.34
N LEU A 199 13.09 17.00 -34.53
CA LEU A 199 12.61 17.22 -35.88
C LEU A 199 13.25 18.47 -36.47
N ALA A 200 13.50 19.47 -35.64
CA ALA A 200 14.08 20.69 -36.16
C ALA A 200 15.43 20.49 -36.81
N LYS A 201 16.14 19.42 -36.50
CA LYS A 201 17.45 19.18 -37.08
C LYS A 201 17.39 18.95 -38.57
N PHE A 202 16.21 18.98 -39.19
CA PHE A 202 15.99 18.65 -40.59
C PHE A 202 15.45 19.86 -41.34
N LYS A 203 15.39 19.74 -42.67
CA LYS A 203 15.20 20.86 -43.57
C LYS A 203 13.72 21.01 -43.97
N ASP A 204 13.23 22.24 -43.89
CA ASP A 204 11.92 22.60 -44.44
C ASP A 204 10.77 21.88 -43.71
N VAL A 205 10.85 21.84 -42.39
CA VAL A 205 9.82 21.22 -41.55
C VAL A 205 8.82 22.28 -41.15
N LYS A 206 7.56 21.88 -41.00
CA LYS A 206 6.56 22.76 -40.40
C LYS A 206 5.84 22.02 -39.27
N ILE A 207 5.52 22.75 -38.20
CA ILE A 207 4.91 22.19 -37.00
C ILE A 207 3.69 23.03 -36.64
N TYR A 208 2.54 22.38 -36.53
CA TYR A 208 1.33 22.99 -35.99
C TYR A 208 1.20 22.64 -34.51
N PHE A 209 1.19 23.64 -33.64
CA PHE A 209 0.94 23.43 -32.21
C PHE A 209 -0.57 23.50 -32.04
N VAL A 210 -1.26 22.36 -32.18
CA VAL A 210 -2.69 22.26 -31.88
C VAL A 210 -2.90 22.01 -30.38
N SER A 211 -3.60 22.89 -29.68
CA SER A 211 -3.81 22.72 -28.25
C SER A 211 -4.73 23.81 -27.74
N PRO A 212 -5.42 23.56 -26.63
CA PRO A 212 -6.09 24.65 -25.92
C PRO A 212 -5.09 25.77 -25.64
N GLU A 213 -5.60 27.01 -25.64
CA GLU A 213 -4.72 28.17 -25.50
C GLU A 213 -3.94 28.13 -24.18
N ILE A 214 -4.53 27.57 -23.12
CA ILE A 214 -3.86 27.66 -21.83
C ILE A 214 -2.73 26.65 -21.69
N VAL A 215 -2.63 25.67 -22.60
CA VAL A 215 -1.54 24.70 -22.58
C VAL A 215 -0.76 24.83 -23.88
N LYS A 216 -0.60 26.04 -24.39
CA LYS A 216 0.17 26.19 -25.62
C LYS A 216 1.66 25.96 -25.35
N MET A 217 2.43 25.77 -26.44
CA MET A 217 3.84 25.45 -26.31
C MET A 217 4.61 26.64 -25.73
N LYS A 218 5.63 26.33 -24.92
CA LYS A 218 6.40 27.33 -24.21
C LYS A 218 7.37 28.00 -25.17
N ASP A 219 7.87 29.16 -24.73
CA ASP A 219 8.57 30.07 -25.61
C ASP A 219 9.91 29.50 -26.03
N ASP A 220 10.56 28.76 -25.11
CA ASP A 220 11.88 28.22 -25.42
C ASP A 220 11.85 27.41 -26.73
N ILE A 221 10.85 26.52 -26.88
CA ILE A 221 10.77 25.68 -28.06
C ILE A 221 10.49 26.51 -29.29
N LYS A 222 9.56 27.48 -29.17
CA LYS A 222 9.27 28.36 -30.30
C LYS A 222 10.52 29.11 -30.74
N ASP A 223 11.26 29.69 -29.79
CA ASP A 223 12.48 30.37 -30.20
C ASP A 223 13.42 29.40 -30.87
N TYR A 224 13.48 28.16 -30.36
CA TYR A 224 14.37 27.15 -30.94
C TYR A 224 13.95 26.84 -32.37
N LEU A 225 12.66 26.63 -32.60
CA LEU A 225 12.20 26.30 -33.94
C LEU A 225 12.45 27.47 -34.88
N THR A 226 12.11 28.69 -34.45
CA THR A 226 12.43 29.85 -35.28
C THR A 226 13.92 29.89 -35.62
N SER A 227 14.78 29.85 -34.61
CA SER A 227 16.20 29.87 -34.87
C SER A 227 16.66 28.66 -35.63
N SER A 228 15.87 27.59 -35.64
CA SER A 228 16.27 26.40 -36.35
C SER A 228 15.85 26.44 -37.81
N GLY A 229 15.15 27.50 -38.23
CA GLY A 229 14.62 27.57 -39.57
C GLY A 229 13.34 26.80 -39.80
N VAL A 230 12.54 26.63 -38.77
CA VAL A 230 11.34 25.83 -38.83
C VAL A 230 10.15 26.75 -38.76
N GLU A 231 9.14 26.47 -39.57
CA GLU A 231 7.89 27.23 -39.55
C GLU A 231 6.94 26.58 -38.56
N TRP A 232 6.30 27.40 -37.71
CA TRP A 232 5.31 26.88 -36.78
C TRP A 232 4.10 27.79 -36.70
N GLU A 233 2.97 27.20 -36.37
CA GLU A 233 1.68 27.89 -36.41
C GLU A 233 0.84 27.35 -35.28
N GLU A 234 0.39 28.23 -34.36
CA GLU A 234 -0.54 27.81 -33.29
C GLU A 234 -1.98 27.73 -33.81
N SER A 235 -2.72 26.73 -33.35
CA SER A 235 -4.12 26.59 -33.68
C SER A 235 -4.82 25.86 -32.55
N SER A 236 -6.14 26.05 -32.47
CA SER A 236 -6.97 25.23 -31.59
C SER A 236 -7.96 24.39 -32.40
N ASP A 237 -7.82 24.37 -33.71
CA ASP A 237 -8.78 23.76 -34.61
C ASP A 237 -8.13 22.54 -35.24
N LEU A 238 -8.28 21.40 -34.56
CA LEU A 238 -7.58 20.20 -34.98
C LEU A 238 -8.06 19.74 -36.35
N MET A 239 -9.29 20.11 -36.75
CA MET A 239 -9.82 19.65 -38.04
C MET A 239 -9.14 20.35 -39.20
N GLU A 240 -8.91 21.67 -39.08
CA GLU A 240 -8.24 22.44 -40.12
C GLU A 240 -6.78 22.02 -40.26
N VAL A 241 -6.07 21.85 -39.13
CA VAL A 241 -4.66 21.48 -39.18
C VAL A 241 -4.50 20.07 -39.72
N ALA A 242 -5.41 19.17 -39.34
CA ALA A 242 -5.24 17.76 -39.71
C ALA A 242 -5.11 17.58 -41.22
N SER A 243 -5.91 18.32 -42.00
CA SER A 243 -5.92 18.16 -43.45
C SER A 243 -4.67 18.66 -44.12
N LYS A 244 -3.84 19.42 -43.43
CA LYS A 244 -2.61 19.95 -44.00
C LYS A 244 -1.36 19.18 -43.60
N CYS A 245 -1.47 18.06 -42.88
CA CYS A 245 -0.37 17.46 -42.17
C CYS A 245 -0.01 16.09 -42.71
N ASP A 246 1.30 15.79 -42.67
CA ASP A 246 1.80 14.44 -42.95
C ASP A 246 1.68 13.54 -41.73
N VAL A 247 1.77 14.11 -40.55
CA VAL A 247 1.76 13.36 -39.30
C VAL A 247 0.92 14.13 -38.29
N VAL A 248 0.11 13.38 -37.53
CA VAL A 248 -0.68 13.95 -36.46
C VAL A 248 -0.28 13.23 -35.17
N TYR A 249 0.49 13.94 -34.32
CA TYR A 249 1.09 13.37 -33.11
C TYR A 249 0.17 13.69 -31.91
N GLN A 250 -0.66 12.71 -31.54
CA GLN A 250 -1.65 12.88 -30.47
C GLN A 250 -1.05 12.53 -29.11
N THR A 251 -1.36 13.35 -28.11
CA THR A 251 -1.05 13.09 -26.71
C THR A 251 -2.27 13.48 -25.89
N ARG A 252 -2.26 13.13 -24.61
CA ARG A 252 -3.42 13.37 -23.78
C ARG A 252 -3.31 14.73 -23.10
N ILE A 253 -4.45 15.26 -22.66
CA ILE A 253 -4.53 16.52 -21.92
C ILE A 253 -5.16 16.19 -20.57
N GLN A 254 -4.34 15.80 -19.60
CA GLN A 254 -4.87 15.48 -18.28
C GLN A 254 -5.65 16.66 -17.72
N ARG A 255 -6.81 16.38 -17.10
CA ARG A 255 -7.57 17.41 -16.42
C ARG A 255 -6.73 18.16 -15.40
N GLU A 256 -5.70 17.50 -14.86
CA GLU A 256 -4.78 18.15 -13.93
C GLU A 256 -4.18 19.43 -14.52
N ARG A 257 -3.94 19.45 -15.82
CA ARG A 257 -3.18 20.56 -16.40
C ARG A 257 -3.97 21.87 -16.40
N PHE A 258 -5.31 21.80 -16.45
CA PHE A 258 -6.12 23.01 -16.41
C PHE A 258 -6.16 23.62 -15.01
N GLY A 259 -5.74 22.90 -13.99
CA GLY A 259 -5.80 23.43 -12.64
C GLY A 259 -7.22 23.75 -12.25
N GLU A 260 -7.50 25.04 -12.04
CA GLU A 260 -8.80 25.44 -11.56
C GLU A 260 -9.75 25.82 -12.67
N ARG A 261 -9.24 25.99 -13.90
CA ARG A 261 -10.08 26.44 -15.02
C ARG A 261 -10.78 25.22 -15.63
N LEU A 262 -11.74 24.69 -14.86
CA LEU A 262 -12.56 23.62 -15.41
C LEU A 262 -13.47 24.12 -16.53
N ASP A 263 -13.64 25.44 -16.65
CA ASP A 263 -14.35 25.97 -17.81
C ASP A 263 -13.52 25.79 -19.06
N LEU A 264 -12.21 25.96 -18.95
CA LEU A 264 -11.36 25.73 -20.10
C LEU A 264 -11.18 24.25 -20.38
N TYR A 265 -11.47 23.38 -19.39
CA TYR A 265 -11.47 21.95 -19.65
C TYR A 265 -12.74 21.50 -20.36
N GLU A 266 -13.89 22.06 -19.99
CA GLU A 266 -15.13 21.72 -20.68
C GLU A 266 -15.12 22.25 -22.09
N ALA A 267 -14.55 23.45 -22.29
CA ALA A 267 -14.50 24.03 -23.61
C ALA A 267 -13.59 23.25 -24.53
N ALA A 268 -12.56 22.62 -23.96
CA ALA A 268 -11.63 21.83 -24.76
C ALA A 268 -12.17 20.44 -25.06
N ARG A 269 -13.03 19.92 -24.20
CA ARG A 269 -13.50 18.54 -24.33
C ARG A 269 -14.15 18.34 -25.68
N GLY A 270 -13.78 17.26 -26.37
CA GLY A 270 -14.38 16.92 -27.63
C GLY A 270 -13.70 17.49 -28.84
N LYS A 271 -12.82 18.49 -28.66
CA LYS A 271 -12.28 19.22 -29.79
C LYS A 271 -10.85 18.89 -30.11
N PHE A 272 -10.22 17.99 -29.37
CA PHE A 272 -8.85 17.58 -29.63
C PHE A 272 -8.74 16.06 -29.68
N ILE A 273 -9.72 15.42 -30.31
CA ILE A 273 -9.84 13.97 -30.35
C ILE A 273 -9.59 13.50 -31.77
N VAL A 274 -8.95 12.35 -31.91
CA VAL A 274 -8.79 11.72 -33.20
C VAL A 274 -9.89 10.66 -33.30
N ASP A 275 -10.87 10.88 -34.18
CA ASP A 275 -11.97 9.94 -34.36
C ASP A 275 -12.22 9.72 -35.86
N LYS A 276 -13.23 8.88 -36.14
CA LYS A 276 -13.55 8.54 -37.52
C LYS A 276 -13.75 9.79 -38.34
N ASP A 277 -14.38 10.82 -37.73
CA ASP A 277 -14.61 12.07 -38.43
C ASP A 277 -13.31 12.76 -38.82
N LEU A 278 -12.32 12.73 -37.93
CA LEU A 278 -11.03 13.35 -38.24
C LEU A 278 -10.30 12.59 -39.32
N LEU A 279 -10.29 11.25 -39.23
CA LEU A 279 -9.66 10.46 -40.29
C LEU A 279 -10.19 10.86 -41.66
N GLY A 280 -11.42 11.36 -41.73
CA GLY A 280 -12.08 11.68 -42.98
C GLY A 280 -11.58 12.90 -43.69
N VAL A 281 -10.78 13.74 -43.04
CA VAL A 281 -10.32 14.96 -43.66
C VAL A 281 -8.81 14.95 -43.89
N MET A 282 -8.12 13.88 -43.50
CA MET A 282 -6.66 13.83 -43.59
C MET A 282 -6.22 13.17 -44.87
N GLN A 283 -5.01 13.50 -45.32
CA GLN A 283 -4.48 12.94 -46.55
C GLN A 283 -4.42 11.41 -46.47
N LYS A 284 -4.26 10.78 -47.64
CA LYS A 284 -4.21 9.33 -47.68
C LYS A 284 -2.92 8.81 -47.09
N LYS A 285 -1.81 9.49 -47.38
CA LYS A 285 -0.51 9.10 -46.84
C LYS A 285 -0.15 9.84 -45.58
N ALA A 286 -1.14 10.29 -44.81
CA ALA A 286 -0.89 10.78 -43.46
C ALA A 286 -0.84 9.62 -42.46
N ILE A 287 -0.44 9.90 -41.21
CA ILE A 287 -0.50 8.88 -40.16
C ILE A 287 -0.92 9.52 -38.86
N ILE A 288 -1.38 8.68 -37.93
CA ILE A 288 -1.72 9.07 -36.57
C ILE A 288 -0.68 8.41 -35.67
N MET A 289 0.01 9.20 -34.84
CA MET A 289 0.97 8.67 -33.89
C MET A 289 0.55 9.04 -32.47
N HIS A 290 1.01 8.25 -31.52
CA HIS A 290 0.70 8.43 -30.13
C HIS A 290 1.73 7.65 -29.33
N PRO A 291 2.43 8.23 -28.34
CA PRO A 291 3.42 7.49 -27.53
C PRO A 291 2.80 6.49 -26.57
N LEU A 292 1.53 6.62 -26.28
CA LEU A 292 0.84 5.69 -25.38
C LEU A 292 1.38 5.88 -23.97
N PRO A 293 0.59 5.60 -22.92
CA PRO A 293 -0.77 5.08 -22.98
C PRO A 293 -1.79 6.11 -23.51
N ARG A 294 -2.74 5.62 -24.28
CA ARG A 294 -3.82 6.45 -24.83
C ARG A 294 -5.15 6.09 -24.19
N LEU A 295 -5.92 7.10 -23.81
CA LEU A 295 -7.24 6.93 -23.27
C LEU A 295 -8.27 7.28 -24.37
N ASP A 296 -9.29 8.09 -24.13
CA ASP A 296 -10.33 8.32 -25.12
C ASP A 296 -9.97 9.43 -26.10
N GLU A 297 -8.72 9.91 -26.09
CA GLU A 297 -8.29 10.90 -27.08
C GLU A 297 -8.01 10.29 -28.45
N ILE A 298 -8.10 8.97 -28.56
CA ILE A 298 -8.14 8.31 -29.86
C ILE A 298 -9.20 7.21 -29.76
N THR A 299 -10.25 7.29 -30.56
CA THR A 299 -11.37 6.37 -30.45
C THR A 299 -11.05 5.04 -31.12
N ALA A 300 -11.71 3.99 -30.65
CA ALA A 300 -11.30 2.65 -31.00
C ALA A 300 -11.51 2.32 -32.46
N ASP A 301 -12.42 3.00 -33.16
CA ASP A 301 -12.64 2.68 -34.57
C ASP A 301 -11.55 3.26 -35.45
N VAL A 302 -10.61 3.99 -34.85
CA VAL A 302 -9.45 4.54 -35.54
C VAL A 302 -8.33 3.54 -35.72
N ASP A 303 -8.32 2.45 -34.93
CA ASP A 303 -7.28 1.44 -35.04
C ASP A 303 -7.40 0.67 -36.36
N ALA A 304 -8.64 0.45 -36.84
CA ALA A 304 -8.87 -0.28 -38.09
C ALA A 304 -8.24 0.41 -39.30
N ASP A 305 -8.04 1.72 -39.25
CA ASP A 305 -7.50 2.47 -40.38
C ASP A 305 -6.02 2.19 -40.53
N PRO A 306 -5.51 2.06 -41.77
CA PRO A 306 -4.07 1.76 -41.97
C PRO A 306 -3.19 2.92 -41.59
N ARG A 307 -3.72 4.13 -41.47
CA ARG A 307 -2.90 5.25 -41.05
C ARG A 307 -2.62 5.24 -39.56
N ALA A 308 -3.31 4.40 -38.78
CA ALA A 308 -3.04 4.30 -37.35
C ALA A 308 -1.68 3.65 -37.07
N ALA A 309 -0.68 4.47 -36.78
CA ALA A 309 0.68 4.01 -36.73
C ALA A 309 1.20 3.79 -35.31
N TYR A 310 0.38 4.05 -34.29
CA TYR A 310 0.89 4.05 -32.93
C TYR A 310 1.31 2.65 -32.47
N PHE A 311 0.68 1.58 -32.95
CA PHE A 311 1.16 0.25 -32.62
C PHE A 311 2.40 -0.10 -33.45
N ARG A 312 2.43 0.23 -34.75
CA ARG A 312 3.70 0.09 -35.49
C ARG A 312 4.81 0.92 -34.83
N GLN A 313 4.48 2.11 -34.35
CA GLN A 313 5.45 2.98 -33.68
C GLN A 313 6.09 2.30 -32.48
N ALA A 314 5.29 1.55 -31.72
CA ALA A 314 5.82 0.89 -30.55
C ALA A 314 6.76 -0.22 -30.95
N LYS A 315 6.36 -1.02 -31.95
CA LYS A 315 7.24 -2.06 -32.48
C LYS A 315 8.57 -1.47 -32.94
N ASN A 316 8.54 -0.26 -33.50
CA ASN A 316 9.77 0.36 -33.97
C ASN A 316 10.73 0.63 -32.84
N GLY A 317 10.22 0.76 -31.62
CA GLY A 317 11.10 0.86 -30.47
C GLY A 317 12.00 -0.35 -30.29
N LEU A 318 11.47 -1.55 -30.57
CA LEU A 318 12.34 -2.72 -30.55
C LEU A 318 13.55 -2.49 -31.46
N PHE A 319 13.32 -1.98 -32.67
CA PHE A 319 14.42 -1.85 -33.62
C PHE A 319 15.39 -0.73 -33.24
N ILE A 320 14.87 0.39 -32.75
CA ILE A 320 15.75 1.47 -32.32
C ILE A 320 16.55 1.05 -31.11
N ARG A 321 15.93 0.28 -30.21
CA ARG A 321 16.60 -0.12 -28.99
C ARG A 321 17.57 -1.25 -29.25
N MET A 322 17.25 -2.18 -30.15
CA MET A 322 18.28 -3.10 -30.63
C MET A 322 19.48 -2.32 -31.16
N ALA A 323 19.22 -1.30 -32.00
CA ALA A 323 20.31 -0.58 -32.66
C ALA A 323 21.21 0.11 -31.66
N LEU A 324 20.63 0.65 -30.58
CA LEU A 324 21.42 1.36 -29.59
C LEU A 324 22.23 0.38 -28.71
N LEU A 325 21.57 -0.64 -28.15
CA LEU A 325 22.32 -1.72 -27.49
C LEU A 325 23.49 -2.19 -28.35
N LYS A 326 23.20 -2.55 -29.61
CA LYS A 326 24.23 -3.03 -30.52
C LYS A 326 25.33 -1.99 -30.68
N LEU A 327 24.98 -0.73 -30.94
CA LEU A 327 26.03 0.27 -31.20
C LEU A 327 26.88 0.53 -29.95
N LEU A 328 26.27 0.66 -28.77
CA LEU A 328 27.05 1.01 -27.60
C LEU A 328 28.01 -0.10 -27.19
N LEU A 329 27.73 -1.35 -27.57
CA LEU A 329 28.47 -2.50 -27.06
C LEU A 329 29.48 -3.07 -28.05
N VAL A 330 29.21 -2.94 -29.35
CA VAL A 330 30.21 -3.34 -30.36
C VAL A 330 30.46 -2.26 -31.41
N GLY A 331 29.62 -1.22 -31.52
CA GLY A 331 29.84 -0.13 -32.43
C GLY A 331 29.29 -0.43 -33.80
N TRP A 332 29.71 0.42 -34.73
CA TRP A 332 29.26 0.34 -36.09
C TRP A 332 29.77 -0.91 -36.81
N HIS B 22 35.49 -34.97 -8.65
CA HIS B 22 35.00 -34.98 -7.28
C HIS B 22 33.64 -34.26 -7.16
N MET B 23 32.89 -34.53 -6.08
CA MET B 23 31.63 -33.85 -5.82
C MET B 23 31.73 -33.02 -4.55
N PHE B 24 30.96 -31.93 -4.51
CA PHE B 24 31.07 -30.98 -3.41
C PHE B 24 30.61 -31.60 -2.08
N GLU B 25 31.29 -31.22 -1.00
CA GLU B 25 31.08 -31.78 0.34
C GLU B 25 29.86 -31.21 1.07
N LEU B 26 29.35 -30.06 0.63
CA LEU B 26 28.13 -29.48 1.17
C LEU B 26 26.97 -29.68 0.20
N SER B 27 25.84 -30.15 0.71
CA SER B 27 24.65 -30.29 -0.13
C SER B 27 23.87 -28.99 -0.22
N ASP B 28 24.08 -28.08 0.72
CA ASP B 28 23.43 -26.78 0.71
C ASP B 28 24.42 -25.76 1.29
N VAL B 29 24.12 -24.49 1.12
CA VAL B 29 24.91 -23.43 1.72
C VAL B 29 23.95 -22.62 2.57
N ILE B 30 24.01 -22.79 3.90
CA ILE B 30 22.95 -22.29 4.75
C ILE B 30 23.54 -21.47 5.89
N GLU B 31 24.54 -22.01 6.57
CA GLU B 31 25.06 -21.38 7.79
C GLU B 31 26.57 -21.39 7.79
N GLY B 32 27.14 -20.51 8.64
CA GLY B 32 28.58 -20.36 8.69
C GLY B 32 29.31 -21.54 9.29
N LYS B 33 28.72 -22.20 10.29
CA LYS B 33 29.41 -23.33 10.91
C LYS B 33 29.55 -24.53 10.01
N GLN B 34 29.06 -24.48 8.77
CA GLN B 34 29.33 -25.57 7.86
C GLN B 34 30.76 -25.56 7.37
N PHE B 35 31.44 -24.43 7.52
CA PHE B 35 32.73 -24.21 6.88
C PHE B 35 33.85 -24.32 7.90
N ASP B 36 34.92 -25.02 7.51
CA ASP B 36 36.16 -25.06 8.25
C ASP B 36 37.27 -24.40 7.43
N ARG B 37 38.36 -24.11 8.12
CA ARG B 37 39.46 -23.40 7.47
C ARG B 37 39.86 -24.05 6.14
N GLU B 38 39.99 -25.38 6.13
CA GLU B 38 40.47 -26.05 4.91
C GLU B 38 39.50 -25.81 3.74
N MET B 39 38.20 -25.83 4.04
CA MET B 39 37.19 -25.61 3.00
C MET B 39 37.30 -24.21 2.42
N LEU B 40 37.23 -23.20 3.31
CA LEU B 40 37.28 -21.81 2.87
C LEU B 40 38.47 -21.54 1.94
N SER B 41 39.65 -22.05 2.28
CA SER B 41 40.79 -21.89 1.38
C SER B 41 40.50 -22.54 0.03
N ALA B 42 39.88 -23.73 0.04
CA ALA B 42 39.57 -24.40 -1.23
C ALA B 42 38.58 -23.58 -2.06
N ILE B 43 37.53 -23.05 -1.41
CA ILE B 43 36.51 -22.30 -2.12
C ILE B 43 37.10 -21.04 -2.75
N PHE B 44 37.97 -20.35 -2.00
CA PHE B 44 38.58 -19.12 -2.52
C PHE B 44 39.47 -19.41 -3.73
N ASP B 45 40.13 -20.58 -3.77
CA ASP B 45 40.89 -20.93 -4.96
C ASP B 45 39.93 -21.05 -6.15
N VAL B 46 38.79 -21.69 -5.93
CA VAL B 46 37.78 -21.79 -6.98
C VAL B 46 37.30 -20.41 -7.39
N ALA B 47 37.11 -19.51 -6.42
CA ALA B 47 36.61 -18.19 -6.74
C ALA B 47 37.57 -17.43 -7.65
N ARG B 48 38.88 -17.70 -7.53
CA ARG B 48 39.84 -17.04 -8.41
C ARG B 48 39.81 -17.65 -9.78
N GLU B 49 39.41 -18.92 -9.90
CA GLU B 49 39.12 -19.47 -11.21
C GLU B 49 37.92 -18.78 -11.83
N MET B 50 36.88 -18.55 -11.04
CA MET B 50 35.68 -17.90 -11.56
C MET B 50 35.98 -16.44 -11.97
N GLU B 51 36.86 -15.77 -11.23
CA GLU B 51 37.27 -14.44 -11.65
C GLU B 51 37.90 -14.49 -13.02
N LYS B 52 38.76 -15.47 -13.27
CA LYS B 52 39.39 -15.59 -14.58
C LYS B 52 38.34 -15.85 -15.66
N ILE B 53 37.22 -16.45 -15.30
CA ILE B 53 36.15 -16.65 -16.28
C ILE B 53 35.46 -15.32 -16.61
N GLU B 54 34.98 -14.62 -15.58
CA GLU B 54 34.26 -13.37 -15.81
C GLU B 54 35.06 -12.44 -16.70
N LYS B 55 36.38 -12.37 -16.47
CA LYS B 55 37.23 -11.44 -17.20
C LYS B 55 37.50 -11.89 -18.62
N SER B 56 37.34 -13.18 -18.90
CA SER B 56 37.52 -13.67 -20.25
C SER B 56 36.50 -13.05 -21.21
N SER B 57 36.77 -13.21 -22.49
CA SER B 57 35.92 -12.68 -23.55
C SER B 57 35.15 -13.78 -24.27
N SER B 58 35.15 -15.01 -23.76
CA SER B 58 34.34 -16.07 -24.35
C SER B 58 33.34 -16.60 -23.33
N GLN B 59 32.09 -16.80 -23.76
CA GLN B 59 30.97 -17.14 -22.88
C GLN B 59 31.09 -18.57 -22.39
N SER B 60 31.23 -18.72 -21.07
CA SER B 60 31.39 -20.03 -20.46
C SER B 60 30.09 -20.84 -20.54
N GLU B 61 30.25 -22.16 -20.52
CA GLU B 61 29.12 -23.08 -20.64
C GLU B 61 29.11 -24.08 -19.49
N ILE B 62 29.81 -23.77 -18.39
CA ILE B 62 29.90 -24.70 -17.27
C ILE B 62 28.52 -25.16 -16.86
N LEU B 63 27.62 -24.21 -16.59
CA LEU B 63 26.30 -24.53 -16.05
C LEU B 63 25.20 -24.57 -17.12
N LYS B 64 25.58 -24.72 -18.39
CA LYS B 64 24.59 -24.83 -19.46
C LYS B 64 23.66 -25.98 -19.14
N GLY B 65 22.35 -25.75 -19.28
CA GLY B 65 21.35 -26.75 -18.96
C GLY B 65 20.80 -26.70 -17.55
N TYR B 66 21.43 -25.97 -16.63
CA TYR B 66 20.96 -25.83 -15.25
C TYR B 66 20.14 -24.56 -15.08
N LEU B 67 19.05 -24.64 -14.31
CA LEU B 67 18.21 -23.49 -14.02
C LEU B 67 18.30 -23.15 -12.55
N MET B 68 18.28 -21.86 -12.25
CA MET B 68 18.28 -21.35 -10.88
C MET B 68 16.96 -20.61 -10.64
N ALA B 69 16.24 -21.00 -9.59
CA ALA B 69 15.10 -20.24 -9.08
C ALA B 69 15.56 -19.24 -8.01
N THR B 70 15.11 -18.00 -8.13
CA THR B 70 15.50 -16.92 -7.23
C THR B 70 14.25 -16.51 -6.48
N LEU B 71 14.24 -16.73 -5.17
CA LEU B 71 13.05 -16.51 -4.34
C LEU B 71 13.41 -15.51 -3.26
N PHE B 72 12.91 -14.28 -3.39
CA PHE B 72 13.38 -13.20 -2.53
C PHE B 72 12.21 -12.63 -1.79
N TYR B 73 11.86 -13.26 -0.68
CA TYR B 73 10.70 -12.80 0.09
C TYR B 73 10.92 -11.41 0.67
N GLU B 74 12.14 -11.13 1.16
CA GLU B 74 12.56 -9.74 1.33
C GLU B 74 13.43 -9.35 0.14
N PRO B 75 13.09 -8.33 -0.64
CA PRO B 75 13.88 -8.04 -1.84
C PRO B 75 15.16 -7.27 -1.50
N SER B 76 16.27 -7.75 -2.04
CA SER B 76 17.53 -7.01 -2.08
C SER B 76 18.04 -7.08 -3.51
N THR B 77 17.95 -5.96 -4.27
CA THR B 77 18.34 -5.96 -5.68
C THR B 77 19.84 -6.24 -5.85
N ARG B 78 20.66 -5.57 -5.06
CA ARG B 78 22.09 -5.85 -5.15
C ARG B 78 22.36 -7.36 -5.08
N THR B 79 21.87 -8.04 -4.03
CA THR B 79 22.23 -9.45 -3.80
C THR B 79 21.64 -10.39 -4.84
N ARG B 80 20.40 -10.17 -5.25
CA ARG B 80 19.83 -11.03 -6.28
C ARG B 80 20.68 -10.96 -7.54
N LEU B 81 20.82 -9.76 -8.12
CA LEU B 81 21.53 -9.65 -9.39
C LEU B 81 22.93 -10.21 -9.28
N SER B 82 23.54 -10.10 -8.11
CA SER B 82 24.81 -10.78 -7.86
C SER B 82 24.68 -12.26 -8.19
N PHE B 83 23.61 -12.88 -7.68
CA PHE B 83 23.42 -14.30 -7.90
C PHE B 83 23.01 -14.59 -9.34
N GLU B 84 22.00 -13.87 -9.84
CA GLU B 84 21.58 -14.07 -11.23
C GLU B 84 22.75 -13.87 -12.20
N SER B 85 23.54 -12.82 -11.97
CA SER B 85 24.70 -12.58 -12.81
C SER B 85 25.70 -13.72 -12.67
N ALA B 86 25.84 -14.28 -11.47
CA ALA B 86 26.69 -15.44 -11.33
C ALA B 86 26.22 -16.60 -12.20
N MET B 87 24.91 -16.85 -12.23
CA MET B 87 24.41 -17.99 -13.00
C MET B 87 24.62 -17.80 -14.50
N LYS B 88 24.34 -16.59 -15.00
CA LYS B 88 24.43 -16.32 -16.43
C LYS B 88 25.87 -16.16 -16.92
N ARG B 89 26.77 -15.66 -16.08
CA ARG B 89 28.19 -15.63 -16.44
C ARG B 89 28.78 -17.03 -16.54
N LEU B 90 28.11 -18.04 -15.97
CA LEU B 90 28.52 -19.44 -16.07
C LEU B 90 27.73 -20.22 -17.12
N GLY B 91 26.79 -19.58 -17.79
CA GLY B 91 26.04 -20.22 -18.85
C GLY B 91 24.69 -20.80 -18.47
N GLY B 92 24.27 -20.66 -17.20
CA GLY B 92 22.96 -21.10 -16.75
C GLY B 92 21.91 -20.05 -17.06
N GLU B 93 20.70 -20.30 -16.55
CA GLU B 93 19.60 -19.34 -16.65
C GLU B 93 18.81 -19.34 -15.36
N VAL B 94 17.85 -18.41 -15.29
CA VAL B 94 17.21 -18.03 -14.04
C VAL B 94 15.69 -18.00 -14.16
N LEU B 95 15.02 -18.32 -13.05
CA LEU B 95 13.57 -18.17 -12.89
C LEU B 95 13.41 -17.14 -11.77
N THR B 96 13.56 -15.87 -12.12
CA THR B 96 13.69 -14.81 -11.13
C THR B 96 12.37 -14.42 -10.49
N THR B 97 12.39 -14.23 -9.18
CA THR B 97 11.21 -13.78 -8.46
C THR B 97 11.66 -12.72 -7.48
N GLU B 98 11.30 -11.46 -7.76
CA GLU B 98 11.82 -10.31 -7.01
C GLU B 98 11.20 -10.19 -5.62
N ASN B 99 9.91 -10.51 -5.47
CA ASN B 99 9.26 -10.47 -4.16
C ASN B 99 8.92 -11.84 -3.60
N ALA B 100 7.90 -12.51 -4.10
CA ALA B 100 7.41 -13.77 -3.56
C ALA B 100 6.61 -13.57 -2.28
N ARG B 101 6.64 -12.38 -1.68
CA ARG B 101 5.77 -12.08 -0.56
C ARG B 101 4.34 -11.73 -1.00
N GLY B 109 -1.42 -17.72 4.75
CA GLY B 109 -1.04 -18.08 3.39
C GLY B 109 -0.32 -19.42 3.26
N GLU B 110 0.24 -19.69 2.08
CA GLU B 110 0.83 -21.00 1.83
C GLU B 110 2.09 -21.22 2.65
N THR B 111 2.40 -22.49 2.89
CA THR B 111 3.60 -22.89 3.60
C THR B 111 4.82 -22.71 2.72
N LEU B 112 5.95 -22.40 3.34
CA LEU B 112 7.23 -22.39 2.64
C LEU B 112 7.62 -23.80 2.20
N GLU B 113 7.32 -24.80 3.02
CA GLU B 113 7.65 -26.17 2.63
C GLU B 113 6.97 -26.55 1.31
N ASP B 114 5.73 -26.08 1.11
CA ASP B 114 5.04 -26.36 -0.15
C ASP B 114 5.68 -25.59 -1.30
N THR B 115 6.02 -24.32 -1.06
CA THR B 115 6.60 -23.54 -2.14
C THR B 115 7.88 -24.20 -2.66
N ILE B 116 8.73 -24.70 -1.77
CA ILE B 116 9.99 -25.29 -2.18
C ILE B 116 9.76 -26.60 -2.95
N ARG B 117 8.88 -27.47 -2.44
CA ARG B 117 8.66 -28.76 -3.10
C ARG B 117 8.13 -28.56 -4.51
N THR B 118 7.41 -27.45 -4.71
CA THR B 118 6.85 -27.15 -6.02
C THR B 118 7.92 -26.58 -6.93
N VAL B 119 8.69 -25.62 -6.41
CA VAL B 119 9.65 -24.92 -7.25
C VAL B 119 10.75 -25.86 -7.71
N GLU B 120 11.20 -26.77 -6.84
CA GLU B 120 12.27 -27.69 -7.25
C GLU B 120 11.88 -28.52 -8.44
N GLY B 121 10.58 -28.63 -8.74
CA GLY B 121 10.18 -29.29 -9.97
C GLY B 121 10.48 -28.49 -11.21
N TYR B 122 10.72 -27.20 -11.05
CA TYR B 122 10.99 -26.31 -12.16
C TYR B 122 12.43 -25.82 -12.22
N SER B 123 13.26 -26.20 -11.26
CA SER B 123 14.61 -25.68 -11.19
C SER B 123 15.59 -26.74 -10.70
N ASP B 124 16.87 -26.38 -10.67
CA ASP B 124 17.93 -27.27 -10.22
C ASP B 124 18.67 -26.74 -9.00
N ILE B 125 18.40 -25.51 -8.60
CA ILE B 125 19.05 -24.92 -7.44
C ILE B 125 18.19 -23.73 -7.06
N ILE B 126 18.17 -23.41 -5.78
CA ILE B 126 17.26 -22.40 -5.26
C ILE B 126 18.07 -21.47 -4.37
N VAL B 127 17.92 -20.17 -4.58
CA VAL B 127 18.61 -19.14 -3.84
C VAL B 127 17.54 -18.27 -3.21
N MET B 128 17.33 -18.41 -1.91
CA MET B 128 16.22 -17.78 -1.22
C MET B 128 16.70 -16.73 -0.25
N ARG B 129 15.94 -15.65 -0.13
CA ARG B 129 16.15 -14.60 0.86
C ARG B 129 14.82 -14.36 1.58
N HIS B 130 14.79 -14.60 2.89
CA HIS B 130 13.57 -14.48 3.67
C HIS B 130 13.67 -13.32 4.68
N PHE B 131 12.52 -12.95 5.22
CA PHE B 131 12.43 -12.01 6.32
C PHE B 131 12.35 -12.69 7.69
N GLU B 132 12.41 -14.01 7.75
CA GLU B 132 12.24 -14.78 8.98
C GLU B 132 13.46 -15.68 9.16
N SER B 133 14.03 -15.67 10.36
CA SER B 133 15.15 -16.54 10.67
C SER B 133 14.66 -17.98 10.74
N GLY B 134 15.48 -18.89 10.23
CA GLY B 134 15.15 -20.29 10.19
C GLY B 134 14.62 -20.74 8.86
N ALA B 135 14.36 -19.80 7.94
CA ALA B 135 13.77 -20.14 6.66
C ALA B 135 14.69 -20.98 5.79
N ALA B 136 16.00 -20.71 5.82
CA ALA B 136 16.94 -21.46 4.98
C ALA B 136 17.01 -22.93 5.40
N ARG B 137 16.97 -23.20 6.73
CA ARG B 137 17.04 -24.56 7.26
C ARG B 137 15.85 -25.38 6.80
N LYS B 138 14.64 -24.81 6.94
CA LYS B 138 13.43 -25.49 6.51
C LYS B 138 13.53 -25.87 5.04
N ALA B 139 14.01 -24.93 4.22
CA ALA B 139 14.03 -25.16 2.78
C ALA B 139 15.03 -26.24 2.42
N ALA B 140 16.23 -26.17 3.00
CA ALA B 140 17.27 -27.15 2.66
C ALA B 140 16.83 -28.56 3.03
N ALA B 141 16.07 -28.70 4.11
CA ALA B 141 15.50 -29.98 4.48
C ALA B 141 14.43 -30.44 3.49
N THR B 142 13.51 -29.54 3.15
CA THR B 142 12.45 -29.86 2.22
C THR B 142 13.01 -30.17 0.84
N ALA B 143 14.02 -29.44 0.42
CA ALA B 143 14.44 -29.53 -0.97
C ALA B 143 15.34 -30.75 -1.21
N ASN B 144 15.10 -31.42 -2.34
CA ASN B 144 15.99 -32.43 -2.86
C ASN B 144 17.10 -31.82 -3.70
N ILE B 145 17.09 -30.51 -3.88
CA ILE B 145 18.07 -29.84 -4.73
C ILE B 145 18.82 -28.86 -3.85
N PRO B 146 20.05 -28.50 -4.24
CA PRO B 146 20.80 -27.51 -3.46
C PRO B 146 20.00 -26.24 -3.20
N VAL B 147 20.18 -25.67 -2.00
CA VAL B 147 19.57 -24.41 -1.59
C VAL B 147 20.65 -23.52 -1.02
N ILE B 148 20.67 -22.25 -1.45
CA ILE B 148 21.65 -21.28 -0.97
C ILE B 148 20.90 -20.21 -0.22
N ASN B 149 21.38 -19.89 0.98
CA ASN B 149 20.84 -18.83 1.82
C ASN B 149 21.43 -17.50 1.40
N ALA B 150 20.57 -16.62 0.88
CA ALA B 150 20.96 -15.28 0.49
C ALA B 150 20.43 -14.26 1.47
N GLY B 151 20.20 -14.68 2.69
CA GLY B 151 19.76 -13.75 3.71
C GLY B 151 18.58 -14.25 4.51
N ASP B 152 18.83 -14.94 5.62
CA ASP B 152 17.77 -15.57 6.41
C ASP B 152 17.33 -14.62 7.53
N GLY B 153 16.69 -13.52 7.13
CA GLY B 153 16.12 -12.55 8.06
C GLY B 153 17.15 -11.87 8.93
N PRO B 154 16.86 -11.78 10.23
CA PRO B 154 17.87 -11.35 11.20
C PRO B 154 18.92 -12.40 11.53
N GLY B 155 18.90 -13.55 10.85
CA GLY B 155 19.82 -14.65 11.08
C GLY B 155 21.08 -14.60 10.25
N GLU B 156 21.55 -15.75 9.80
CA GLU B 156 22.82 -15.81 9.10
C GLU B 156 22.70 -15.35 7.64
N HIS B 157 23.78 -14.73 7.14
CA HIS B 157 23.96 -14.46 5.71
C HIS B 157 25.33 -15.01 5.34
N PRO B 158 25.42 -16.28 4.92
CA PRO B 158 26.76 -16.87 4.78
C PRO B 158 27.54 -16.35 3.58
N THR B 159 26.88 -16.15 2.44
CA THR B 159 27.58 -15.65 1.27
C THR B 159 28.16 -14.27 1.54
N GLN B 160 27.57 -13.52 2.48
CA GLN B 160 28.12 -12.21 2.82
C GLN B 160 29.42 -12.33 3.61
N ALA B 161 29.46 -13.25 4.57
CA ALA B 161 30.69 -13.52 5.32
C ALA B 161 31.75 -14.20 4.47
N LEU B 162 31.34 -15.01 3.49
CA LEU B 162 32.32 -15.64 2.61
C LEU B 162 33.00 -14.61 1.72
N LEU B 163 32.22 -13.70 1.12
CA LEU B 163 32.84 -12.68 0.30
C LEU B 163 33.67 -11.74 1.15
N ASP B 164 33.27 -11.51 2.40
CA ASP B 164 34.06 -10.66 3.29
C ASP B 164 35.43 -11.27 3.61
N VAL B 165 35.49 -12.57 3.89
CA VAL B 165 36.77 -13.19 4.17
C VAL B 165 37.57 -13.39 2.88
N TYR B 166 36.92 -13.75 1.77
CA TYR B 166 37.67 -13.81 0.51
C TYR B 166 38.20 -12.42 0.10
N THR B 167 37.43 -11.37 0.37
CA THR B 167 37.90 -10.02 0.07
C THR B 167 39.15 -9.65 0.86
N ILE B 168 39.22 -10.09 2.12
CA ILE B 168 40.41 -9.84 2.93
C ILE B 168 41.60 -10.64 2.38
N GLN B 169 41.39 -11.93 2.12
CA GLN B 169 42.48 -12.72 1.54
C GLN B 169 42.97 -12.07 0.25
N SER B 170 42.05 -11.46 -0.53
CA SER B 170 42.41 -10.95 -1.84
C SER B 170 43.10 -9.59 -1.73
N GLU B 171 42.61 -8.72 -0.84
CA GLU B 171 43.21 -7.41 -0.71
C GLU B 171 44.54 -7.48 0.03
N ILE B 172 44.60 -8.22 1.15
CA ILE B 172 45.79 -8.26 1.98
C ILE B 172 46.71 -9.44 1.67
N GLY B 173 46.21 -10.47 0.98
CA GLY B 173 47.04 -11.60 0.58
C GLY B 173 47.13 -12.74 1.59
N LYS B 174 46.78 -12.50 2.83
CA LYS B 174 46.92 -13.50 3.88
C LYS B 174 45.68 -13.41 4.76
N LEU B 175 45.35 -14.53 5.38
CA LEU B 175 44.36 -14.54 6.44
C LEU B 175 44.93 -14.85 7.83
N ASP B 176 46.05 -15.56 7.90
CA ASP B 176 46.77 -15.74 9.14
C ASP B 176 47.56 -14.48 9.48
N GLY B 177 47.59 -14.14 10.77
CA GLY B 177 48.43 -13.07 11.23
C GLY B 177 47.96 -11.70 10.83
N ILE B 178 46.65 -11.43 10.96
CA ILE B 178 46.07 -10.17 10.55
C ILE B 178 45.28 -9.54 11.70
N SER B 179 45.12 -8.23 11.64
CA SER B 179 44.33 -7.50 12.60
C SER B 179 43.14 -6.86 11.90
N VAL B 180 41.94 -7.13 12.40
CA VAL B 180 40.72 -6.60 11.81
C VAL B 180 39.91 -5.85 12.86
N ALA B 181 39.50 -4.62 12.53
CA ALA B 181 38.57 -3.90 13.37
C ALA B 181 37.15 -4.16 12.88
N LEU B 182 36.21 -4.27 13.80
CA LEU B 182 34.77 -4.37 13.50
C LEU B 182 34.07 -3.20 14.17
N VAL B 183 33.62 -2.25 13.36
CA VAL B 183 33.12 -0.96 13.84
C VAL B 183 31.63 -0.94 13.60
N GLY B 184 30.88 -0.33 14.52
CA GLY B 184 29.48 -0.03 14.31
C GLY B 184 28.61 -0.66 15.37
N ASP B 185 27.48 -1.23 14.94
CA ASP B 185 26.55 -1.96 15.81
C ASP B 185 27.00 -3.41 15.90
N LEU B 186 27.71 -3.74 16.97
CA LEU B 186 28.24 -5.09 17.15
C LEU B 186 27.29 -5.97 17.93
N ALA B 187 26.51 -5.38 18.84
CA ALA B 187 25.54 -6.14 19.59
C ALA B 187 24.53 -6.82 18.67
N ASN B 188 23.95 -6.04 17.75
CA ASN B 188 22.90 -6.50 16.87
C ASN B 188 23.33 -6.60 15.42
N GLY B 189 24.58 -6.35 15.12
CA GLY B 189 25.03 -6.50 13.76
C GLY B 189 25.23 -7.92 13.29
N ARG B 190 24.43 -8.35 12.32
CA ARG B 190 24.49 -9.73 11.88
C ARG B 190 25.70 -10.01 10.99
N THR B 191 26.26 -8.99 10.35
CA THR B 191 27.34 -9.21 9.41
C THR B 191 28.68 -9.31 10.12
N VAL B 192 28.88 -8.50 11.18
CA VAL B 192 30.14 -8.53 11.92
C VAL B 192 30.27 -9.81 12.75
N ARG B 193 29.16 -10.32 13.28
CA ARG B 193 29.21 -11.57 14.02
C ARG B 193 29.56 -12.72 13.09
N SER B 194 28.82 -12.89 11.98
CA SER B 194 29.09 -14.02 11.11
C SER B 194 30.51 -13.99 10.58
N LEU B 195 31.08 -12.79 10.46
CA LEU B 195 32.44 -12.63 9.96
C LEU B 195 33.46 -13.03 11.02
N ALA B 196 33.36 -12.44 12.23
CA ALA B 196 34.23 -12.86 13.33
C ALA B 196 34.27 -14.38 13.46
N TYR B 197 33.11 -15.03 13.42
CA TYR B 197 33.10 -16.47 13.51
C TYR B 197 34.04 -17.07 12.48
N LEU B 198 33.96 -16.63 11.23
CA LEU B 198 34.73 -17.28 10.17
C LEU B 198 36.20 -16.96 10.27
N LEU B 199 36.51 -15.74 10.70
CA LEU B 199 37.92 -15.36 10.87
C LEU B 199 38.59 -16.20 11.93
N ALA B 200 37.82 -16.67 12.91
CA ALA B 200 38.38 -17.45 14.00
C ALA B 200 39.01 -18.76 13.55
N LYS B 201 38.73 -19.20 12.33
CA LYS B 201 39.26 -20.45 11.83
C LYS B 201 40.67 -20.33 11.34
N PHE B 202 41.30 -19.17 11.50
CA PHE B 202 42.66 -18.93 11.05
C PHE B 202 43.53 -18.52 12.24
N LYS B 203 44.84 -18.69 12.07
CA LYS B 203 45.80 -18.50 13.15
C LYS B 203 46.23 -17.04 13.26
N ASP B 204 46.56 -16.67 14.50
CA ASP B 204 47.25 -15.41 14.78
C ASP B 204 46.42 -14.19 14.38
N VAL B 205 45.12 -14.27 14.55
CA VAL B 205 44.22 -13.16 14.25
C VAL B 205 44.00 -12.34 15.52
N LYS B 206 43.92 -11.02 15.36
CA LYS B 206 43.47 -10.12 16.41
C LYS B 206 42.29 -9.32 15.90
N ILE B 207 41.24 -9.20 16.72
CA ILE B 207 40.01 -8.51 16.34
C ILE B 207 39.75 -7.40 17.33
N TYR B 208 39.56 -6.19 16.83
CA TYR B 208 39.15 -5.07 17.67
C TYR B 208 37.63 -4.91 17.56
N PHE B 209 37.01 -4.50 18.65
CA PHE B 209 35.57 -4.26 18.71
C PHE B 209 35.37 -2.76 18.99
N VAL B 210 35.30 -1.96 17.94
CA VAL B 210 35.15 -0.51 18.06
C VAL B 210 33.67 -0.19 17.99
N SER B 211 33.10 0.34 19.07
CA SER B 211 31.68 0.68 19.14
C SER B 211 31.44 1.49 20.39
N PRO B 212 30.31 2.18 20.47
CA PRO B 212 29.85 2.70 21.78
C PRO B 212 29.60 1.56 22.76
N GLU B 213 29.47 1.89 24.04
CA GLU B 213 29.27 0.84 25.04
C GLU B 213 27.90 0.18 24.93
N ILE B 214 26.88 0.91 24.50
CA ILE B 214 25.53 0.34 24.49
C ILE B 214 25.29 -0.64 23.35
N VAL B 215 26.12 -0.61 22.30
CA VAL B 215 25.98 -1.59 21.22
C VAL B 215 27.24 -2.45 21.09
N LYS B 216 27.96 -2.64 22.19
CA LYS B 216 29.14 -3.47 22.14
C LYS B 216 28.75 -4.92 21.88
N MET B 217 29.71 -5.69 21.35
CA MET B 217 29.44 -7.07 20.96
C MET B 217 28.89 -7.85 22.15
N LYS B 218 28.09 -8.88 21.84
CA LYS B 218 27.48 -9.72 22.85
C LYS B 218 28.42 -10.86 23.23
N ASP B 219 28.13 -11.48 24.38
CA ASP B 219 29.11 -12.31 25.05
C ASP B 219 29.30 -13.66 24.36
N ASP B 220 28.35 -14.13 23.57
CA ASP B 220 28.54 -15.44 22.97
C ASP B 220 29.63 -15.41 21.91
N ILE B 221 29.81 -14.27 21.25
CA ILE B 221 30.88 -14.13 20.26
C ILE B 221 32.23 -13.94 20.93
N LYS B 222 32.29 -13.02 21.89
CA LYS B 222 33.51 -12.81 22.66
C LYS B 222 34.05 -14.13 23.20
N ASP B 223 33.19 -14.90 23.87
CA ASP B 223 33.61 -16.18 24.44
C ASP B 223 34.01 -17.16 23.32
N TYR B 224 33.29 -17.14 22.20
CA TYR B 224 33.66 -18.00 21.09
C TYR B 224 35.08 -17.71 20.63
N LEU B 225 35.45 -16.42 20.60
CA LEU B 225 36.76 -16.01 20.09
C LEU B 225 37.87 -16.40 21.06
N THR B 226 37.70 -16.08 22.35
CA THR B 226 38.66 -16.51 23.35
C THR B 226 38.88 -18.02 23.27
N SER B 227 37.79 -18.77 23.05
CA SER B 227 37.88 -20.23 22.96
C SER B 227 38.67 -20.69 21.75
N SER B 228 38.58 -19.95 20.64
CA SER B 228 39.18 -20.33 19.36
C SER B 228 40.61 -19.80 19.21
N GLY B 229 41.16 -19.21 20.26
CA GLY B 229 42.51 -18.69 20.20
C GLY B 229 42.65 -17.31 19.65
N VAL B 230 41.55 -16.59 19.47
CA VAL B 230 41.56 -15.26 18.88
C VAL B 230 41.75 -14.23 19.98
N GLU B 231 42.78 -13.39 19.83
CA GLU B 231 42.96 -12.24 20.70
C GLU B 231 42.04 -11.11 20.25
N TRP B 232 41.39 -10.44 21.23
CA TRP B 232 40.45 -9.38 20.93
C TRP B 232 40.49 -8.27 21.99
N GLU B 233 40.05 -7.09 21.57
CA GLU B 233 40.16 -5.86 22.36
C GLU B 233 38.92 -5.02 22.11
N GLU B 234 38.38 -4.41 23.16
CA GLU B 234 37.22 -3.53 23.06
C GLU B 234 37.67 -2.07 23.12
N SER B 235 36.97 -1.21 22.39
CA SER B 235 37.39 0.19 22.34
C SER B 235 36.28 1.07 21.80
N SER B 236 36.38 2.35 22.11
CA SER B 236 35.53 3.39 21.57
C SER B 236 36.32 4.42 20.76
N ASP B 237 37.63 4.21 20.58
CA ASP B 237 38.54 5.18 19.94
C ASP B 237 38.91 4.66 18.54
N LEU B 238 38.01 4.90 17.57
CA LEU B 238 38.26 4.44 16.22
C LEU B 238 39.59 4.99 15.69
N MET B 239 39.91 6.25 16.01
CA MET B 239 41.15 6.86 15.53
C MET B 239 42.37 6.06 15.97
N GLU B 240 42.35 5.56 17.21
CA GLU B 240 43.49 4.82 17.72
C GLU B 240 43.60 3.46 17.04
N VAL B 241 42.47 2.86 16.72
CA VAL B 241 42.48 1.48 16.25
C VAL B 241 42.84 1.40 14.78
N ALA B 242 42.33 2.33 13.96
CA ALA B 242 42.55 2.25 12.52
C ALA B 242 44.04 2.31 12.18
N SER B 243 44.85 2.98 13.02
CA SER B 243 46.29 3.07 12.81
C SER B 243 47.01 1.75 12.99
N LYS B 244 46.44 0.84 13.77
CA LYS B 244 47.04 -0.46 14.02
C LYS B 244 46.43 -1.60 13.22
N CYS B 245 45.40 -1.36 12.44
CA CYS B 245 44.64 -2.46 11.86
C CYS B 245 45.03 -2.76 10.41
N ASP B 246 44.95 -4.03 10.04
CA ASP B 246 45.08 -4.39 8.64
C ASP B 246 43.78 -4.11 7.88
N VAL B 247 42.64 -4.08 8.58
CA VAL B 247 41.35 -3.90 7.94
C VAL B 247 40.40 -3.12 8.85
N VAL B 248 39.51 -2.35 8.24
CA VAL B 248 38.49 -1.61 8.98
C VAL B 248 37.15 -1.96 8.35
N TYR B 249 36.32 -2.71 9.09
CA TYR B 249 35.02 -3.15 8.62
C TYR B 249 33.97 -2.25 9.23
N GLN B 250 33.32 -1.43 8.40
CA GLN B 250 32.38 -0.41 8.83
C GLN B 250 30.94 -0.92 8.66
N THR B 251 30.12 -0.62 9.66
CA THR B 251 28.70 -0.92 9.65
C THR B 251 28.00 0.26 10.32
N ARG B 252 26.79 0.54 9.88
CA ARG B 252 26.09 1.71 10.40
C ARG B 252 25.63 1.46 11.84
N ILE B 253 25.68 2.51 12.66
CA ILE B 253 25.01 2.48 13.96
C ILE B 253 23.65 3.14 13.81
N GLN B 254 22.59 2.35 13.84
CA GLN B 254 21.24 2.89 13.75
C GLN B 254 20.89 3.65 15.04
N ARG B 255 20.05 4.68 14.88
CA ARG B 255 19.51 5.42 16.03
C ARG B 255 18.59 4.57 16.90
N GLU B 256 17.82 3.67 16.27
CA GLU B 256 16.88 2.82 16.99
C GLU B 256 17.58 2.13 18.15
N ARG B 257 18.85 1.74 17.98
CA ARG B 257 19.57 1.02 19.03
C ARG B 257 19.83 1.91 20.25
N PHE B 258 19.88 3.22 20.06
CA PHE B 258 20.07 4.13 21.18
C PHE B 258 18.77 4.33 21.97
N GLY B 259 17.61 4.13 21.34
CA GLY B 259 16.38 4.16 22.09
C GLY B 259 16.17 5.51 22.73
N GLU B 260 15.92 5.48 24.03
CA GLU B 260 15.68 6.70 24.81
C GLU B 260 16.95 7.51 25.07
N ARG B 261 18.11 6.86 25.05
CA ARG B 261 19.39 7.48 25.39
C ARG B 261 19.91 8.27 24.19
N LEU B 262 19.32 9.43 23.99
CA LEU B 262 19.73 10.31 22.90
C LEU B 262 20.97 11.12 23.24
N ASP B 263 21.26 11.32 24.54
CA ASP B 263 22.57 11.86 24.92
C ASP B 263 23.70 10.95 24.46
N LEU B 264 23.48 9.62 24.52
CA LEU B 264 24.51 8.70 24.06
C LEU B 264 24.61 8.68 22.53
N TYR B 265 23.50 8.92 21.83
CA TYR B 265 23.60 9.07 20.38
C TYR B 265 24.36 10.32 20.02
N GLU B 266 23.97 11.45 20.63
CA GLU B 266 24.67 12.70 20.38
C GLU B 266 26.17 12.52 20.50
N ALA B 267 26.62 11.92 21.61
CA ALA B 267 28.04 11.69 21.82
C ALA B 267 28.60 10.73 20.79
N ALA B 268 27.88 9.63 20.52
CA ALA B 268 28.38 8.64 19.58
C ALA B 268 28.55 9.24 18.18
N ARG B 269 27.58 10.04 17.74
CA ARG B 269 27.62 10.56 16.37
C ARG B 269 28.98 11.19 16.07
N GLY B 270 29.46 10.97 14.86
CA GLY B 270 30.68 11.60 14.41
C GLY B 270 31.96 11.02 14.96
N LYS B 271 31.87 10.05 15.88
CA LYS B 271 33.06 9.44 16.47
C LYS B 271 33.42 8.11 15.82
N PHE B 272 32.52 7.54 15.02
CA PHE B 272 32.68 6.24 14.36
C PHE B 272 32.45 6.36 12.85
N ILE B 273 32.93 7.44 12.27
CA ILE B 273 32.80 7.69 10.85
C ILE B 273 34.17 7.49 10.22
N VAL B 274 34.17 6.86 9.06
CA VAL B 274 35.37 6.76 8.22
C VAL B 274 35.41 7.98 7.29
N ASP B 275 36.32 8.92 7.55
CA ASP B 275 36.47 10.15 6.76
C ASP B 275 37.96 10.33 6.39
N LYS B 276 38.24 11.39 5.64
CA LYS B 276 39.61 11.63 5.20
C LYS B 276 40.59 11.67 6.37
N ASP B 277 40.16 12.18 7.53
CA ASP B 277 41.04 12.24 8.70
C ASP B 277 41.38 10.84 9.18
N LEU B 278 40.44 9.90 9.05
CA LEU B 278 40.71 8.52 9.47
C LEU B 278 41.67 7.84 8.52
N LEU B 279 41.56 8.11 7.23
CA LEU B 279 42.54 7.54 6.32
C LEU B 279 43.96 8.08 6.52
N GLY B 280 44.11 9.26 7.15
CA GLY B 280 45.42 9.80 7.45
C GLY B 280 46.21 8.87 8.35
N VAL B 281 45.56 8.34 9.38
CA VAL B 281 46.26 7.51 10.33
C VAL B 281 46.48 6.10 9.83
N MET B 282 45.74 5.66 8.84
CA MET B 282 45.76 4.26 8.46
C MET B 282 47.02 3.91 7.66
N GLN B 283 47.43 2.67 7.78
CA GLN B 283 48.63 2.19 7.10
C GLN B 283 48.36 2.10 5.60
N LYS B 284 49.42 2.33 4.81
CA LYS B 284 49.30 2.34 3.36
C LYS B 284 48.74 1.02 2.81
N LYS B 285 48.96 -0.10 3.51
CA LYS B 285 48.48 -1.39 3.02
C LYS B 285 47.14 -1.81 3.62
N ALA B 286 46.54 -0.98 4.47
CA ALA B 286 45.25 -1.28 5.07
C ALA B 286 44.11 -1.04 4.07
N ILE B 287 42.90 -1.43 4.48
CA ILE B 287 41.74 -1.32 3.61
C ILE B 287 40.51 -0.98 4.45
N ILE B 288 39.54 -0.31 3.81
CA ILE B 288 38.20 -0.04 4.36
C ILE B 288 37.22 -0.99 3.67
N MET B 289 36.32 -1.61 4.44
CA MET B 289 35.33 -2.53 3.89
C MET B 289 33.95 -2.16 4.41
N HIS B 290 32.93 -2.69 3.74
CA HIS B 290 31.54 -2.38 4.07
C HIS B 290 30.61 -3.37 3.37
N PRO B 291 29.68 -3.99 4.12
CA PRO B 291 28.74 -4.92 3.49
C PRO B 291 27.76 -4.25 2.56
N LEU B 292 27.48 -2.93 2.76
CA LEU B 292 26.58 -2.13 1.94
C LEU B 292 25.14 -2.56 2.22
N PRO B 293 24.16 -1.64 2.13
CA PRO B 293 24.35 -0.25 1.72
C PRO B 293 24.90 0.63 2.84
N ARG B 294 25.56 1.70 2.46
CA ARG B 294 26.14 2.65 3.41
C ARG B 294 25.51 4.01 3.24
N LEU B 295 25.32 4.68 4.38
CA LEU B 295 24.93 6.08 4.41
C LEU B 295 26.14 6.90 4.80
N ASP B 296 25.97 7.90 5.65
CA ASP B 296 27.05 8.84 5.89
C ASP B 296 28.11 8.33 6.85
N GLU B 297 28.10 7.04 7.19
CA GLU B 297 29.16 6.52 8.05
C GLU B 297 30.49 6.39 7.32
N ILE B 298 30.48 6.29 5.99
CA ILE B 298 31.64 6.50 5.14
C ILE B 298 31.32 7.67 4.23
N THR B 299 32.24 8.63 4.16
CA THR B 299 32.03 9.81 3.33
C THR B 299 32.41 9.53 1.89
N ALA B 300 31.91 10.38 0.98
CA ALA B 300 32.08 10.11 -0.45
C ALA B 300 33.54 10.14 -0.86
N ASP B 301 34.30 11.11 -0.36
CA ASP B 301 35.69 11.27 -0.82
C ASP B 301 36.63 10.21 -0.23
N VAL B 302 36.10 9.25 0.53
CA VAL B 302 36.88 8.05 0.79
C VAL B 302 36.98 7.22 -0.46
N ASP B 303 35.94 7.25 -1.31
CA ASP B 303 35.89 6.36 -2.47
C ASP B 303 37.08 6.56 -3.39
N ALA B 304 37.76 7.68 -3.30
CA ALA B 304 38.89 7.94 -4.17
C ALA B 304 40.10 7.08 -3.80
N ASP B 305 40.31 6.83 -2.50
CA ASP B 305 41.49 6.13 -2.00
C ASP B 305 41.46 4.68 -2.47
N PRO B 306 42.54 4.18 -3.04
CA PRO B 306 42.54 2.76 -3.45
C PRO B 306 42.36 1.82 -2.29
N ARG B 307 42.44 2.31 -1.06
CA ARG B 307 42.25 1.45 0.09
C ARG B 307 40.78 1.22 0.39
N ALA B 308 39.88 1.99 -0.21
CA ALA B 308 38.44 1.75 -0.06
C ALA B 308 38.02 0.55 -0.90
N ALA B 309 37.70 -0.55 -0.22
CA ALA B 309 37.57 -1.84 -0.88
C ALA B 309 36.14 -2.32 -0.93
N TYR B 310 35.18 -1.49 -0.53
CA TYR B 310 33.81 -1.99 -0.44
C TYR B 310 33.17 -2.24 -1.80
N PHE B 311 33.71 -1.66 -2.88
CA PHE B 311 33.16 -1.86 -4.22
C PHE B 311 33.80 -3.03 -4.93
N ARG B 312 35.12 -3.22 -4.77
CA ARG B 312 35.71 -4.51 -5.14
C ARG B 312 35.17 -5.64 -4.27
N GLN B 313 34.82 -5.33 -3.03
CA GLN B 313 34.12 -6.29 -2.17
C GLN B 313 32.82 -6.75 -2.84
N ALA B 314 31.96 -5.80 -3.24
CA ALA B 314 30.71 -6.17 -3.90
C ALA B 314 30.96 -6.97 -5.16
N LYS B 315 31.96 -6.56 -5.96
CA LYS B 315 32.32 -7.32 -7.15
C LYS B 315 32.74 -8.73 -6.75
N ASN B 316 33.55 -8.83 -5.70
CA ASN B 316 34.04 -10.14 -5.25
C ASN B 316 32.90 -11.07 -4.90
N GLY B 317 31.74 -10.53 -4.54
CA GLY B 317 30.58 -11.39 -4.35
C GLY B 317 30.18 -12.15 -5.61
N LEU B 318 30.36 -11.53 -6.77
CA LEU B 318 30.09 -12.24 -8.02
C LEU B 318 30.94 -13.49 -8.13
N PHE B 319 32.22 -13.39 -7.77
CA PHE B 319 33.12 -14.53 -7.94
C PHE B 319 32.82 -15.62 -6.93
N ILE B 320 32.61 -15.27 -5.67
CA ILE B 320 32.35 -16.27 -4.64
C ILE B 320 31.07 -17.05 -4.95
N ARG B 321 29.98 -16.34 -5.23
CA ARG B 321 28.71 -17.00 -5.56
C ARG B 321 28.79 -17.80 -6.86
N MET B 322 29.67 -17.42 -7.78
CA MET B 322 29.91 -18.28 -8.93
C MET B 322 30.49 -19.63 -8.48
N ALA B 323 31.47 -19.59 -7.58
CA ALA B 323 32.08 -20.82 -7.10
C ALA B 323 31.05 -21.75 -6.45
N LEU B 324 30.21 -21.21 -5.56
CA LEU B 324 29.20 -22.02 -4.89
C LEU B 324 28.23 -22.64 -5.90
N LEU B 325 27.66 -21.82 -6.79
CA LEU B 325 26.81 -22.36 -7.84
C LEU B 325 27.50 -23.49 -8.58
N LYS B 326 28.76 -23.26 -8.98
CA LYS B 326 29.51 -24.29 -9.69
C LYS B 326 29.66 -25.56 -8.85
N LEU B 327 30.20 -25.43 -7.65
CA LEU B 327 30.48 -26.60 -6.83
C LEU B 327 29.21 -27.36 -6.48
N LEU B 328 28.12 -26.63 -6.20
CA LEU B 328 26.88 -27.29 -5.79
C LEU B 328 26.20 -28.03 -6.93
N LEU B 329 26.56 -27.75 -8.18
CA LEU B 329 25.88 -28.36 -9.30
C LEU B 329 26.72 -29.37 -10.03
N VAL B 330 28.04 -29.17 -10.07
CA VAL B 330 28.93 -30.03 -10.86
C VAL B 330 30.23 -30.31 -10.11
N GLY B 331 30.22 -30.06 -8.81
CA GLY B 331 31.36 -30.42 -7.98
C GLY B 331 32.69 -29.77 -8.35
N TRP B 332 33.74 -30.12 -7.62
CA TRP B 332 35.07 -29.56 -7.85
C TRP B 332 35.56 -29.91 -9.25
N HIS C 22 -28.99 39.66 8.77
CA HIS C 22 -29.63 38.91 7.70
C HIS C 22 -28.85 37.65 7.22
N MET C 23 -29.41 36.98 6.21
CA MET C 23 -28.84 35.74 5.70
C MET C 23 -27.59 36.06 4.90
N PHE C 24 -26.68 35.09 4.85
CA PHE C 24 -25.44 35.25 4.10
C PHE C 24 -25.68 35.12 2.61
N GLU C 25 -25.03 35.99 1.82
CA GLU C 25 -25.28 36.03 0.38
C GLU C 25 -24.95 34.71 -0.31
N LEU C 26 -23.95 33.99 0.18
CA LEU C 26 -23.47 32.78 -0.48
C LEU C 26 -23.99 31.53 0.21
N SER C 27 -24.45 30.57 -0.58
CA SER C 27 -24.88 29.30 -0.02
C SER C 27 -23.74 28.29 0.09
N ASP C 28 -22.61 28.56 -0.57
CA ASP C 28 -21.43 27.71 -0.45
C ASP C 28 -20.20 28.58 -0.63
N VAL C 29 -19.02 28.03 -0.30
CA VAL C 29 -17.74 28.71 -0.48
C VAL C 29 -16.90 27.79 -1.37
N ILE C 30 -16.99 27.99 -2.68
CA ILE C 30 -16.35 27.11 -3.63
C ILE C 30 -15.23 27.77 -4.42
N GLU C 31 -15.28 29.07 -4.66
CA GLU C 31 -14.30 29.64 -5.58
C GLU C 31 -14.19 31.14 -5.38
N GLY C 32 -13.05 31.68 -5.80
CA GLY C 32 -12.78 33.08 -5.59
C GLY C 32 -13.68 34.00 -6.38
N LYS C 33 -14.24 33.52 -7.51
CA LYS C 33 -15.13 34.37 -8.32
C LYS C 33 -16.36 34.81 -7.52
N GLN C 34 -16.76 34.02 -6.51
CA GLN C 34 -17.94 34.34 -5.70
C GLN C 34 -17.81 35.67 -4.98
N PHE C 35 -16.61 36.06 -4.61
CA PHE C 35 -16.42 37.21 -3.74
C PHE C 35 -16.17 38.49 -4.52
N ASP C 36 -16.68 39.61 -3.99
CA ASP C 36 -16.44 40.96 -4.51
C ASP C 36 -15.70 41.77 -3.44
N ARG C 37 -15.22 42.94 -3.87
CA ARG C 37 -14.42 43.77 -2.97
C ARG C 37 -15.11 43.96 -1.62
N GLU C 38 -16.36 44.39 -1.65
CA GLU C 38 -17.06 44.72 -0.40
C GLU C 38 -17.34 43.48 0.42
N MET C 39 -17.56 42.33 -0.21
CA MET C 39 -17.75 41.10 0.56
C MET C 39 -16.50 40.72 1.34
N LEU C 40 -15.33 40.87 0.72
CA LEU C 40 -14.10 40.55 1.42
C LEU C 40 -13.93 41.42 2.66
N SER C 41 -14.09 42.75 2.51
CA SER C 41 -13.88 43.66 3.64
C SER C 41 -14.81 43.31 4.79
N ALA C 42 -16.02 42.83 4.48
CA ALA C 42 -16.97 42.51 5.54
C ALA C 42 -16.61 41.20 6.23
N ILE C 43 -16.18 40.21 5.47
CA ILE C 43 -15.74 38.96 6.08
C ILE C 43 -14.53 39.21 6.96
N PHE C 44 -13.61 40.06 6.50
CA PHE C 44 -12.45 40.38 7.32
C PHE C 44 -12.87 41.01 8.66
N ASP C 45 -13.88 41.89 8.63
CA ASP C 45 -14.43 42.45 9.85
C ASP C 45 -14.99 41.36 10.77
N VAL C 46 -15.78 40.44 10.22
CA VAL C 46 -16.23 39.29 11.00
C VAL C 46 -15.04 38.50 11.54
N ALA C 47 -14.03 38.26 10.70
CA ALA C 47 -12.83 37.52 11.13
C ALA C 47 -12.18 38.18 12.34
N ARG C 48 -12.22 39.51 12.42
CA ARG C 48 -11.67 40.19 13.58
C ARG C 48 -12.57 40.00 14.79
N GLU C 49 -13.90 39.91 14.58
N GLU C 49 -13.89 39.90 14.58
CA GLU C 49 -14.79 39.52 15.67
CA GLU C 49 -14.78 39.52 15.67
C GLU C 49 -14.50 38.10 16.14
C GLU C 49 -14.49 38.10 16.15
N MET C 50 -14.07 37.22 15.24
CA MET C 50 -13.75 35.85 15.62
C MET C 50 -12.41 35.79 16.35
N GLU C 51 -11.44 36.61 15.93
CA GLU C 51 -10.19 36.70 16.69
C GLU C 51 -10.47 36.95 18.17
N LYS C 52 -11.45 37.81 18.47
CA LYS C 52 -11.79 38.14 19.85
C LYS C 52 -12.38 36.93 20.59
N ILE C 53 -13.24 36.16 19.92
CA ILE C 53 -13.85 34.98 20.57
C ILE C 53 -12.79 33.94 20.95
N GLU C 54 -11.74 33.81 20.13
CA GLU C 54 -10.72 32.78 20.37
C GLU C 54 -9.86 33.15 21.58
N LYS C 55 -9.59 34.45 21.76
CA LYS C 55 -8.74 34.90 22.85
C LYS C 55 -9.47 34.95 24.18
N SER C 56 -10.80 34.89 24.14
CA SER C 56 -11.61 34.84 25.34
C SER C 56 -11.37 33.56 26.13
N SER C 57 -11.68 33.61 27.43
CA SER C 57 -11.52 32.47 28.31
C SER C 57 -12.84 31.76 28.59
N SER C 58 -13.91 32.14 27.89
CA SER C 58 -15.23 31.53 28.03
C SER C 58 -15.66 30.94 26.70
N GLN C 59 -16.18 29.72 26.73
CA GLN C 59 -16.56 29.02 25.50
C GLN C 59 -17.77 29.68 24.85
N SER C 60 -17.72 29.84 23.53
CA SER C 60 -18.83 30.37 22.75
C SER C 60 -19.84 29.28 22.48
N GLU C 61 -21.09 29.68 22.23
CA GLU C 61 -22.18 28.75 21.93
C GLU C 61 -22.98 29.16 20.70
N ILE C 62 -22.32 29.84 19.75
CA ILE C 62 -23.04 30.39 18.59
C ILE C 62 -23.57 29.27 17.72
N LEU C 63 -22.70 28.33 17.33
CA LEU C 63 -23.04 27.21 16.46
C LEU C 63 -23.46 25.96 17.24
N LYS C 64 -23.88 26.13 18.50
CA LYS C 64 -24.35 25.00 19.31
C LYS C 64 -25.46 24.26 18.55
N GLY C 65 -25.36 22.93 18.57
CA GLY C 65 -26.33 22.08 17.92
C GLY C 65 -26.19 21.97 16.41
N TYR C 66 -25.17 22.57 15.82
CA TYR C 66 -24.82 22.34 14.43
C TYR C 66 -23.72 21.29 14.32
N LEU C 67 -23.77 20.49 13.26
CA LEU C 67 -22.77 19.48 13.01
C LEU C 67 -22.03 19.74 11.71
N MET C 68 -20.72 19.54 11.75
CA MET C 68 -19.85 19.70 10.59
C MET C 68 -19.28 18.35 10.20
N ALA C 69 -19.46 17.98 8.93
CA ALA C 69 -18.90 16.76 8.36
C ALA C 69 -17.67 17.16 7.56
N THR C 70 -16.58 16.64 7.89
CA THR C 70 -15.34 17.10 7.34
C THR C 70 -14.83 15.94 6.56
N LEU C 71 -14.99 15.91 5.13
CA LEU C 71 -14.62 14.83 4.14
C LEU C 71 -13.30 15.14 3.41
N PHE C 72 -12.27 14.42 3.80
CA PHE C 72 -10.94 14.70 3.31
C PHE C 72 -10.45 13.52 2.48
N TYR C 73 -10.72 13.59 1.19
CA TYR C 73 -10.19 12.60 0.27
C TYR C 73 -8.69 12.80 0.05
N GLU C 74 -8.21 14.06 0.04
CA GLU C 74 -6.78 14.36 0.10
C GLU C 74 -6.48 14.73 1.56
N PRO C 75 -5.89 13.84 2.36
CA PRO C 75 -5.63 14.17 3.78
C PRO C 75 -4.68 15.35 3.93
N SER C 76 -5.17 16.43 4.54
CA SER C 76 -4.35 17.58 4.91
C SER C 76 -4.54 17.83 6.40
N THR C 77 -3.64 17.33 7.25
CA THR C 77 -3.81 17.50 8.69
C THR C 77 -3.97 18.97 9.05
N ARG C 78 -3.08 19.84 8.57
CA ARG C 78 -3.16 21.25 8.88
C ARG C 78 -4.53 21.84 8.54
N THR C 79 -4.94 21.71 7.28
CA THR C 79 -6.20 22.32 6.85
C THR C 79 -7.37 21.77 7.63
N ARG C 80 -7.49 20.44 7.70
CA ARG C 80 -8.63 19.85 8.42
C ARG C 80 -8.72 20.36 9.87
N LEU C 81 -7.63 20.27 10.63
CA LEU C 81 -7.66 20.69 12.03
C LEU C 81 -8.06 22.15 12.19
N SER C 82 -7.73 23.02 11.22
CA SER C 82 -8.14 24.41 11.36
C SER C 82 -9.65 24.56 11.14
N PHE C 83 -10.25 23.68 10.33
CA PHE C 83 -11.68 23.73 10.11
C PHE C 83 -12.44 23.12 11.27
N GLU C 84 -11.96 21.99 11.78
CA GLU C 84 -12.60 21.38 12.94
C GLU C 84 -12.44 22.26 14.19
N SER C 85 -11.30 22.95 14.33
CA SER C 85 -11.12 23.84 15.47
C SER C 85 -12.12 24.99 15.40
N ALA C 86 -12.22 25.63 14.24
CA ALA C 86 -13.14 26.73 14.11
C ALA C 86 -14.55 26.30 14.51
N MET C 87 -14.98 25.13 14.04
CA MET C 87 -16.33 24.69 14.37
C MET C 87 -16.53 24.58 15.88
N LYS C 88 -15.53 24.07 16.59
CA LYS C 88 -15.72 23.85 18.02
C LYS C 88 -15.48 25.11 18.82
N ARG C 89 -14.50 25.92 18.44
CA ARG C 89 -14.32 27.22 19.08
C ARG C 89 -15.62 28.03 19.03
N LEU C 90 -16.46 27.80 18.02
CA LEU C 90 -17.79 28.39 17.97
C LEU C 90 -18.89 27.48 18.53
N GLY C 91 -18.51 26.42 19.23
CA GLY C 91 -19.47 25.61 19.95
C GLY C 91 -20.24 24.59 19.13
N GLY C 92 -19.93 24.43 17.84
CA GLY C 92 -20.48 23.33 17.08
C GLY C 92 -19.70 22.04 17.31
N GLU C 93 -20.05 21.02 16.57
CA GLU C 93 -19.34 19.75 16.68
C GLU C 93 -19.03 19.22 15.29
N VAL C 94 -18.28 18.13 15.26
CA VAL C 94 -17.61 17.69 14.04
C VAL C 94 -17.81 16.20 13.87
N LEU C 95 -17.87 15.75 12.60
CA LEU C 95 -17.86 14.34 12.21
C LEU C 95 -16.61 14.15 11.34
N THR C 96 -15.49 13.85 11.99
CA THR C 96 -14.20 13.86 11.33
C THR C 96 -14.04 12.67 10.39
N THR C 97 -13.38 12.92 9.26
CA THR C 97 -13.01 11.85 8.34
C THR C 97 -11.69 12.27 7.69
N GLU C 98 -10.58 11.72 8.21
CA GLU C 98 -9.27 12.23 7.77
C GLU C 98 -8.82 11.64 6.44
N ASN C 99 -9.26 10.42 6.10
CA ASN C 99 -8.99 9.78 4.81
C ASN C 99 -10.30 9.16 4.36
N ALA C 100 -10.94 9.75 3.35
CA ALA C 100 -12.20 9.24 2.85
C ALA C 100 -12.05 8.39 1.60
N ARG C 101 -10.81 8.11 1.19
CA ARG C 101 -10.58 7.43 -0.09
C ARG C 101 -10.89 5.94 0.03
N GLU C 102 -11.27 5.34 -1.10
CA GLU C 102 -11.53 3.90 -1.24
C GLU C 102 -12.73 3.46 -0.37
N GLU C 110 -18.13 3.94 -6.07
CA GLU C 110 -19.15 4.79 -5.40
C GLU C 110 -18.99 6.26 -5.81
N THR C 111 -20.07 6.83 -6.34
CA THR C 111 -20.07 8.22 -6.81
C THR C 111 -19.72 9.21 -5.70
N LEU C 112 -19.33 10.42 -6.10
CA LEU C 112 -19.30 11.51 -5.12
C LEU C 112 -20.69 12.05 -4.86
N GLU C 113 -21.50 12.17 -5.92
CA GLU C 113 -22.86 12.65 -5.78
C GLU C 113 -23.63 11.83 -4.77
N ASP C 114 -23.47 10.48 -4.81
CA ASP C 114 -24.17 9.61 -3.87
C ASP C 114 -23.62 9.73 -2.46
N THR C 115 -22.32 9.99 -2.32
CA THR C 115 -21.74 10.18 -0.99
C THR C 115 -22.27 11.46 -0.33
N ILE C 116 -22.23 12.58 -1.05
CA ILE C 116 -22.68 13.87 -0.50
C ILE C 116 -24.14 13.78 -0.08
N ARG C 117 -25.00 13.29 -0.95
CA ARG C 117 -26.42 13.24 -0.61
C ARG C 117 -26.69 12.35 0.60
N THR C 118 -25.80 11.42 0.91
CA THR C 118 -25.96 10.68 2.15
C THR C 118 -25.45 11.44 3.36
N VAL C 119 -24.37 12.19 3.20
CA VAL C 119 -23.79 12.87 4.35
C VAL C 119 -24.60 14.09 4.75
N GLU C 120 -25.34 14.70 3.81
CA GLU C 120 -26.13 15.88 4.17
C GLU C 120 -27.34 15.53 5.01
N GLY C 121 -27.65 14.24 5.17
CA GLY C 121 -28.60 13.82 6.17
C GLY C 121 -28.03 13.69 7.57
N TYR C 122 -26.71 13.60 7.69
CA TYR C 122 -26.05 13.43 8.97
C TYR C 122 -25.39 14.70 9.47
N SER C 123 -25.53 15.82 8.76
CA SER C 123 -24.81 17.03 9.13
C SER C 123 -25.53 18.26 8.60
N ASP C 124 -25.08 19.43 9.06
CA ASP C 124 -25.61 20.71 8.65
C ASP C 124 -24.69 21.47 7.70
N ILE C 125 -23.38 21.16 7.72
CA ILE C 125 -22.43 21.73 6.79
C ILE C 125 -21.33 20.69 6.49
N ILE C 126 -20.80 20.74 5.26
CA ILE C 126 -19.78 19.81 4.78
C ILE C 126 -18.53 20.56 4.37
N VAL C 127 -17.39 20.15 4.92
CA VAL C 127 -16.07 20.68 4.57
C VAL C 127 -15.33 19.57 3.85
N MET C 128 -15.09 19.74 2.57
CA MET C 128 -14.51 18.67 1.76
C MET C 128 -13.21 19.09 1.10
N ARG C 129 -12.22 18.20 1.16
CA ARG C 129 -10.97 18.40 0.44
C ARG C 129 -10.73 17.19 -0.46
N HIS C 130 -10.49 17.44 -1.74
CA HIS C 130 -10.36 16.36 -2.71
C HIS C 130 -9.03 16.45 -3.46
N PHE C 131 -8.69 15.32 -4.10
CA PHE C 131 -7.58 15.25 -5.03
C PHE C 131 -8.03 15.39 -6.47
N GLU C 132 -9.31 15.14 -6.74
CA GLU C 132 -9.88 15.42 -8.05
C GLU C 132 -10.34 16.87 -8.19
N SER C 133 -10.10 17.46 -9.35
CA SER C 133 -10.49 18.84 -9.60
C SER C 133 -11.94 18.94 -10.05
N GLY C 134 -12.67 19.89 -9.47
CA GLY C 134 -14.04 20.12 -9.80
C GLY C 134 -15.00 19.46 -8.85
N ALA C 135 -14.50 18.69 -7.88
CA ALA C 135 -15.36 17.97 -6.95
C ALA C 135 -16.12 18.91 -6.02
N ALA C 136 -15.50 20.02 -5.65
CA ALA C 136 -16.16 20.99 -4.79
C ALA C 136 -17.47 21.45 -5.40
N ARG C 137 -17.45 21.87 -6.67
CA ARG C 137 -18.66 22.40 -7.28
C ARG C 137 -19.75 21.34 -7.48
N LYS C 138 -19.37 20.08 -7.69
CA LYS C 138 -20.38 19.01 -7.76
C LYS C 138 -21.16 18.91 -6.45
N ALA C 139 -20.44 18.89 -5.32
CA ALA C 139 -21.10 18.76 -4.04
C ALA C 139 -22.07 19.92 -3.77
N ALA C 140 -21.60 21.14 -3.98
CA ALA C 140 -22.44 22.29 -3.70
C ALA C 140 -23.70 22.24 -4.56
N ALA C 141 -23.57 21.76 -5.79
CA ALA C 141 -24.73 21.67 -6.67
C ALA C 141 -25.67 20.57 -6.19
N THR C 142 -25.14 19.54 -5.56
CA THR C 142 -25.94 18.40 -5.10
C THR C 142 -26.49 18.63 -3.70
N ALA C 143 -25.64 19.01 -2.76
CA ALA C 143 -26.10 19.23 -1.40
C ALA C 143 -27.08 20.39 -1.34
N ASN C 144 -28.10 20.24 -0.49
CA ASN C 144 -29.01 21.32 -0.10
C ASN C 144 -28.59 22.00 1.18
N ILE C 145 -27.38 21.73 1.65
CA ILE C 145 -26.78 22.43 2.79
C ILE C 145 -25.48 23.05 2.33
N PRO C 146 -24.92 23.97 3.11
CA PRO C 146 -23.71 24.68 2.65
C PRO C 146 -22.52 23.72 2.55
N VAL C 147 -21.68 23.94 1.54
CA VAL C 147 -20.45 23.19 1.31
C VAL C 147 -19.30 24.17 1.24
N ILE C 148 -18.21 23.85 1.94
CA ILE C 148 -16.99 24.66 1.94
C ILE C 148 -15.87 23.85 1.31
N ASN C 149 -15.15 24.46 0.36
CA ASN C 149 -14.07 23.82 -0.38
C ASN C 149 -12.74 24.01 0.34
N ALA C 150 -12.14 22.89 0.77
CA ALA C 150 -10.91 22.91 1.54
C ALA C 150 -9.70 22.46 0.72
N GLY C 151 -9.74 22.72 -0.58
CA GLY C 151 -8.71 22.24 -1.47
C GLY C 151 -9.30 21.31 -2.50
N ASP C 152 -9.48 21.81 -3.72
CA ASP C 152 -10.11 21.08 -4.82
C ASP C 152 -9.06 20.38 -5.70
N GLY C 153 -8.18 19.60 -5.09
CA GLY C 153 -7.11 18.99 -5.84
C GLY C 153 -6.19 20.04 -6.43
N PRO C 154 -5.93 19.91 -7.73
CA PRO C 154 -5.16 20.94 -8.42
C PRO C 154 -5.93 22.22 -8.69
N GLY C 155 -7.18 22.30 -8.24
CA GLY C 155 -8.06 23.43 -8.46
C GLY C 155 -7.96 24.51 -7.41
N GLU C 156 -9.12 25.11 -7.10
CA GLU C 156 -9.14 26.29 -6.24
C GLU C 156 -9.04 25.87 -4.79
N HIS C 157 -8.68 26.85 -3.96
CA HIS C 157 -8.55 26.68 -2.51
C HIS C 157 -9.00 28.00 -1.87
N PRO C 158 -10.31 28.36 -2.00
CA PRO C 158 -10.79 29.73 -1.68
C PRO C 158 -10.41 30.16 -0.27
N THR C 159 -10.52 29.25 0.70
CA THR C 159 -10.19 29.62 2.07
C THR C 159 -8.73 30.06 2.24
N GLN C 160 -7.82 29.50 1.46
CA GLN C 160 -6.44 29.95 1.48
C GLN C 160 -6.33 31.38 0.97
N ALA C 161 -6.98 31.68 -0.16
CA ALA C 161 -6.91 33.02 -0.71
C ALA C 161 -7.51 34.03 0.26
N LEU C 162 -8.63 33.70 0.88
CA LEU C 162 -9.23 34.63 1.83
C LEU C 162 -8.27 34.93 2.99
N LEU C 163 -7.63 33.89 3.57
CA LEU C 163 -6.76 34.14 4.71
C LEU C 163 -5.48 34.84 4.25
N ASP C 164 -5.09 34.65 2.99
CA ASP C 164 -3.95 35.37 2.47
C ASP C 164 -4.22 36.87 2.44
N VAL C 165 -5.31 37.28 1.79
CA VAL C 165 -5.68 38.69 1.72
C VAL C 165 -5.95 39.25 3.11
N TYR C 166 -6.68 38.49 3.95
CA TYR C 166 -6.92 38.93 5.32
C TYR C 166 -5.61 39.19 6.04
N THR C 167 -4.62 38.30 5.86
CA THR C 167 -3.34 38.49 6.51
C THR C 167 -2.65 39.73 5.98
N ILE C 168 -2.78 40.01 4.67
CA ILE C 168 -2.19 41.24 4.13
C ILE C 168 -2.88 42.45 4.76
N GLN C 169 -4.21 42.45 4.82
CA GLN C 169 -4.91 43.60 5.39
C GLN C 169 -4.58 43.76 6.87
N SER C 170 -4.40 42.67 7.59
CA SER C 170 -4.13 42.79 9.01
C SER C 170 -2.66 43.04 9.31
N GLU C 171 -1.76 42.73 8.38
CA GLU C 171 -0.33 42.94 8.59
C GLU C 171 0.17 44.24 8.00
N ILE C 172 -0.48 44.73 6.95
CA ILE C 172 -0.16 46.01 6.33
C ILE C 172 -1.14 47.12 6.74
N GLY C 173 -2.37 46.76 7.13
CA GLY C 173 -3.36 47.74 7.50
C GLY C 173 -4.24 48.20 6.36
N LYS C 174 -3.85 47.95 5.11
CA LYS C 174 -4.61 48.40 3.96
C LYS C 174 -4.37 47.41 2.82
N LEU C 175 -5.39 47.24 1.98
CA LEU C 175 -5.25 46.46 0.76
C LEU C 175 -5.16 47.34 -0.47
N ASP C 176 -5.28 48.66 -0.32
CA ASP C 176 -5.18 49.60 -1.44
C ASP C 176 -3.79 50.22 -1.49
N GLY C 177 -3.21 50.28 -2.70
CA GLY C 177 -1.92 50.92 -2.91
C GLY C 177 -0.71 50.12 -2.50
N ILE C 178 -0.87 48.87 -2.09
CA ILE C 178 0.27 48.07 -1.66
C ILE C 178 0.94 47.43 -2.88
N SER C 179 2.18 46.97 -2.67
CA SER C 179 2.94 46.22 -3.66
C SER C 179 3.21 44.82 -3.13
N VAL C 180 2.74 43.82 -3.87
CA VAL C 180 2.88 42.42 -3.50
C VAL C 180 3.68 41.72 -4.57
N ALA C 181 4.70 40.97 -4.15
CA ALA C 181 5.49 40.12 -5.04
C ALA C 181 5.02 38.67 -4.89
N LEU C 182 4.71 38.03 -6.01
CA LEU C 182 4.37 36.62 -6.08
C LEU C 182 5.60 35.88 -6.60
N VAL C 183 6.11 34.95 -5.80
CA VAL C 183 7.38 34.29 -6.04
C VAL C 183 7.17 32.78 -6.09
N GLY C 184 7.71 32.15 -7.14
CA GLY C 184 7.74 30.70 -7.19
C GLY C 184 7.13 30.15 -8.47
N ASP C 185 6.55 28.97 -8.35
CA ASP C 185 5.91 28.32 -9.50
C ASP C 185 4.64 29.08 -9.88
N LEU C 186 4.77 30.05 -10.78
CA LEU C 186 3.62 30.89 -11.10
C LEU C 186 2.72 30.22 -12.12
N ALA C 187 3.32 29.60 -13.14
CA ALA C 187 2.55 28.97 -14.20
C ALA C 187 1.63 27.90 -13.66
N ASN C 188 2.01 27.24 -12.56
CA ASN C 188 1.27 26.08 -12.07
C ASN C 188 1.00 26.17 -10.57
N GLY C 189 1.06 27.37 -10.01
CA GLY C 189 0.72 27.51 -8.62
C GLY C 189 -0.74 27.93 -8.48
N ARG C 190 -1.58 27.01 -8.02
CA ARG C 190 -2.97 27.35 -7.80
C ARG C 190 -3.15 28.36 -6.68
N THR C 191 -2.15 28.51 -5.79
CA THR C 191 -2.26 29.49 -4.69
C THR C 191 -1.90 30.89 -5.13
N VAL C 192 -0.83 31.05 -5.92
CA VAL C 192 -0.48 32.39 -6.39
C VAL C 192 -1.51 32.90 -7.39
N ARG C 193 -2.15 32.01 -8.14
CA ARG C 193 -3.14 32.47 -9.12
C ARG C 193 -4.37 33.03 -8.42
N SER C 194 -4.89 32.31 -7.41
CA SER C 194 -6.08 32.78 -6.70
C SER C 194 -5.82 34.08 -5.95
N LEU C 195 -4.62 34.28 -5.43
CA LEU C 195 -4.35 35.48 -4.65
C LEU C 195 -4.34 36.70 -5.53
N ALA C 196 -3.71 36.62 -6.70
CA ALA C 196 -3.71 37.76 -7.61
C ALA C 196 -5.12 38.10 -8.06
N TYR C 197 -5.99 37.09 -8.19
CA TYR C 197 -7.37 37.33 -8.56
C TYR C 197 -8.08 38.18 -7.53
N LEU C 198 -7.78 37.96 -6.25
CA LEU C 198 -8.43 38.71 -5.18
C LEU C 198 -7.80 40.09 -5.00
N LEU C 199 -6.49 40.21 -5.10
CA LEU C 199 -5.89 41.53 -5.04
C LEU C 199 -6.41 42.41 -6.15
N ALA C 200 -6.89 41.81 -7.25
CA ALA C 200 -7.33 42.63 -8.37
C ALA C 200 -8.57 43.43 -8.03
N LYS C 201 -9.37 42.97 -7.06
CA LYS C 201 -10.64 43.61 -6.73
C LYS C 201 -10.45 44.88 -5.91
N PHE C 202 -9.27 45.09 -5.36
CA PHE C 202 -8.95 46.34 -4.69
C PHE C 202 -8.22 47.28 -5.65
N LYS C 203 -8.02 48.52 -5.19
CA LYS C 203 -7.57 49.62 -6.05
C LYS C 203 -6.08 49.89 -5.91
N ASP C 204 -5.43 50.12 -7.05
CA ASP C 204 -4.06 50.62 -7.13
C ASP C 204 -3.07 49.63 -6.53
N VAL C 205 -3.27 48.37 -6.80
CA VAL C 205 -2.35 47.32 -6.37
C VAL C 205 -1.32 47.10 -7.47
N LYS C 206 -0.07 46.82 -7.10
CA LYS C 206 0.96 46.44 -8.06
C LYS C 206 1.45 45.05 -7.68
N ILE C 207 1.56 44.18 -8.68
CA ILE C 207 1.94 42.80 -8.45
C ILE C 207 3.21 42.52 -9.25
N TYR C 208 4.24 42.03 -8.58
CA TYR C 208 5.50 41.62 -9.22
C TYR C 208 5.49 40.11 -9.34
N PHE C 209 5.59 39.61 -10.56
CA PHE C 209 5.70 38.17 -10.82
C PHE C 209 7.18 37.80 -10.83
N VAL C 210 7.66 37.18 -9.75
CA VAL C 210 9.06 36.81 -9.64
C VAL C 210 9.15 35.31 -9.81
N SER C 211 9.90 34.88 -10.80
CA SER C 211 9.98 33.46 -11.14
C SER C 211 10.94 33.27 -12.30
N PRO C 212 11.46 32.04 -12.50
CA PRO C 212 12.15 31.73 -13.76
C PRO C 212 11.26 32.06 -14.96
N GLU C 213 11.81 32.18 -16.16
CA GLU C 213 10.95 32.52 -17.30
C GLU C 213 10.01 31.38 -17.66
N ILE C 214 10.46 30.12 -17.59
CA ILE C 214 9.63 29.03 -18.11
C ILE C 214 8.55 28.63 -17.10
N VAL C 215 8.46 29.31 -15.95
CA VAL C 215 7.34 29.09 -15.06
C VAL C 215 6.69 30.44 -14.76
N LYS C 216 6.79 31.36 -15.71
CA LYS C 216 6.14 32.65 -15.53
C LYS C 216 4.62 32.49 -15.54
N MET C 217 3.93 33.44 -14.92
CA MET C 217 2.47 33.40 -14.82
C MET C 217 1.88 33.21 -16.21
N LYS C 218 0.71 32.60 -16.26
CA LYS C 218 0.00 32.33 -17.51
C LYS C 218 -0.72 33.58 -17.99
N ASP C 219 -1.22 33.51 -19.22
CA ASP C 219 -1.74 34.71 -19.87
C ASP C 219 -3.09 35.10 -19.30
N ASP C 220 -3.90 34.10 -18.93
CA ASP C 220 -5.27 34.40 -18.52
C ASP C 220 -5.31 35.31 -17.30
N ILE C 221 -4.34 35.18 -16.39
CA ILE C 221 -4.31 36.04 -15.21
C ILE C 221 -3.69 37.37 -15.54
N LYS C 222 -2.68 37.39 -16.40
CA LYS C 222 -2.14 38.67 -16.83
C LYS C 222 -3.24 39.51 -17.47
N ASP C 223 -4.02 38.88 -18.37
CA ASP C 223 -5.07 39.58 -19.08
C ASP C 223 -6.18 40.03 -18.14
N TYR C 224 -6.39 39.29 -17.04
CA TYR C 224 -7.39 39.66 -16.05
C TYR C 224 -6.94 40.84 -15.22
N LEU C 225 -5.67 40.87 -14.83
CA LEU C 225 -5.15 42.00 -14.08
C LEU C 225 -5.17 43.28 -14.92
N THR C 226 -4.74 43.22 -16.19
CA THR C 226 -4.73 44.42 -17.03
C THR C 226 -6.15 44.95 -17.24
N SER C 227 -7.11 44.06 -17.49
CA SER C 227 -8.48 44.48 -17.69
C SER C 227 -9.08 45.02 -16.42
N SER C 228 -8.67 44.51 -15.26
CA SER C 228 -9.01 45.09 -13.95
C SER C 228 -8.17 46.32 -13.59
N GLY C 229 -7.37 46.85 -14.52
CA GLY C 229 -6.57 48.01 -14.20
C GLY C 229 -5.43 47.78 -13.22
N VAL C 230 -5.06 46.55 -12.94
CA VAL C 230 -3.96 46.27 -12.03
C VAL C 230 -2.66 46.44 -12.79
N GLU C 231 -1.65 47.00 -12.13
CA GLU C 231 -0.30 47.15 -12.67
C GLU C 231 0.54 45.95 -12.25
N TRP C 232 1.12 45.26 -13.22
CA TRP C 232 2.00 44.12 -12.93
C TRP C 232 3.34 44.24 -13.65
N GLU C 233 4.36 43.62 -13.07
CA GLU C 233 5.70 43.60 -13.64
C GLU C 233 6.25 42.19 -13.47
N GLU C 234 6.93 41.69 -14.51
CA GLU C 234 7.56 40.38 -14.49
C GLU C 234 9.07 40.55 -14.24
N SER C 235 9.62 39.65 -13.45
CA SER C 235 11.04 39.75 -13.16
C SER C 235 11.57 38.40 -12.71
N SER C 236 12.86 38.15 -12.96
CA SER C 236 13.55 37.00 -12.38
C SER C 236 14.49 37.42 -11.25
N ASP C 237 14.57 38.71 -10.96
CA ASP C 237 15.45 39.22 -9.91
C ASP C 237 14.62 39.40 -8.65
N LEU C 238 14.62 38.37 -7.79
CA LEU C 238 13.88 38.49 -6.53
C LEU C 238 14.45 39.57 -5.64
N MET C 239 15.77 39.81 -5.70
CA MET C 239 16.38 40.80 -4.82
C MET C 239 15.89 42.20 -5.13
N GLU C 240 15.87 42.54 -6.42
CA GLU C 240 15.41 43.86 -6.83
C GLU C 240 13.97 44.09 -6.40
N VAL C 241 13.12 43.07 -6.59
CA VAL C 241 11.69 43.23 -6.33
C VAL C 241 11.42 43.30 -4.83
N ALA C 242 12.14 42.52 -4.04
CA ALA C 242 11.82 42.44 -2.62
C ALA C 242 11.91 43.78 -1.93
N SER C 243 12.82 44.65 -2.38
CA SER C 243 13.00 45.95 -1.73
C SER C 243 11.91 46.94 -2.08
N LYS C 244 11.21 46.74 -3.19
CA LYS C 244 10.15 47.65 -3.59
C LYS C 244 8.82 47.29 -2.99
N CYS C 245 8.68 46.08 -2.45
CA CYS C 245 7.39 45.54 -2.09
C CYS C 245 7.06 45.74 -0.62
N ASP C 246 5.76 45.80 -0.33
CA ASP C 246 5.27 45.68 1.03
C ASP C 246 5.13 44.23 1.46
N VAL C 247 4.97 43.31 0.51
CA VAL C 247 4.68 41.91 0.78
C VAL C 247 5.41 41.01 -0.20
N VAL C 248 6.05 39.96 0.31
CA VAL C 248 6.69 38.94 -0.50
C VAL C 248 5.99 37.58 -0.25
N TYR C 249 5.36 37.05 -1.30
CA TYR C 249 4.62 35.78 -1.24
C TYR C 249 5.48 34.69 -1.88
N GLN C 250 5.84 33.67 -1.11
CA GLN C 250 6.79 32.67 -1.53
C GLN C 250 6.08 31.33 -1.71
N THR C 251 6.29 30.72 -2.86
CA THR C 251 5.88 29.34 -3.09
C THR C 251 7.08 28.59 -3.62
N ARG C 252 7.06 27.26 -3.44
CA ARG C 252 8.15 26.42 -3.91
C ARG C 252 8.09 26.26 -5.43
N ILE C 253 9.26 26.21 -6.06
CA ILE C 253 9.38 25.75 -7.44
C ILE C 253 9.87 24.31 -7.38
N GLN C 254 9.01 23.39 -7.79
CA GLN C 254 9.38 21.98 -7.77
C GLN C 254 10.30 21.63 -8.94
N ARG C 255 11.24 20.73 -8.67
CA ARG C 255 12.15 20.25 -9.70
C ARG C 255 11.39 19.75 -10.93
N GLU C 256 10.22 19.17 -10.72
CA GLU C 256 9.45 18.60 -11.81
C GLU C 256 9.01 19.63 -12.82
N ARG C 257 8.85 20.89 -12.40
CA ARG C 257 8.30 21.91 -13.29
C ARG C 257 9.26 22.28 -14.39
N PHE C 258 10.57 22.02 -14.25
CA PHE C 258 11.51 22.28 -15.33
C PHE C 258 11.56 21.17 -16.38
N GLY C 259 11.02 20.00 -16.09
CA GLY C 259 11.08 18.91 -17.05
C GLY C 259 12.48 18.56 -17.50
N GLU C 260 12.61 18.40 -18.81
CA GLU C 260 13.89 18.09 -19.40
C GLU C 260 14.90 19.22 -19.24
N ARG C 261 14.44 20.45 -18.98
CA ARG C 261 15.36 21.59 -18.89
C ARG C 261 16.00 21.63 -17.50
N LEU C 262 16.93 20.70 -17.28
CA LEU C 262 17.69 20.76 -16.04
C LEU C 262 18.60 21.97 -16.04
N ASP C 263 19.02 22.43 -17.22
CA ASP C 263 19.85 23.63 -17.29
C ASP C 263 19.09 24.84 -16.75
N LEU C 264 17.80 24.93 -17.09
CA LEU C 264 16.98 26.00 -16.56
C LEU C 264 16.77 25.83 -15.07
N TYR C 265 16.70 24.58 -14.61
CA TYR C 265 16.67 24.31 -13.17
C TYR C 265 17.96 24.78 -12.51
N GLU C 266 19.11 24.41 -13.08
CA GLU C 266 20.39 24.84 -12.50
C GLU C 266 20.55 26.35 -12.57
N ALA C 267 20.06 26.97 -13.65
CA ALA C 267 20.17 28.42 -13.81
C ALA C 267 19.34 29.14 -12.75
N ALA C 268 18.26 28.53 -12.28
CA ALA C 268 17.37 29.14 -11.30
C ALA C 268 17.67 28.66 -9.89
N ARG C 269 18.63 27.78 -9.72
CA ARG C 269 18.85 27.20 -8.41
C ARG C 269 19.45 28.24 -7.44
N GLY C 270 18.82 28.37 -6.28
CA GLY C 270 19.29 29.30 -5.29
C GLY C 270 18.93 30.75 -5.54
N LYS C 271 18.44 31.09 -6.73
CA LYS C 271 18.12 32.49 -6.99
C LYS C 271 16.85 32.95 -6.26
N PHE C 272 15.80 32.13 -6.27
CA PHE C 272 14.51 32.49 -5.70
C PHE C 272 14.33 31.99 -4.27
N ILE C 273 15.38 32.03 -3.45
CA ILE C 273 15.30 31.62 -2.05
C ILE C 273 15.10 32.86 -1.16
N VAL C 274 14.40 32.65 -0.05
CA VAL C 274 14.20 33.69 0.95
C VAL C 274 15.12 33.37 2.13
N ASP C 275 16.23 34.11 2.23
CA ASP C 275 17.24 33.89 3.26
C ASP C 275 17.58 35.23 3.91
N LYS C 276 18.47 35.16 4.91
CA LYS C 276 18.83 36.35 5.68
C LYS C 276 19.21 37.50 4.76
N ASP C 277 20.03 37.24 3.75
CA ASP C 277 20.47 38.29 2.84
C ASP C 277 19.30 38.90 2.08
N LEU C 278 18.19 38.18 1.93
CA LEU C 278 17.01 38.80 1.32
C LEU C 278 16.26 39.69 2.29
N LEU C 279 16.22 39.32 3.57
CA LEU C 279 15.65 40.22 4.57
C LEU C 279 16.43 41.52 4.65
N GLY C 280 17.73 41.48 4.32
CA GLY C 280 18.53 42.69 4.35
C GLY C 280 17.96 43.77 3.45
N VAL C 281 17.59 43.39 2.23
CA VAL C 281 17.18 44.42 1.28
C VAL C 281 15.76 44.92 1.52
N MET C 282 14.98 44.21 2.32
CA MET C 282 13.55 44.49 2.38
C MET C 282 13.27 45.63 3.33
N GLN C 283 12.21 46.39 3.03
CA GLN C 283 11.73 47.44 3.91
C GLN C 283 11.40 46.88 5.30
N LYS C 284 11.38 47.76 6.28
CA LYS C 284 11.22 47.31 7.66
C LYS C 284 9.78 46.87 7.95
N LYS C 285 8.79 47.48 7.30
CA LYS C 285 7.39 47.15 7.54
C LYS C 285 6.80 46.23 6.48
N ALA C 286 7.63 45.51 5.70
CA ALA C 286 7.15 44.54 4.74
C ALA C 286 7.12 43.19 5.45
N ILE C 287 6.58 42.18 4.78
CA ILE C 287 6.43 40.86 5.39
C ILE C 287 6.75 39.75 4.39
N ILE C 288 7.03 38.57 4.95
CA ILE C 288 7.14 37.32 4.19
C ILE C 288 5.90 36.48 4.44
N MET C 289 5.34 35.91 3.38
CA MET C 289 4.19 35.02 3.50
C MET C 289 4.46 33.72 2.74
N HIS C 290 3.78 32.65 3.18
CA HIS C 290 3.90 31.31 2.59
C HIS C 290 2.62 30.52 2.88
N PRO C 291 2.02 29.88 1.88
CA PRO C 291 0.77 29.15 2.11
C PRO C 291 0.96 27.85 2.84
N LEU C 292 2.21 27.30 2.88
CA LEU C 292 2.59 26.10 3.60
C LEU C 292 1.95 24.85 3.00
N PRO C 293 2.65 23.70 3.02
CA PRO C 293 3.97 23.47 3.63
C PRO C 293 5.15 24.09 2.93
N ARG C 294 6.18 24.45 3.67
CA ARG C 294 7.36 25.08 3.09
C ARG C 294 8.58 24.21 3.37
N LEU C 295 9.41 24.03 2.36
CA LEU C 295 10.65 23.25 2.46
C LEU C 295 11.82 24.23 2.48
N ASP C 296 12.89 24.01 1.68
CA ASP C 296 14.10 24.84 1.76
C ASP C 296 14.00 26.12 0.91
N GLU C 297 12.80 26.51 0.45
CA GLU C 297 12.62 27.81 -0.18
C GLU C 297 12.62 28.98 0.80
N ILE C 298 12.50 28.72 2.12
CA ILE C 298 12.66 29.73 3.16
C ILE C 298 13.61 29.16 4.21
N THR C 299 14.70 29.87 4.50
CA THR C 299 15.72 29.31 5.38
C THR C 299 15.23 29.37 6.81
N ALA C 300 15.81 28.50 7.66
CA ALA C 300 15.42 28.44 9.07
C ALA C 300 15.71 29.76 9.78
N ASP C 301 16.73 30.50 9.27
CA ASP C 301 17.17 31.72 9.92
C ASP C 301 16.04 32.73 9.95
N VAL C 302 15.22 32.77 8.91
CA VAL C 302 14.22 33.80 8.76
C VAL C 302 13.11 33.68 9.79
N ASP C 303 12.91 32.50 10.40
CA ASP C 303 11.83 32.33 11.38
C ASP C 303 11.93 33.38 12.51
N ALA C 304 13.16 33.67 12.98
CA ALA C 304 13.37 34.58 14.10
C ALA C 304 12.80 35.96 13.79
N ASP C 305 13.07 36.46 12.58
CA ASP C 305 12.73 37.82 12.20
C ASP C 305 11.23 38.07 12.42
N PRO C 306 10.83 39.27 12.91
CA PRO C 306 9.40 39.58 13.12
C PRO C 306 8.58 39.65 11.84
N ARG C 307 9.21 39.97 10.69
CA ARG C 307 8.49 40.13 9.43
C ARG C 307 7.98 38.79 8.89
N ALA C 308 8.52 37.67 9.37
CA ALA C 308 7.98 36.36 9.05
C ALA C 308 6.55 36.23 9.55
N ALA C 309 5.61 36.13 8.62
CA ALA C 309 4.18 36.06 8.94
C ALA C 309 3.53 34.75 8.55
N TYR C 310 4.29 33.73 8.18
CA TYR C 310 3.65 32.50 7.71
C TYR C 310 3.01 31.70 8.85
N PHE C 311 3.30 32.02 10.13
CA PHE C 311 2.69 31.33 11.26
C PHE C 311 1.49 32.10 11.81
N ARG C 312 1.58 33.43 11.85
CA ARG C 312 0.39 34.26 12.06
C ARG C 312 -0.58 34.08 10.89
N GLN C 313 -0.05 33.79 9.70
CA GLN C 313 -0.88 33.56 8.54
C GLN C 313 -1.70 32.30 8.71
N ALA C 314 -1.08 31.25 9.23
CA ALA C 314 -1.82 30.01 9.49
C ALA C 314 -2.90 30.25 10.54
N LYS C 315 -2.52 30.84 11.69
CA LYS C 315 -3.46 31.19 12.74
C LYS C 315 -4.61 32.02 12.18
N ASN C 316 -4.30 33.03 11.37
CA ASN C 316 -5.36 33.86 10.80
C ASN C 316 -6.35 33.04 9.96
N GLY C 317 -5.92 31.86 9.49
CA GLY C 317 -6.87 30.97 8.82
C GLY C 317 -7.98 30.55 9.75
N LEU C 318 -7.64 30.19 11.00
CA LEU C 318 -8.65 29.82 11.97
C LEU C 318 -9.74 30.86 12.03
N PHE C 319 -9.36 32.14 11.98
CA PHE C 319 -10.32 33.22 12.15
C PHE C 319 -11.19 33.42 10.90
N ILE C 320 -10.63 33.18 9.71
CA ILE C 320 -11.41 33.29 8.47
C ILE C 320 -12.42 32.14 8.35
N ARG C 321 -12.05 30.96 8.84
CA ARG C 321 -12.93 29.81 8.76
C ARG C 321 -14.02 29.89 9.81
N MET C 322 -13.70 30.36 11.01
CA MET C 322 -14.75 30.70 11.97
C MET C 322 -15.76 31.67 11.35
N ALA C 323 -15.28 32.72 10.70
CA ALA C 323 -16.17 33.64 10.01
C ALA C 323 -17.12 32.90 9.06
N LEU C 324 -16.58 32.04 8.20
CA LEU C 324 -17.38 31.41 7.15
C LEU C 324 -18.40 30.45 7.72
N LEU C 325 -17.97 29.55 8.61
CA LEU C 325 -18.91 28.64 9.24
C LEU C 325 -20.09 29.41 9.86
N LYS C 326 -19.79 30.46 10.61
CA LYS C 326 -20.86 31.25 11.19
C LYS C 326 -21.78 31.81 10.11
N LEU C 327 -21.22 32.50 9.12
CA LEU C 327 -22.07 33.15 8.15
C LEU C 327 -22.91 32.14 7.36
N LEU C 328 -22.33 31.00 6.99
CA LEU C 328 -23.05 30.05 6.16
C LEU C 328 -24.17 29.35 6.91
N LEU C 329 -24.07 29.25 8.24
CA LEU C 329 -25.04 28.50 9.02
C LEU C 329 -26.08 29.37 9.72
N VAL C 330 -25.71 30.59 10.16
CA VAL C 330 -26.59 31.44 10.94
C VAL C 330 -26.67 32.86 10.40
N GLY C 331 -26.01 33.15 9.29
CA GLY C 331 -26.10 34.45 8.67
C GLY C 331 -25.29 35.53 9.37
N TRP C 332 -25.36 36.73 8.78
CA TRP C 332 -24.75 37.91 9.37
C TRP C 332 -25.31 38.16 10.79
N GLU D 15 -54.49 3.05 16.19
CA GLU D 15 -54.78 3.72 17.47
C GLU D 15 -53.79 3.17 18.52
N VAL D 16 -53.26 4.05 19.37
CA VAL D 16 -52.37 3.64 20.45
C VAL D 16 -53.20 3.45 21.71
N LEU D 17 -53.24 2.21 22.20
CA LEU D 17 -54.03 1.88 23.39
C LEU D 17 -53.24 2.04 24.69
N PHE D 18 -51.92 1.86 24.65
CA PHE D 18 -51.05 2.04 25.79
C PHE D 18 -49.87 2.91 25.41
N GLN D 19 -49.44 3.78 26.33
CA GLN D 19 -48.42 4.78 26.04
C GLN D 19 -47.05 4.44 26.59
N GLY D 20 -46.96 3.78 27.74
CA GLY D 20 -45.70 3.59 28.44
C GLY D 20 -44.71 2.68 27.75
N PRO D 21 -43.69 2.27 28.50
CA PRO D 21 -42.65 1.38 27.94
C PRO D 21 -43.19 0.11 27.28
N HIS D 22 -42.28 -0.65 26.68
CA HIS D 22 -42.61 -1.88 25.99
C HIS D 22 -42.05 -3.04 26.79
N MET D 23 -42.60 -4.23 26.55
CA MET D 23 -42.20 -5.45 27.25
C MET D 23 -41.11 -6.20 26.45
N PHE D 24 -39.95 -5.55 26.30
CA PHE D 24 -38.79 -6.26 25.77
C PHE D 24 -37.51 -5.52 26.14
N GLU D 25 -36.43 -6.30 26.17
CA GLU D 25 -35.10 -5.88 26.60
C GLU D 25 -34.15 -5.85 25.41
N LEU D 26 -33.20 -4.91 25.43
CA LEU D 26 -32.30 -4.68 24.31
C LEU D 26 -30.90 -4.40 24.86
N SER D 27 -30.15 -5.47 25.13
CA SER D 27 -28.81 -5.30 25.71
C SER D 27 -27.77 -5.05 24.61
N ASP D 28 -27.92 -5.69 23.45
CA ASP D 28 -27.02 -5.50 22.31
C ASP D 28 -27.83 -5.50 21.02
N VAL D 29 -27.19 -5.10 19.93
CA VAL D 29 -27.78 -5.14 18.59
C VAL D 29 -26.80 -5.88 17.68
N ILE D 30 -27.04 -7.17 17.45
CA ILE D 30 -26.08 -8.04 16.79
C ILE D 30 -26.66 -8.67 15.53
N GLU D 31 -27.83 -9.29 15.64
CA GLU D 31 -28.36 -10.11 14.56
C GLU D 31 -29.84 -9.82 14.39
N GLY D 32 -30.33 -10.05 13.16
CA GLY D 32 -31.71 -9.76 12.86
C GLY D 32 -32.69 -10.66 13.57
N LYS D 33 -32.29 -11.91 13.86
CA LYS D 33 -33.19 -12.83 14.57
C LYS D 33 -33.51 -12.35 15.97
N GLN D 34 -32.86 -11.29 16.45
CA GLN D 34 -33.19 -10.73 17.74
C GLN D 34 -34.59 -10.14 17.78
N PHE D 35 -35.11 -9.73 16.63
CA PHE D 35 -36.29 -8.88 16.57
C PHE D 35 -37.52 -9.68 16.14
N ASP D 36 -38.62 -9.46 16.85
CA ASP D 36 -39.94 -9.96 16.51
C ASP D 36 -40.80 -8.79 16.06
N ARG D 37 -42.04 -9.09 15.67
CA ARG D 37 -42.89 -8.07 15.06
C ARG D 37 -43.08 -6.88 16.00
N GLU D 38 -43.23 -7.13 17.30
CA GLU D 38 -43.53 -6.03 18.21
C GLU D 38 -42.33 -5.13 18.38
N MET D 39 -41.15 -5.72 18.63
CA MET D 39 -39.93 -4.93 18.76
C MET D 39 -39.75 -3.98 17.57
N LEU D 40 -39.97 -4.49 16.36
CA LEU D 40 -39.85 -3.63 15.18
C LEU D 40 -40.75 -2.41 15.31
N SER D 41 -42.07 -2.63 15.42
CA SER D 41 -42.99 -1.49 15.53
C SER D 41 -42.64 -0.63 16.73
N ALA D 42 -42.15 -1.25 17.81
CA ALA D 42 -41.69 -0.50 18.98
C ALA D 42 -40.54 0.42 18.60
N ILE D 43 -39.49 -0.14 17.99
CA ILE D 43 -38.34 0.66 17.56
C ILE D 43 -38.79 1.73 16.57
N PHE D 44 -39.67 1.36 15.63
CA PHE D 44 -40.14 2.33 14.65
C PHE D 44 -40.88 3.49 15.32
N ASP D 45 -41.78 3.19 16.26
CA ASP D 45 -42.38 4.26 17.06
C ASP D 45 -41.29 5.15 17.67
N VAL D 46 -40.21 4.55 18.18
CA VAL D 46 -39.12 5.34 18.74
C VAL D 46 -38.41 6.09 17.64
N ALA D 47 -38.35 5.53 16.43
CA ALA D 47 -37.65 6.19 15.32
C ALA D 47 -38.36 7.48 14.90
N ARG D 48 -39.69 7.45 14.86
CA ARG D 48 -40.44 8.66 14.56
C ARG D 48 -40.19 9.74 15.61
N GLU D 49 -40.01 9.35 16.87
CA GLU D 49 -39.61 10.33 17.87
C GLU D 49 -38.31 11.02 17.49
N MET D 50 -37.29 10.23 17.13
CA MET D 50 -36.00 10.78 16.76
C MET D 50 -36.09 11.69 15.52
N GLU D 51 -37.04 11.41 14.62
CA GLU D 51 -37.28 12.32 13.50
C GLU D 51 -37.72 13.69 13.99
N LYS D 52 -38.38 13.76 15.15
CA LYS D 52 -38.81 15.05 15.67
C LYS D 52 -37.68 15.77 16.38
N ILE D 53 -36.78 15.02 17.00
CA ILE D 53 -35.66 15.63 17.71
C ILE D 53 -34.67 16.25 16.72
N GLU D 54 -34.33 15.53 15.65
CA GLU D 54 -33.43 16.06 14.61
C GLU D 54 -34.00 17.35 13.98
N LYS D 55 -35.26 17.31 13.56
CA LYS D 55 -35.90 18.49 12.96
C LYS D 55 -35.99 19.66 13.94
N SER D 56 -35.93 19.39 15.24
CA SER D 56 -36.01 20.42 16.26
C SER D 56 -34.78 21.33 16.20
N SER D 57 -35.01 22.61 16.50
CA SER D 57 -33.94 23.60 16.52
C SER D 57 -33.15 23.63 17.82
N SER D 58 -33.74 23.15 18.91
CA SER D 58 -33.05 23.06 20.18
C SER D 58 -32.26 21.77 20.31
N GLN D 59 -31.00 21.90 20.71
CA GLN D 59 -30.12 20.75 20.80
C GLN D 59 -30.56 19.82 21.92
N SER D 60 -30.91 18.58 21.56
CA SER D 60 -31.22 17.57 22.57
C SER D 60 -30.02 17.30 23.48
N GLU D 61 -30.32 16.84 24.69
CA GLU D 61 -29.30 16.51 25.68
C GLU D 61 -29.60 15.14 26.27
N ILE D 62 -30.35 14.31 25.54
CA ILE D 62 -30.74 13.01 26.05
C ILE D 62 -29.50 12.21 26.42
N LEU D 63 -28.55 12.10 25.49
CA LEU D 63 -27.37 11.27 25.67
C LEU D 63 -26.16 12.05 26.15
N LYS D 64 -26.38 13.23 26.74
CA LYS D 64 -25.32 14.01 27.35
C LYS D 64 -24.61 13.17 28.40
N GLY D 65 -23.29 13.20 28.38
CA GLY D 65 -22.51 12.42 29.31
C GLY D 65 -22.14 11.04 28.84
N TYR D 66 -22.62 10.61 27.69
CA TYR D 66 -22.33 9.30 27.14
C TYR D 66 -21.32 9.39 26.00
N LEU D 67 -20.39 8.43 25.95
CA LEU D 67 -19.39 8.37 24.89
C LEU D 67 -19.60 7.14 24.02
N MET D 68 -19.34 7.28 22.71
CA MET D 68 -19.51 6.21 21.73
C MET D 68 -18.16 5.91 21.10
N ALA D 69 -17.78 4.64 21.10
CA ALA D 69 -16.56 4.18 20.42
C ALA D 69 -16.91 3.60 19.06
N THR D 70 -16.24 4.10 18.03
CA THR D 70 -16.44 3.75 16.63
C THR D 70 -15.22 2.96 16.20
N LEU D 71 -15.41 1.68 15.94
CA LEU D 71 -14.32 0.74 15.63
C LEU D 71 -14.59 0.09 14.28
N PHE D 72 -14.08 0.68 13.23
CA PHE D 72 -14.39 0.21 11.88
C PHE D 72 -13.16 -0.48 11.27
N TYR D 73 -13.06 -1.81 11.47
CA TYR D 73 -12.02 -2.61 10.82
C TYR D 73 -12.26 -2.73 9.31
N GLU D 74 -13.52 -2.63 8.88
CA GLU D 74 -13.93 -2.58 7.46
C GLU D 74 -14.47 -1.16 7.31
N PRO D 75 -13.62 -0.16 7.02
CA PRO D 75 -14.06 1.27 7.04
C PRO D 75 -15.24 1.54 6.13
N SER D 76 -16.16 2.36 6.62
CA SER D 76 -17.34 2.75 5.84
C SER D 76 -17.73 4.14 6.30
N THR D 77 -17.33 5.16 5.55
CA THR D 77 -17.63 6.53 5.96
C THR D 77 -19.14 6.74 6.09
N ARG D 78 -19.89 6.29 5.09
CA ARG D 78 -21.33 6.52 5.12
C ARG D 78 -22.01 5.81 6.30
N THR D 79 -21.62 4.56 6.59
CA THR D 79 -22.25 3.85 7.71
C THR D 79 -21.80 4.44 9.03
N ARG D 80 -20.51 4.76 9.16
CA ARG D 80 -20.00 5.28 10.42
C ARG D 80 -20.61 6.64 10.75
N LEU D 81 -20.61 7.55 9.79
CA LEU D 81 -21.10 8.88 10.10
C LEU D 81 -22.57 8.85 10.51
N SER D 82 -23.37 7.95 9.94
CA SER D 82 -24.75 7.79 10.41
C SER D 82 -24.80 7.37 11.88
N PHE D 83 -23.84 6.58 12.35
CA PHE D 83 -23.84 6.22 13.77
C PHE D 83 -23.32 7.36 14.64
N GLU D 84 -22.34 8.11 14.16
CA GLU D 84 -21.80 9.18 14.99
C GLU D 84 -22.74 10.38 15.03
N SER D 85 -23.32 10.75 13.90
CA SER D 85 -24.31 11.82 13.87
C SER D 85 -25.46 11.50 14.83
N ALA D 86 -26.00 10.28 14.73
CA ALA D 86 -27.05 9.88 15.65
C ALA D 86 -26.67 10.09 17.11
N MET D 87 -25.38 9.91 17.46
CA MET D 87 -24.99 10.08 18.85
C MET D 87 -24.96 11.55 19.25
N LYS D 88 -24.45 12.43 18.36
CA LYS D 88 -24.28 13.84 18.70
C LYS D 88 -25.55 14.63 18.49
N ARG D 89 -26.47 14.15 17.66
CA ARG D 89 -27.77 14.81 17.59
C ARG D 89 -28.52 14.67 18.90
N LEU D 90 -28.36 13.52 19.57
CA LEU D 90 -28.94 13.28 20.88
C LEU D 90 -28.09 13.83 22.02
N GLY D 91 -26.96 14.49 21.74
CA GLY D 91 -26.20 15.18 22.76
C GLY D 91 -25.03 14.42 23.39
N GLY D 92 -24.76 13.20 22.92
CA GLY D 92 -23.58 12.47 23.33
C GLY D 92 -22.38 12.75 22.43
N GLU D 93 -21.28 12.10 22.77
CA GLU D 93 -20.03 12.34 22.06
C GLU D 93 -19.41 11.03 21.59
N VAL D 94 -18.34 11.17 20.79
CA VAL D 94 -17.79 10.08 19.99
C VAL D 94 -16.28 10.04 20.14
N LEU D 95 -15.73 8.81 20.04
CA LEU D 95 -14.30 8.54 19.95
C LEU D 95 -14.10 7.82 18.60
N THR D 96 -13.75 8.59 17.57
CA THR D 96 -13.64 8.05 16.22
C THR D 96 -12.34 7.30 16.00
N THR D 97 -12.43 6.04 15.54
CA THR D 97 -11.26 5.37 14.92
C THR D 97 -11.77 4.75 13.60
N GLU D 98 -11.61 5.51 12.49
CA GLU D 98 -12.28 5.17 11.23
C GLU D 98 -11.62 3.97 10.56
N ASN D 99 -10.32 3.78 10.78
CA ASN D 99 -9.64 2.55 10.35
C ASN D 99 -8.91 1.94 11.54
N ALA D 100 -9.46 0.84 12.07
CA ALA D 100 -8.85 0.11 13.16
C ALA D 100 -8.19 -1.18 12.69
N ARG D 101 -7.85 -1.26 11.40
CA ARG D 101 -7.09 -2.40 10.91
C ARG D 101 -5.61 -2.25 11.23
N GLU D 102 -4.91 -3.40 11.28
CA GLU D 102 -3.47 -3.50 11.53
C GLU D 102 -3.15 -4.86 12.18
N GLY D 109 -1.24 -9.01 15.96
CA GLY D 109 -2.63 -8.85 16.28
C GLY D 109 -2.98 -9.23 17.72
N GLU D 110 -3.88 -8.48 18.36
CA GLU D 110 -4.09 -8.63 19.79
C GLU D 110 -5.38 -9.33 20.16
N THR D 111 -6.12 -9.88 19.20
CA THR D 111 -7.43 -10.51 19.40
C THR D 111 -8.55 -9.49 19.67
N LEU D 112 -9.76 -9.80 19.22
CA LEU D 112 -10.86 -8.87 19.43
C LEU D 112 -11.19 -8.70 20.90
N GLU D 113 -11.12 -9.80 21.68
CA GLU D 113 -11.57 -9.76 23.06
C GLU D 113 -10.75 -8.78 23.89
N ASP D 114 -9.43 -8.73 23.67
CA ASP D 114 -8.61 -7.77 24.39
C ASP D 114 -8.83 -6.33 23.92
N THR D 115 -9.00 -6.13 22.60
CA THR D 115 -9.34 -4.80 22.10
C THR D 115 -10.63 -4.29 22.76
N ILE D 116 -11.63 -5.16 22.85
CA ILE D 116 -12.95 -4.73 23.32
C ILE D 116 -12.93 -4.40 24.81
N ARG D 117 -12.28 -5.24 25.63
CA ARG D 117 -12.23 -4.99 27.06
C ARG D 117 -11.58 -3.65 27.33
N THR D 118 -10.49 -3.33 26.64
CA THR D 118 -9.80 -2.06 26.87
C THR D 118 -10.66 -0.86 26.48
N VAL D 119 -11.41 -0.97 25.39
CA VAL D 119 -12.12 0.19 24.91
C VAL D 119 -13.35 0.47 25.74
N GLU D 120 -13.95 -0.54 26.38
CA GLU D 120 -15.10 -0.24 27.21
C GLU D 120 -14.71 0.54 28.45
N GLY D 121 -13.45 0.46 28.85
CA GLY D 121 -12.99 1.35 29.89
C GLY D 121 -13.08 2.80 29.47
N TYR D 122 -12.99 3.07 28.17
CA TYR D 122 -12.97 4.43 27.68
C TYR D 122 -14.32 4.92 27.19
N SER D 123 -15.29 4.01 27.06
CA SER D 123 -16.55 4.37 26.43
C SER D 123 -17.73 3.67 27.11
N ASP D 124 -18.92 4.18 26.80
CA ASP D 124 -20.17 3.67 27.33
C ASP D 124 -20.94 2.85 26.31
N ILE D 125 -20.52 2.87 25.05
CA ILE D 125 -21.13 2.02 24.01
C ILE D 125 -20.11 1.87 22.89
N ILE D 126 -20.17 0.73 22.19
CA ILE D 126 -19.19 0.35 21.17
C ILE D 126 -19.91 -0.01 19.89
N VAL D 127 -19.57 0.65 18.79
CA VAL D 127 -20.16 0.40 17.48
C VAL D 127 -19.07 -0.09 16.53
N MET D 128 -19.23 -1.29 16.00
CA MET D 128 -18.16 -1.99 15.31
C MET D 128 -18.61 -2.49 13.94
N ARG D 129 -17.76 -2.28 12.93
CA ARG D 129 -17.90 -2.89 11.62
C ARG D 129 -16.64 -3.73 11.37
N HIS D 130 -16.83 -5.01 11.10
CA HIS D 130 -15.72 -5.92 10.85
C HIS D 130 -15.74 -6.38 9.41
N PHE D 131 -14.64 -6.98 9.00
CA PHE D 131 -14.46 -7.63 7.73
C PHE D 131 -14.75 -9.12 7.80
N GLU D 132 -14.76 -9.68 9.01
CA GLU D 132 -14.80 -11.12 9.24
C GLU D 132 -15.99 -11.45 10.15
N SER D 133 -16.76 -12.47 9.76
CA SER D 133 -18.01 -12.82 10.43
C SER D 133 -17.77 -13.37 11.84
N GLY D 134 -18.78 -13.22 12.70
CA GLY D 134 -18.71 -13.66 14.07
C GLY D 134 -18.05 -12.69 15.02
N ALA D 135 -17.36 -11.68 14.52
CA ALA D 135 -16.75 -10.72 15.42
C ALA D 135 -17.77 -10.08 16.34
N ALA D 136 -18.88 -9.62 15.77
CA ALA D 136 -19.93 -8.98 16.57
C ALA D 136 -20.39 -9.86 17.73
N ARG D 137 -20.54 -11.17 17.48
CA ARG D 137 -20.87 -12.08 18.57
C ARG D 137 -19.79 -12.03 19.63
N LYS D 138 -18.50 -12.09 19.23
CA LYS D 138 -17.43 -12.06 20.22
C LYS D 138 -17.48 -10.78 21.05
N ALA D 139 -17.71 -9.64 20.39
CA ALA D 139 -17.62 -8.36 21.09
C ALA D 139 -18.71 -8.21 22.14
N ALA D 140 -19.95 -8.65 21.82
CA ALA D 140 -21.05 -8.47 22.75
C ALA D 140 -20.90 -9.36 23.97
N ALA D 141 -20.35 -10.57 23.77
CA ALA D 141 -20.13 -11.47 24.89
C ALA D 141 -19.05 -10.94 25.80
N THR D 142 -17.95 -10.50 25.21
CA THR D 142 -16.83 -10.02 25.99
C THR D 142 -17.13 -8.71 26.72
N ALA D 143 -17.96 -7.86 26.13
CA ALA D 143 -18.20 -6.55 26.71
C ALA D 143 -19.24 -6.61 27.82
N ASN D 144 -19.13 -5.66 28.75
CA ASN D 144 -20.15 -5.39 29.75
C ASN D 144 -20.83 -4.05 29.48
N ILE D 145 -20.68 -3.54 28.27
CA ILE D 145 -21.45 -2.40 27.80
C ILE D 145 -22.13 -2.81 26.49
N PRO D 146 -23.22 -2.13 26.12
CA PRO D 146 -23.91 -2.52 24.88
C PRO D 146 -22.99 -2.39 23.68
N VAL D 147 -23.19 -3.32 22.73
CA VAL D 147 -22.45 -3.36 21.47
C VAL D 147 -23.42 -3.36 20.28
N ILE D 148 -23.16 -2.50 19.31
CA ILE D 148 -23.94 -2.46 18.08
C ILE D 148 -23.08 -2.96 16.91
N ASN D 149 -23.66 -3.78 16.06
CA ASN D 149 -22.98 -4.35 14.91
C ASN D 149 -23.31 -3.52 13.68
N ALA D 150 -22.35 -2.73 13.24
CA ALA D 150 -22.54 -1.95 12.03
C ALA D 150 -22.20 -2.72 10.75
N GLY D 151 -21.87 -4.00 10.83
CA GLY D 151 -21.56 -4.82 9.68
C GLY D 151 -20.56 -5.92 9.97
N ASP D 152 -21.01 -7.17 10.04
CA ASP D 152 -20.17 -8.31 10.43
C ASP D 152 -19.49 -8.96 9.22
N GLY D 153 -18.78 -8.17 8.45
CA GLY D 153 -18.20 -8.68 7.25
C GLY D 153 -19.26 -9.27 6.33
N PRO D 154 -19.10 -10.53 5.93
CA PRO D 154 -20.16 -11.26 5.20
C PRO D 154 -21.28 -11.74 6.11
N GLY D 155 -21.18 -11.54 7.42
CA GLY D 155 -22.27 -11.89 8.31
C GLY D 155 -23.38 -10.86 8.36
N GLU D 156 -23.95 -10.62 9.53
CA GLU D 156 -25.19 -9.87 9.64
C GLU D 156 -24.90 -8.39 9.56
N HIS D 157 -25.92 -7.61 9.20
CA HIS D 157 -25.92 -6.15 9.31
C HIS D 157 -27.32 -5.71 9.78
N PRO D 158 -27.61 -5.80 11.10
CA PRO D 158 -29.02 -5.66 11.60
C PRO D 158 -29.59 -4.26 11.35
N THR D 159 -28.81 -3.21 11.63
CA THR D 159 -29.31 -1.84 11.54
C THR D 159 -29.71 -1.52 10.11
N GLN D 160 -28.97 -2.05 9.12
CA GLN D 160 -29.40 -1.90 7.73
C GLN D 160 -30.79 -2.48 7.51
N ALA D 161 -30.99 -3.72 7.96
CA ALA D 161 -32.29 -4.37 7.81
C ALA D 161 -33.38 -3.57 8.48
N LEU D 162 -33.05 -2.96 9.64
CA LEU D 162 -34.05 -2.22 10.38
C LEU D 162 -34.46 -0.96 9.66
N LEU D 163 -33.50 -0.25 9.07
CA LEU D 163 -33.84 0.98 8.36
C LEU D 163 -34.52 0.72 7.02
N ASP D 164 -34.37 -0.49 6.45
CA ASP D 164 -35.12 -0.84 5.24
C ASP D 164 -36.60 -1.08 5.57
N VAL D 165 -36.89 -1.96 6.54
CA VAL D 165 -38.28 -2.18 6.94
C VAL D 165 -38.93 -0.87 7.38
N TYR D 166 -38.22 -0.08 8.20
CA TYR D 166 -38.76 1.21 8.63
C TYR D 166 -39.04 2.12 7.43
N THR D 167 -38.20 2.02 6.38
CA THR D 167 -38.36 2.81 5.17
C THR D 167 -39.55 2.34 4.37
N ILE D 168 -39.83 1.03 4.39
CA ILE D 168 -41.00 0.51 3.68
C ILE D 168 -42.29 0.96 4.33
N GLN D 169 -42.34 0.92 5.68
CA GLN D 169 -43.49 1.41 6.42
C GLN D 169 -43.68 2.91 6.20
N SER D 170 -42.58 3.67 6.21
CA SER D 170 -42.69 5.12 6.10
C SER D 170 -43.14 5.55 4.71
N GLU D 171 -42.74 4.83 3.67
CA GLU D 171 -43.03 5.25 2.29
C GLU D 171 -44.33 4.64 1.79
N ILE D 172 -44.69 3.48 2.31
CA ILE D 172 -45.85 2.75 1.83
C ILE D 172 -47.00 2.76 2.84
N GLY D 173 -46.73 3.02 4.12
CA GLY D 173 -47.73 3.09 5.14
C GLY D 173 -48.00 1.76 5.81
N LYS D 174 -47.89 0.66 5.10
CA LYS D 174 -48.24 -0.64 5.65
C LYS D 174 -47.06 -1.58 5.46
N LEU D 175 -46.86 -2.49 6.42
CA LEU D 175 -46.00 -3.64 6.24
C LEU D 175 -46.77 -4.91 5.95
N ASP D 176 -48.03 -5.01 6.40
CA ASP D 176 -48.88 -6.12 6.02
C ASP D 176 -49.41 -5.87 4.62
N GLY D 177 -49.40 -6.90 3.78
CA GLY D 177 -50.02 -6.84 2.47
C GLY D 177 -49.20 -6.20 1.37
N ILE D 178 -47.93 -5.98 1.59
CA ILE D 178 -47.08 -5.36 0.59
C ILE D 178 -46.57 -6.41 -0.38
N SER D 179 -46.07 -5.95 -1.51
CA SER D 179 -45.41 -6.77 -2.51
C SER D 179 -44.02 -6.20 -2.73
N VAL D 180 -43.00 -6.99 -2.47
CA VAL D 180 -41.62 -6.53 -2.49
C VAL D 180 -40.87 -7.33 -3.54
N ALA D 181 -40.09 -6.63 -4.36
CA ALA D 181 -39.23 -7.24 -5.37
C ALA D 181 -37.78 -7.13 -4.90
N LEU D 182 -37.15 -8.28 -4.63
CA LEU D 182 -35.74 -8.36 -4.25
C LEU D 182 -34.94 -8.65 -5.52
N VAL D 183 -34.12 -7.71 -5.94
CA VAL D 183 -33.48 -7.75 -7.24
C VAL D 183 -31.98 -7.81 -7.08
N GLY D 184 -31.35 -8.61 -7.92
CA GLY D 184 -29.90 -8.67 -7.90
C GLY D 184 -29.27 -9.96 -7.39
N ASP D 185 -28.07 -9.86 -6.81
CA ASP D 185 -27.37 -11.01 -6.26
C ASP D 185 -28.09 -11.47 -4.99
N LEU D 186 -29.02 -12.40 -5.15
CA LEU D 186 -29.82 -12.86 -4.02
C LEU D 186 -29.11 -13.97 -3.25
N ALA D 187 -28.38 -14.84 -3.95
CA ALA D 187 -27.77 -15.97 -3.25
C ALA D 187 -26.66 -15.51 -2.35
N ASN D 188 -25.89 -14.51 -2.78
CA ASN D 188 -24.76 -13.98 -2.04
C ASN D 188 -25.00 -12.57 -1.52
N GLY D 189 -26.21 -12.05 -1.68
CA GLY D 189 -26.49 -10.72 -1.19
C GLY D 189 -26.68 -10.66 0.31
N ARG D 190 -25.82 -9.92 1.02
CA ARG D 190 -25.97 -9.82 2.47
C ARG D 190 -27.33 -9.23 2.85
N THR D 191 -27.74 -8.15 2.17
CA THR D 191 -28.90 -7.37 2.60
C THR D 191 -30.22 -8.05 2.24
N VAL D 192 -30.33 -8.62 1.03
CA VAL D 192 -31.63 -9.11 0.57
C VAL D 192 -32.13 -10.22 1.50
N ARG D 193 -31.21 -11.04 2.03
CA ARG D 193 -31.61 -12.10 2.95
C ARG D 193 -32.09 -11.52 4.28
N SER D 194 -31.31 -10.62 4.87
CA SER D 194 -31.72 -10.02 6.14
C SER D 194 -33.05 -9.27 6.02
N LEU D 195 -33.25 -8.51 4.95
CA LEU D 195 -34.54 -7.87 4.74
C LEU D 195 -35.66 -8.90 4.57
N ALA D 196 -35.41 -9.92 3.73
CA ALA D 196 -36.39 -10.97 3.55
C ALA D 196 -36.75 -11.65 4.87
N TYR D 197 -35.77 -11.84 5.77
CA TYR D 197 -36.05 -12.47 7.07
C TYR D 197 -37.03 -11.61 7.90
N LEU D 198 -36.75 -10.31 8.03
CA LEU D 198 -37.63 -9.46 8.83
C LEU D 198 -39.04 -9.37 8.24
N LEU D 199 -39.16 -9.20 6.91
CA LEU D 199 -40.49 -9.07 6.30
C LEU D 199 -41.36 -10.29 6.55
N ALA D 200 -40.73 -11.44 6.88
CA ALA D 200 -41.47 -12.68 7.13
C ALA D 200 -42.30 -12.60 8.39
N LYS D 201 -42.11 -11.55 9.20
CA LYS D 201 -42.80 -11.36 10.46
C LYS D 201 -44.10 -10.57 10.32
N PHE D 202 -44.70 -10.58 9.13
CA PHE D 202 -45.93 -9.86 8.86
C PHE D 202 -46.85 -10.75 8.03
N LYS D 203 -48.08 -10.30 7.84
CA LYS D 203 -49.10 -11.11 7.18
C LYS D 203 -49.28 -10.70 5.72
N ASP D 204 -49.72 -11.66 4.92
CA ASP D 204 -50.18 -11.40 3.55
C ASP D 204 -49.09 -10.70 2.72
N VAL D 205 -47.85 -11.11 2.92
CA VAL D 205 -46.72 -10.53 2.21
C VAL D 205 -46.45 -11.39 0.99
N LYS D 206 -46.09 -10.72 -0.12
CA LYS D 206 -45.58 -11.39 -1.31
C LYS D 206 -44.21 -10.82 -1.66
N ILE D 207 -43.25 -11.72 -1.91
CA ILE D 207 -41.88 -11.37 -2.25
C ILE D 207 -41.59 -11.95 -3.62
N TYR D 208 -41.08 -11.10 -4.53
CA TYR D 208 -40.66 -11.52 -5.86
C TYR D 208 -39.12 -11.55 -5.89
N PHE D 209 -38.55 -12.74 -6.03
CA PHE D 209 -37.10 -12.89 -6.23
C PHE D 209 -36.81 -12.70 -7.73
N VAL D 210 -36.27 -11.53 -8.09
CA VAL D 210 -35.94 -11.20 -9.47
C VAL D 210 -34.42 -11.29 -9.60
N SER D 211 -33.92 -12.32 -10.27
CA SER D 211 -32.48 -12.49 -10.45
C SER D 211 -32.24 -13.49 -11.58
N PRO D 212 -31.03 -13.53 -12.12
CA PRO D 212 -30.63 -14.65 -12.99
C PRO D 212 -30.59 -15.94 -12.21
N GLU D 213 -30.74 -17.06 -12.93
CA GLU D 213 -30.92 -18.35 -12.27
C GLU D 213 -29.70 -18.78 -11.47
N ILE D 214 -28.52 -18.25 -11.79
CA ILE D 214 -27.32 -18.75 -11.13
C ILE D 214 -26.95 -17.92 -9.92
N VAL D 215 -27.73 -16.89 -9.59
CA VAL D 215 -27.55 -16.18 -8.32
C VAL D 215 -28.89 -16.04 -7.61
N LYS D 216 -29.81 -16.97 -7.88
CA LYS D 216 -31.12 -16.98 -7.26
C LYS D 216 -31.03 -17.30 -5.77
N MET D 217 -32.09 -16.95 -5.05
CA MET D 217 -32.06 -17.06 -3.59
C MET D 217 -31.75 -18.49 -3.17
N LYS D 218 -31.05 -18.63 -2.03
CA LYS D 218 -30.65 -19.94 -1.53
C LYS D 218 -31.83 -20.60 -0.83
N ASP D 219 -31.83 -21.94 -0.83
CA ASP D 219 -32.98 -22.70 -0.35
C ASP D 219 -33.34 -22.37 1.10
N ASP D 220 -32.36 -22.01 1.93
CA ASP D 220 -32.65 -21.89 3.35
C ASP D 220 -33.56 -20.71 3.65
N ILE D 221 -33.43 -19.58 2.92
CA ILE D 221 -34.32 -18.45 3.15
C ILE D 221 -35.72 -18.74 2.60
N LYS D 222 -35.79 -19.30 1.39
CA LYS D 222 -37.09 -19.65 0.82
C LYS D 222 -37.86 -20.54 1.78
N ASP D 223 -37.20 -21.54 2.35
CA ASP D 223 -37.89 -22.44 3.28
C ASP D 223 -38.38 -21.67 4.53
N TYR D 224 -37.61 -20.69 5.00
CA TYR D 224 -38.10 -19.85 6.09
C TYR D 224 -39.35 -19.07 5.65
N LEU D 225 -39.33 -18.51 4.45
CA LEU D 225 -40.49 -17.73 4.00
C LEU D 225 -41.74 -18.61 3.88
N THR D 226 -41.58 -19.86 3.44
CA THR D 226 -42.71 -20.79 3.32
C THR D 226 -43.27 -21.11 4.69
N SER D 227 -42.43 -21.60 5.60
CA SER D 227 -42.89 -21.90 6.94
C SER D 227 -43.56 -20.69 7.55
N SER D 228 -43.02 -19.50 7.34
CA SER D 228 -43.50 -18.29 7.99
C SER D 228 -44.77 -17.75 7.37
N GLY D 229 -45.31 -18.40 6.34
CA GLY D 229 -46.52 -17.91 5.72
C GLY D 229 -46.31 -16.72 4.82
N VAL D 230 -45.18 -16.67 4.12
CA VAL D 230 -44.91 -15.66 3.10
C VAL D 230 -44.91 -16.34 1.74
N GLU D 231 -45.78 -15.85 0.85
CA GLU D 231 -45.87 -16.34 -0.52
C GLU D 231 -44.79 -15.69 -1.37
N TRP D 232 -44.00 -16.50 -2.07
CA TRP D 232 -42.91 -15.98 -2.88
C TRP D 232 -42.89 -16.60 -4.26
N GLU D 233 -42.45 -15.78 -5.22
CA GLU D 233 -42.34 -16.14 -6.63
C GLU D 233 -40.94 -15.80 -7.12
N GLU D 234 -40.41 -16.64 -8.01
CA GLU D 234 -39.14 -16.38 -8.68
C GLU D 234 -39.38 -15.87 -10.11
N SER D 235 -38.52 -14.98 -10.56
CA SER D 235 -38.70 -14.39 -11.89
C SER D 235 -37.37 -13.84 -12.41
N SER D 236 -37.22 -13.86 -13.72
CA SER D 236 -36.10 -13.20 -14.38
C SER D 236 -36.51 -11.92 -15.09
N ASP D 237 -37.83 -11.67 -15.18
CA ASP D 237 -38.40 -10.54 -15.91
C ASP D 237 -38.71 -9.44 -14.88
N LEU D 238 -37.75 -8.53 -14.69
CA LEU D 238 -38.00 -7.41 -13.78
C LEU D 238 -39.10 -6.48 -14.27
N MET D 239 -39.28 -6.39 -15.60
CA MET D 239 -40.30 -5.52 -16.18
C MET D 239 -41.70 -5.96 -15.75
N GLU D 240 -42.00 -7.24 -15.91
CA GLU D 240 -43.30 -7.74 -15.47
C GLU D 240 -43.50 -7.50 -13.98
N VAL D 241 -42.58 -8.00 -13.15
CA VAL D 241 -42.76 -7.94 -11.72
C VAL D 241 -42.92 -6.51 -11.25
N ALA D 242 -42.10 -5.59 -11.78
CA ALA D 242 -42.06 -4.24 -11.23
C ALA D 242 -43.44 -3.58 -11.22
N SER D 243 -44.31 -3.97 -12.15
CA SER D 243 -45.59 -3.29 -12.30
C SER D 243 -46.61 -3.67 -11.23
N LYS D 244 -46.44 -4.83 -10.59
CA LYS D 244 -47.33 -5.27 -9.53
C LYS D 244 -46.66 -5.31 -8.16
N CYS D 245 -45.72 -4.38 -7.91
CA CYS D 245 -44.95 -4.30 -6.67
C CYS D 245 -45.07 -2.92 -6.06
N ASP D 246 -45.13 -2.87 -4.73
CA ASP D 246 -45.08 -1.60 -4.02
C ASP D 246 -43.64 -1.17 -3.70
N VAL D 247 -42.68 -2.10 -3.76
CA VAL D 247 -41.29 -1.84 -3.45
C VAL D 247 -40.40 -2.60 -4.42
N VAL D 248 -39.45 -1.91 -5.04
CA VAL D 248 -38.39 -2.56 -5.82
C VAL D 248 -37.07 -2.33 -5.07
N TYR D 249 -36.46 -3.41 -4.58
CA TYR D 249 -35.26 -3.34 -3.76
C TYR D 249 -34.08 -3.79 -4.60
N GLN D 250 -33.37 -2.83 -5.18
CA GLN D 250 -32.31 -3.11 -6.13
C GLN D 250 -30.99 -3.32 -5.42
N THR D 251 -30.24 -4.33 -5.86
CA THR D 251 -28.83 -4.49 -5.49
C THR D 251 -28.05 -4.78 -6.76
N ARG D 252 -26.73 -4.63 -6.69
CA ARG D 252 -25.87 -4.88 -7.83
C ARG D 252 -25.53 -6.36 -7.92
N ILE D 253 -25.33 -6.82 -9.16
CA ILE D 253 -24.73 -8.13 -9.43
C ILE D 253 -23.29 -7.90 -9.89
N GLN D 254 -22.33 -8.40 -9.10
CA GLN D 254 -20.92 -8.27 -9.42
C GLN D 254 -20.57 -9.16 -10.59
N ARG D 255 -19.76 -8.67 -11.52
CA ARG D 255 -19.30 -9.53 -12.61
C ARG D 255 -18.65 -10.80 -12.06
N GLU D 256 -18.12 -10.75 -10.83
CA GLU D 256 -17.35 -11.86 -10.28
C GLU D 256 -18.22 -13.11 -10.06
N ARG D 257 -19.51 -12.93 -9.82
CA ARG D 257 -20.32 -14.07 -9.41
C ARG D 257 -20.60 -15.02 -10.56
N PHE D 258 -20.50 -14.57 -11.79
CA PHE D 258 -20.75 -15.43 -12.91
C PHE D 258 -19.60 -16.38 -13.22
N GLY D 259 -18.45 -16.24 -12.55
CA GLY D 259 -17.32 -17.13 -12.83
C GLY D 259 -16.94 -17.09 -14.29
N GLU D 260 -16.87 -18.28 -14.90
CA GLU D 260 -16.55 -18.39 -16.32
C GLU D 260 -17.71 -17.96 -17.19
N ARG D 261 -18.94 -17.99 -16.67
CA ARG D 261 -20.15 -17.88 -17.48
C ARG D 261 -20.40 -16.42 -17.85
N LEU D 262 -19.58 -15.92 -18.77
CA LEU D 262 -19.74 -14.57 -19.27
C LEU D 262 -20.83 -14.47 -20.34
N ASP D 263 -21.26 -15.61 -20.91
CA ASP D 263 -22.48 -15.61 -21.71
C ASP D 263 -23.69 -15.18 -20.88
N LEU D 264 -23.77 -15.69 -19.65
CA LEU D 264 -24.89 -15.35 -18.77
C LEU D 264 -24.77 -13.92 -18.24
N TYR D 265 -23.55 -13.40 -18.11
CA TYR D 265 -23.36 -11.98 -17.80
C TYR D 265 -23.77 -11.10 -18.99
N GLU D 266 -23.61 -11.60 -20.21
CA GLU D 266 -24.14 -10.90 -21.37
C GLU D 266 -25.67 -10.89 -21.34
N ALA D 267 -26.26 -12.06 -21.09
CA ALA D 267 -27.72 -12.15 -21.04
C ALA D 267 -28.31 -11.27 -19.95
N ALA D 268 -27.60 -11.09 -18.85
CA ALA D 268 -28.10 -10.27 -17.76
C ALA D 268 -27.79 -8.79 -17.95
N ARG D 269 -27.15 -8.40 -19.06
CA ARG D 269 -26.96 -7.00 -19.37
C ARG D 269 -28.30 -6.30 -19.49
N GLY D 270 -28.55 -5.34 -18.61
CA GLY D 270 -29.71 -4.48 -18.72
C GLY D 270 -31.04 -5.11 -18.33
N LYS D 271 -31.14 -6.44 -18.24
CA LYS D 271 -32.39 -7.07 -17.85
C LYS D 271 -32.70 -6.90 -16.35
N PHE D 272 -31.80 -6.27 -15.57
CA PHE D 272 -32.00 -6.07 -14.13
C PHE D 272 -31.56 -4.66 -13.74
N ILE D 273 -32.04 -3.68 -14.50
CA ILE D 273 -31.68 -2.27 -14.38
C ILE D 273 -32.92 -1.51 -13.95
N VAL D 274 -32.70 -0.44 -13.18
CA VAL D 274 -33.76 0.48 -12.80
C VAL D 274 -33.50 1.78 -13.54
N ASP D 275 -34.24 2.02 -14.61
CA ASP D 275 -34.14 3.20 -15.44
C ASP D 275 -35.54 3.78 -15.63
N LYS D 276 -35.63 4.87 -16.40
CA LYS D 276 -36.91 5.54 -16.58
C LYS D 276 -37.95 4.61 -17.21
N ASP D 277 -37.50 3.70 -18.08
CA ASP D 277 -38.43 2.76 -18.72
C ASP D 277 -39.12 1.88 -17.69
N LEU D 278 -38.38 1.45 -16.66
CA LEU D 278 -39.01 0.62 -15.63
C LEU D 278 -39.92 1.46 -14.75
N LEU D 279 -39.48 2.66 -14.37
CA LEU D 279 -40.37 3.54 -13.61
C LEU D 279 -41.69 3.75 -14.34
N GLY D 280 -41.70 3.62 -15.67
CA GLY D 280 -42.89 3.88 -16.45
C GLY D 280 -44.00 2.85 -16.33
N VAL D 281 -43.72 1.71 -15.71
CA VAL D 281 -44.71 0.65 -15.54
C VAL D 281 -45.07 0.43 -14.07
N MET D 282 -44.59 1.27 -13.18
CA MET D 282 -44.83 1.11 -11.76
C MET D 282 -45.89 2.09 -11.30
N GLN D 283 -46.68 1.68 -10.30
CA GLN D 283 -47.67 2.57 -9.72
C GLN D 283 -46.99 3.79 -9.09
N LYS D 284 -47.70 4.92 -9.08
CA LYS D 284 -47.11 6.12 -8.47
C LYS D 284 -46.90 5.95 -6.97
N LYS D 285 -47.57 4.99 -6.34
CA LYS D 285 -47.45 4.74 -4.92
C LYS D 285 -46.32 3.77 -4.58
N ALA D 286 -45.56 3.30 -5.57
CA ALA D 286 -44.42 2.42 -5.34
C ALA D 286 -43.14 3.21 -5.09
N ILE D 287 -42.08 2.49 -4.67
CA ILE D 287 -40.78 3.12 -4.46
C ILE D 287 -39.62 2.30 -5.03
N ILE D 288 -38.49 2.97 -5.19
CA ILE D 288 -37.21 2.34 -5.43
C ILE D 288 -36.40 2.36 -4.13
N MET D 289 -35.61 1.33 -3.91
CA MET D 289 -34.75 1.29 -2.74
C MET D 289 -33.43 0.63 -3.09
N HIS D 290 -32.37 0.99 -2.37
CA HIS D 290 -31.02 0.50 -2.63
C HIS D 290 -30.16 0.73 -1.39
N PRO D 291 -29.54 -0.31 -0.84
CA PRO D 291 -28.78 -0.15 0.40
C PRO D 291 -27.52 0.70 0.24
N LEU D 292 -27.03 0.88 -1.01
CA LEU D 292 -25.80 1.61 -1.30
C LEU D 292 -24.56 0.82 -0.87
N PRO D 293 -23.44 0.95 -1.60
CA PRO D 293 -23.26 1.84 -2.75
C PRO D 293 -23.98 1.39 -4.00
N ARG D 294 -24.31 2.35 -4.84
CA ARG D 294 -24.98 2.13 -6.11
C ARG D 294 -24.02 2.42 -7.26
N LEU D 295 -24.02 1.54 -8.25
CA LEU D 295 -23.27 1.79 -9.49
C LEU D 295 -24.24 1.98 -10.66
N ASP D 296 -24.00 1.30 -11.78
CA ASP D 296 -24.85 1.52 -12.94
C ASP D 296 -26.17 0.72 -12.92
N GLU D 297 -26.52 0.10 -11.79
CA GLU D 297 -27.76 -0.66 -11.71
C GLU D 297 -28.96 0.24 -11.48
N ILE D 298 -28.75 1.54 -11.25
CA ILE D 298 -29.81 2.55 -11.14
C ILE D 298 -29.34 3.79 -11.87
N THR D 299 -29.98 4.11 -12.99
CA THR D 299 -29.50 5.20 -13.84
C THR D 299 -29.74 6.55 -13.17
N ALA D 300 -28.80 7.48 -13.40
CA ALA D 300 -28.79 8.73 -12.64
C ALA D 300 -30.06 9.58 -12.84
N ASP D 301 -30.80 9.36 -13.93
CA ASP D 301 -32.00 10.15 -14.19
C ASP D 301 -33.21 9.62 -13.41
N VAL D 302 -33.02 8.60 -12.58
CA VAL D 302 -34.08 8.13 -11.70
C VAL D 302 -34.16 8.96 -10.43
N ASP D 303 -33.05 9.56 -10.01
CA ASP D 303 -32.99 10.26 -8.73
C ASP D 303 -34.09 11.33 -8.63
N ALA D 304 -34.42 12.00 -9.74
CA ALA D 304 -35.39 13.10 -9.71
C ALA D 304 -36.84 12.62 -9.61
N ASP D 305 -37.11 11.31 -9.67
CA ASP D 305 -38.47 10.80 -9.54
C ASP D 305 -38.86 10.74 -8.07
N PRO D 306 -40.07 11.19 -7.72
CA PRO D 306 -40.48 11.13 -6.31
C PRO D 306 -40.32 9.74 -5.70
N ARG D 307 -40.51 8.69 -6.51
CA ARG D 307 -40.50 7.32 -6.00
C ARG D 307 -39.11 6.84 -5.63
N ALA D 308 -38.06 7.55 -6.04
CA ALA D 308 -36.67 7.20 -5.71
C ALA D 308 -36.39 7.47 -4.24
N ALA D 309 -36.38 6.41 -3.44
CA ALA D 309 -36.35 6.53 -2.00
C ALA D 309 -35.02 6.14 -1.40
N TYR D 310 -33.99 5.92 -2.23
CA TYR D 310 -32.77 5.33 -1.68
C TYR D 310 -31.92 6.34 -0.90
N PHE D 311 -32.20 7.65 -1.00
CA PHE D 311 -31.54 8.65 -0.15
C PHE D 311 -32.37 9.01 1.08
N ARG D 312 -33.71 8.99 0.96
CA ARG D 312 -34.57 9.00 2.14
C ARG D 312 -34.32 7.76 3.00
N GLN D 313 -34.09 6.61 2.34
CA GLN D 313 -33.68 5.42 3.06
C GLN D 313 -32.41 5.70 3.86
N ALA D 314 -31.44 6.35 3.22
CA ALA D 314 -30.18 6.63 3.89
C ALA D 314 -30.40 7.44 5.17
N LYS D 315 -31.23 8.49 5.08
CA LYS D 315 -31.49 9.34 6.24
C LYS D 315 -32.26 8.58 7.31
N ASN D 316 -33.18 7.71 6.89
CA ASN D 316 -33.92 6.88 7.84
C ASN D 316 -32.97 6.05 8.69
N GLY D 317 -31.75 5.80 8.22
CA GLY D 317 -30.76 5.14 9.07
C GLY D 317 -30.42 5.95 10.31
N LEU D 318 -30.22 7.26 10.15
CA LEU D 318 -29.95 8.13 11.28
C LEU D 318 -31.01 7.95 12.39
N PHE D 319 -32.29 8.10 12.04
CA PHE D 319 -33.34 7.98 13.04
C PHE D 319 -33.32 6.63 13.73
N ILE D 320 -33.14 5.54 12.97
CA ILE D 320 -33.15 4.21 13.57
C ILE D 320 -31.93 3.99 14.42
N ARG D 321 -30.83 4.66 14.11
CA ARG D 321 -29.63 4.54 14.94
C ARG D 321 -29.75 5.36 16.23
N MET D 322 -30.45 6.50 16.18
CA MET D 322 -30.76 7.26 17.38
C MET D 322 -31.69 6.45 18.28
N ALA D 323 -32.80 5.98 17.72
CA ALA D 323 -33.71 5.16 18.50
C ALA D 323 -33.00 3.98 19.15
N LEU D 324 -31.99 3.41 18.51
CA LEU D 324 -31.27 2.29 19.10
C LEU D 324 -30.28 2.77 20.15
N LEU D 325 -29.60 3.88 19.90
CA LEU D 325 -28.71 4.45 20.91
C LEU D 325 -29.48 4.85 22.16
N LYS D 326 -30.72 5.31 22.01
CA LYS D 326 -31.54 5.69 23.16
C LYS D 326 -31.98 4.46 23.95
N LEU D 327 -32.60 3.49 23.28
CA LEU D 327 -33.05 2.31 23.98
C LEU D 327 -31.91 1.56 24.66
N LEU D 328 -30.70 1.60 24.08
CA LEU D 328 -29.63 0.81 24.67
C LEU D 328 -29.08 1.46 25.92
N LEU D 329 -29.05 2.78 25.97
CA LEU D 329 -28.39 3.51 27.04
C LEU D 329 -29.34 4.06 28.09
N VAL D 330 -30.40 4.76 27.68
CA VAL D 330 -31.34 5.36 28.60
C VAL D 330 -32.69 4.65 28.59
N GLY D 331 -32.88 3.63 27.75
CA GLY D 331 -34.10 2.87 27.71
C GLY D 331 -35.29 3.72 27.28
N TRP D 332 -36.45 3.40 27.84
CA TRP D 332 -37.67 4.11 27.50
C TRP D 332 -37.85 5.37 28.36
N GLY E 13 -3.07 -43.86 -24.06
CA GLY E 13 -1.90 -44.31 -24.80
C GLY E 13 -2.07 -45.62 -25.62
N LEU E 14 -2.16 -45.48 -26.95
CA LEU E 14 -2.48 -46.62 -27.82
C LEU E 14 -1.53 -46.72 -29.01
N GLU E 15 -1.97 -47.34 -30.10
CA GLU E 15 -1.11 -47.71 -31.22
C GLU E 15 -1.38 -46.82 -32.44
N VAL E 16 -0.32 -46.19 -32.96
CA VAL E 16 -0.47 -45.15 -33.98
C VAL E 16 -0.47 -45.76 -35.38
N LEU E 17 -1.56 -45.52 -36.12
CA LEU E 17 -1.66 -45.90 -37.52
C LEU E 17 -1.25 -44.80 -38.49
N PHE E 18 -1.14 -43.56 -38.01
CA PHE E 18 -0.81 -42.39 -38.84
C PHE E 18 0.13 -41.49 -38.06
N GLN E 19 1.27 -41.13 -38.68
CA GLN E 19 2.31 -40.38 -38.00
C GLN E 19 2.34 -38.92 -38.39
N GLY E 20 1.42 -38.45 -39.23
CA GLY E 20 1.40 -37.06 -39.63
C GLY E 20 0.68 -36.15 -38.66
N PRO E 21 0.52 -34.89 -39.04
CA PRO E 21 -0.10 -33.92 -38.13
C PRO E 21 -1.54 -34.26 -37.75
N HIS E 22 -2.00 -33.63 -36.67
CA HIS E 22 -3.34 -33.85 -36.14
C HIS E 22 -4.35 -32.92 -36.81
N MET E 23 -5.62 -33.30 -36.74
CA MET E 23 -6.65 -32.59 -37.48
C MET E 23 -7.16 -31.36 -36.76
N PHE E 24 -6.79 -31.17 -35.50
CA PHE E 24 -7.31 -30.01 -34.78
C PHE E 24 -6.52 -28.73 -35.13
N GLU E 25 -7.10 -27.60 -34.72
CA GLU E 25 -6.44 -26.31 -34.71
C GLU E 25 -6.27 -25.86 -33.27
N LEU E 26 -5.15 -25.19 -32.99
CA LEU E 26 -4.85 -24.78 -31.63
C LEU E 26 -3.88 -23.60 -31.71
N SER E 27 -4.44 -22.38 -31.65
CA SER E 27 -3.65 -21.16 -31.70
C SER E 27 -3.61 -20.41 -30.38
N ASP E 28 -4.51 -20.71 -29.44
CA ASP E 28 -4.50 -20.13 -28.10
C ASP E 28 -5.02 -21.20 -27.15
N VAL E 29 -4.71 -21.05 -25.87
CA VAL E 29 -5.17 -21.97 -24.83
C VAL E 29 -5.92 -21.13 -23.82
N ILE E 30 -7.25 -21.10 -23.94
CA ILE E 30 -8.09 -20.11 -23.31
C ILE E 30 -9.15 -20.72 -22.43
N GLU E 31 -9.79 -21.80 -22.87
CA GLU E 31 -10.95 -22.30 -22.13
C GLU E 31 -11.10 -23.78 -22.41
N GLY E 32 -11.66 -24.49 -21.42
CA GLY E 32 -11.77 -25.95 -21.49
C GLY E 32 -12.45 -26.45 -22.75
N LYS E 33 -13.56 -25.84 -23.17
CA LYS E 33 -14.33 -26.41 -24.30
C LYS E 33 -13.44 -26.65 -25.51
N GLN E 34 -12.41 -25.84 -25.67
CA GLN E 34 -11.45 -26.06 -26.74
C GLN E 34 -11.03 -27.50 -26.91
N PHE E 35 -10.92 -28.21 -25.81
CA PHE E 35 -10.20 -29.47 -25.78
C PHE E 35 -11.17 -30.61 -26.02
N ASP E 36 -11.08 -31.22 -27.21
CA ASP E 36 -11.72 -32.50 -27.48
C ASP E 36 -10.75 -33.62 -27.12
N ARG E 37 -11.22 -34.87 -27.20
CA ARG E 37 -10.39 -35.99 -26.83
C ARG E 37 -9.14 -36.06 -27.71
N GLU E 38 -9.26 -35.70 -29.00
CA GLU E 38 -8.10 -35.77 -29.87
C GLU E 38 -7.00 -34.83 -29.39
N MET E 39 -7.36 -33.62 -28.96
CA MET E 39 -6.40 -32.68 -28.40
C MET E 39 -5.86 -33.14 -27.06
N LEU E 40 -6.70 -33.75 -26.22
CA LEU E 40 -6.18 -34.36 -25.00
C LEU E 40 -5.20 -35.48 -25.31
N SER E 41 -5.49 -36.29 -26.34
CA SER E 41 -4.54 -37.35 -26.66
C SER E 41 -3.25 -36.77 -27.19
N ALA E 42 -3.36 -35.80 -28.09
CA ALA E 42 -2.18 -35.17 -28.64
C ALA E 42 -1.36 -34.50 -27.54
N ILE E 43 -2.04 -33.70 -26.69
CA ILE E 43 -1.33 -32.94 -25.67
C ILE E 43 -0.70 -33.89 -24.67
N PHE E 44 -1.41 -34.97 -24.32
CA PHE E 44 -0.86 -35.94 -23.37
C PHE E 44 0.28 -36.75 -24.00
N ASP E 45 0.14 -37.10 -25.29
CA ASP E 45 1.24 -37.76 -25.98
C ASP E 45 2.50 -36.91 -25.94
N VAL E 46 2.38 -35.62 -26.28
CA VAL E 46 3.54 -34.73 -26.32
C VAL E 46 4.08 -34.51 -24.92
N ALA E 47 3.20 -34.41 -23.94
CA ALA E 47 3.66 -34.19 -22.58
C ALA E 47 4.59 -35.33 -22.15
N ARG E 48 4.25 -36.57 -22.51
CA ARG E 48 5.07 -37.69 -22.09
C ARG E 48 6.44 -37.64 -22.76
N GLU E 49 6.53 -37.03 -23.94
CA GLU E 49 7.83 -36.85 -24.60
C GLU E 49 8.65 -35.74 -23.93
N MET E 50 7.97 -34.67 -23.48
CA MET E 50 8.66 -33.62 -22.74
C MET E 50 9.23 -34.14 -21.42
N GLU E 51 8.49 -35.05 -20.75
CA GLU E 51 9.00 -35.68 -19.54
C GLU E 51 10.36 -36.33 -19.78
N LYS E 52 10.47 -37.06 -20.89
CA LYS E 52 11.77 -37.52 -21.31
C LYS E 52 12.76 -36.38 -21.39
N ILE E 53 12.37 -35.28 -22.04
CA ILE E 53 13.29 -34.18 -22.29
C ILE E 53 13.72 -33.53 -20.99
N GLU E 54 12.80 -33.38 -20.04
CA GLU E 54 13.18 -32.76 -18.78
C GLU E 54 14.15 -33.63 -18.00
N LYS E 55 13.91 -34.97 -17.97
CA LYS E 55 14.78 -35.89 -17.26
C LYS E 55 16.13 -36.03 -17.95
N SER E 56 16.13 -35.87 -19.27
CA SER E 56 17.37 -35.87 -20.05
C SER E 56 18.35 -34.83 -19.51
N SER E 57 19.63 -35.08 -19.73
CA SER E 57 20.70 -34.29 -19.13
C SER E 57 21.38 -33.37 -20.15
N SER E 58 20.84 -33.27 -21.36
CA SER E 58 21.38 -32.39 -22.39
C SER E 58 20.33 -31.38 -22.82
N GLN E 59 20.71 -30.10 -22.85
CA GLN E 59 19.76 -29.01 -22.96
C GLN E 59 19.14 -28.98 -24.35
N SER E 60 17.81 -28.99 -24.37
CA SER E 60 17.02 -28.97 -25.59
C SER E 60 17.03 -27.59 -26.22
N GLU E 61 16.81 -27.58 -27.53
CA GLU E 61 16.83 -26.33 -28.30
C GLU E 61 15.66 -26.29 -29.29
N ILE E 62 14.54 -26.92 -28.91
CA ILE E 62 13.34 -26.93 -29.74
C ILE E 62 12.82 -25.51 -29.97
N LEU E 63 12.79 -24.71 -28.90
CA LEU E 63 12.27 -23.35 -28.95
C LEU E 63 13.38 -22.31 -28.81
N LYS E 64 14.58 -22.65 -29.28
CA LYS E 64 15.62 -21.65 -29.46
C LYS E 64 15.11 -20.59 -30.43
N GLY E 65 15.29 -19.34 -30.07
CA GLY E 65 14.87 -18.23 -30.90
C GLY E 65 13.53 -17.66 -30.52
N TYR E 66 12.73 -18.39 -29.76
CA TYR E 66 11.43 -17.91 -29.36
C TYR E 66 11.49 -17.20 -28.01
N LEU E 67 10.60 -16.22 -27.86
CA LEU E 67 10.52 -15.41 -26.65
C LEU E 67 9.11 -15.51 -26.10
N MET E 68 8.99 -15.96 -24.87
CA MET E 68 7.72 -15.92 -24.16
C MET E 68 7.60 -14.61 -23.37
N ALA E 69 6.45 -13.95 -23.47
CA ALA E 69 6.16 -12.80 -22.61
C ALA E 69 5.20 -13.21 -21.51
N THR E 70 5.54 -12.91 -20.28
CA THR E 70 4.86 -13.40 -19.10
C THR E 70 4.19 -12.24 -18.40
N LEU E 71 2.90 -12.12 -18.56
CA LEU E 71 2.14 -11.03 -17.98
C LEU E 71 1.22 -11.54 -16.88
N PHE E 72 1.65 -11.39 -15.64
CA PHE E 72 0.88 -11.85 -14.49
C PHE E 72 0.28 -10.65 -13.75
N TYR E 73 -0.96 -10.34 -14.09
CA TYR E 73 -1.67 -9.28 -13.38
C TYR E 73 -2.03 -9.71 -11.97
N GLU E 74 -2.49 -10.95 -11.82
CA GLU E 74 -2.70 -11.59 -10.55
C GLU E 74 -1.45 -12.43 -10.29
N PRO E 75 -0.53 -11.99 -9.43
CA PRO E 75 0.74 -12.70 -9.25
C PRO E 75 0.54 -14.10 -8.66
N SER E 76 1.16 -15.08 -9.30
CA SER E 76 1.24 -16.43 -8.77
C SER E 76 2.64 -16.93 -9.04
N THR E 77 3.48 -17.04 -7.99
CA THR E 77 4.85 -17.51 -8.18
C THR E 77 4.86 -18.95 -8.67
N ARG E 78 3.91 -19.75 -8.21
CA ARG E 78 3.92 -21.15 -8.59
C ARG E 78 3.58 -21.33 -10.06
N THR E 79 2.52 -20.67 -10.55
CA THR E 79 2.07 -20.87 -11.92
C THR E 79 3.06 -20.27 -12.91
N ARG E 80 3.55 -19.06 -12.63
CA ARG E 80 4.44 -18.38 -13.55
C ARG E 80 5.72 -19.19 -13.79
N LEU E 81 6.52 -19.44 -12.74
CA LEU E 81 7.74 -20.25 -12.89
C LEU E 81 7.48 -21.58 -13.63
N SER E 82 6.31 -22.18 -13.45
CA SER E 82 6.00 -23.37 -14.22
C SER E 82 6.06 -23.10 -15.72
N PHE E 83 5.49 -21.96 -16.16
CA PHE E 83 5.51 -21.61 -17.58
C PHE E 83 6.88 -21.16 -18.02
N GLU E 84 7.56 -20.33 -17.21
CA GLU E 84 8.89 -19.82 -17.55
C GLU E 84 9.89 -20.96 -17.67
N SER E 85 9.90 -21.84 -16.66
CA SER E 85 10.69 -23.06 -16.70
C SER E 85 10.41 -23.86 -17.96
N ALA E 86 9.13 -24.22 -18.17
CA ALA E 86 8.76 -24.95 -19.38
C ALA E 86 9.38 -24.30 -20.61
N MET E 87 9.30 -22.98 -20.74
CA MET E 87 9.90 -22.33 -21.91
C MET E 87 11.41 -22.52 -21.95
N LYS E 88 12.07 -22.30 -20.82
CA LYS E 88 13.52 -22.34 -20.79
C LYS E 88 14.07 -23.75 -20.83
N ARG E 89 13.28 -24.74 -20.42
CA ARG E 89 13.66 -26.14 -20.57
C ARG E 89 13.64 -26.57 -22.03
N LEU E 90 12.85 -25.90 -22.88
CA LEU E 90 12.86 -26.17 -24.31
C LEU E 90 13.73 -25.16 -25.04
N GLY E 91 14.60 -24.47 -24.33
CA GLY E 91 15.58 -23.64 -25.00
C GLY E 91 15.07 -22.28 -25.40
N GLY E 92 13.84 -21.94 -25.05
CA GLY E 92 13.33 -20.60 -25.24
C GLY E 92 13.83 -19.63 -24.18
N GLU E 93 13.40 -18.38 -24.31
CA GLU E 93 13.74 -17.33 -23.35
C GLU E 93 12.48 -16.57 -22.95
N VAL E 94 12.62 -15.81 -21.88
CA VAL E 94 11.48 -15.29 -21.14
C VAL E 94 11.74 -13.83 -20.82
N LEU E 95 10.79 -12.96 -21.18
CA LEU E 95 10.73 -11.59 -20.70
C LEU E 95 9.69 -11.61 -19.59
N THR E 96 10.12 -11.65 -18.34
CA THR E 96 9.19 -11.83 -17.23
C THR E 96 8.69 -10.51 -16.65
N THR E 97 7.42 -10.51 -16.26
CA THR E 97 6.85 -9.44 -15.44
C THR E 97 5.92 -10.10 -14.43
N GLU E 98 6.38 -10.14 -13.19
CA GLU E 98 5.67 -10.80 -12.09
C GLU E 98 4.33 -10.10 -11.79
N ASN E 99 4.39 -8.79 -11.54
CA ASN E 99 3.24 -7.99 -11.16
C ASN E 99 3.07 -6.97 -12.27
N ALA E 100 2.09 -7.21 -13.13
CA ALA E 100 1.81 -6.32 -14.24
C ALA E 100 0.70 -5.34 -13.93
N ARG E 101 0.15 -5.39 -12.72
CA ARG E 101 -0.89 -4.46 -12.30
C ARG E 101 -0.29 -3.07 -12.09
N GLU E 102 -1.12 -2.04 -12.29
CA GLU E 102 -0.68 -0.64 -12.15
C GLU E 102 -1.72 0.19 -11.37
N GLY E 109 -4.76 3.43 -16.19
CA GLY E 109 -4.87 2.15 -16.87
C GLY E 109 -5.04 2.33 -18.37
N GLU E 110 -4.24 1.63 -19.16
CA GLU E 110 -4.24 1.85 -20.61
C GLU E 110 -5.09 0.84 -21.36
N THR E 111 -5.85 0.01 -20.66
CA THR E 111 -6.65 -1.06 -21.29
C THR E 111 -5.74 -2.20 -21.72
N LEU E 112 -6.31 -3.38 -21.91
CA LEU E 112 -5.50 -4.57 -22.16
C LEU E 112 -5.10 -4.72 -23.62
N GLU E 113 -5.98 -4.32 -24.54
CA GLU E 113 -5.69 -4.48 -25.95
C GLU E 113 -4.50 -3.62 -26.38
N ASP E 114 -4.38 -2.40 -25.84
CA ASP E 114 -3.20 -1.60 -26.10
C ASP E 114 -1.98 -2.29 -25.52
N THR E 115 -2.13 -2.95 -24.39
CA THR E 115 -0.98 -3.61 -23.82
C THR E 115 -0.60 -4.85 -24.62
N ILE E 116 -1.58 -5.63 -25.07
CA ILE E 116 -1.27 -6.83 -25.84
C ILE E 116 -0.66 -6.45 -27.18
N ARG E 117 -1.33 -5.56 -27.92
CA ARG E 117 -0.85 -5.21 -29.26
C ARG E 117 0.55 -4.66 -29.22
N THR E 118 0.97 -4.07 -28.10
CA THR E 118 2.34 -3.63 -27.97
C THR E 118 3.27 -4.78 -27.62
N VAL E 119 2.89 -5.55 -26.61
CA VAL E 119 3.74 -6.63 -26.14
C VAL E 119 3.94 -7.68 -27.22
N GLU E 120 2.95 -7.90 -28.09
CA GLU E 120 3.12 -8.92 -29.11
C GLU E 120 4.24 -8.57 -30.08
N GLY E 121 4.58 -7.28 -30.20
CA GLY E 121 5.72 -6.87 -30.99
C GLY E 121 7.02 -7.30 -30.40
N TYR E 122 7.05 -7.54 -29.09
CA TYR E 122 8.27 -7.81 -28.36
C TYR E 122 8.48 -9.27 -28.09
N SER E 123 7.59 -10.15 -28.54
CA SER E 123 7.65 -11.55 -28.12
C SER E 123 7.03 -12.45 -29.18
N ASP E 124 7.09 -13.77 -28.94
CA ASP E 124 6.44 -14.75 -29.81
C ASP E 124 5.24 -15.44 -29.18
N ILE E 125 5.12 -15.40 -27.85
CA ILE E 125 4.00 -16.03 -27.15
C ILE E 125 3.79 -15.23 -25.86
N ILE E 126 2.53 -15.17 -25.42
CA ILE E 126 2.13 -14.44 -24.23
C ILE E 126 1.43 -15.42 -23.30
N VAL E 127 1.81 -15.41 -22.03
CA VAL E 127 1.17 -16.19 -20.99
C VAL E 127 0.63 -15.19 -19.97
N MET E 128 -0.66 -14.93 -19.98
CA MET E 128 -1.27 -13.97 -19.09
C MET E 128 -2.06 -14.65 -17.98
N ARG E 129 -2.04 -14.05 -16.79
CA ARG E 129 -2.89 -14.47 -15.69
C ARG E 129 -3.55 -13.21 -15.19
N HIS E 130 -4.85 -13.09 -15.35
CA HIS E 130 -5.58 -11.91 -14.93
C HIS E 130 -6.35 -12.18 -13.66
N PHE E 131 -6.77 -11.09 -13.01
CA PHE E 131 -7.72 -11.11 -11.90
C PHE E 131 -9.16 -10.96 -12.34
N GLU E 132 -9.38 -10.48 -13.57
CA GLU E 132 -10.68 -10.18 -14.13
C GLU E 132 -11.06 -11.22 -15.19
N SER E 133 -12.32 -11.65 -15.18
CA SER E 133 -12.75 -12.65 -16.13
C SER E 133 -12.97 -12.05 -17.51
N GLY E 134 -12.71 -12.86 -18.52
CA GLY E 134 -12.82 -12.46 -19.92
C GLY E 134 -11.61 -11.74 -20.49
N ALA E 135 -10.55 -11.57 -19.72
CA ALA E 135 -9.35 -10.93 -20.27
C ALA E 135 -8.56 -11.87 -21.16
N ALA E 136 -8.50 -13.15 -20.80
CA ALA E 136 -7.84 -14.13 -21.65
C ALA E 136 -8.42 -14.10 -23.06
N ARG E 137 -9.75 -14.04 -23.19
CA ARG E 137 -10.38 -14.05 -24.50
C ARG E 137 -10.08 -12.76 -25.26
N LYS E 138 -9.99 -11.62 -24.54
CA LYS E 138 -9.69 -10.34 -25.17
C LYS E 138 -8.30 -10.35 -25.76
N ALA E 139 -7.32 -10.86 -25.00
CA ALA E 139 -5.95 -10.92 -25.49
C ALA E 139 -5.81 -11.88 -26.68
N ALA E 140 -6.47 -13.03 -26.62
CA ALA E 140 -6.39 -13.98 -27.72
C ALA E 140 -6.90 -13.38 -29.02
N ALA E 141 -7.93 -12.53 -28.93
CA ALA E 141 -8.50 -11.97 -30.14
C ALA E 141 -7.69 -10.78 -30.63
N THR E 142 -7.10 -10.02 -29.68
CA THR E 142 -6.34 -8.81 -29.99
C THR E 142 -4.97 -9.14 -30.57
N ALA E 143 -4.40 -10.26 -30.14
CA ALA E 143 -3.05 -10.63 -30.53
C ALA E 143 -3.09 -11.38 -31.85
N ASN E 144 -1.97 -11.31 -32.56
CA ASN E 144 -1.74 -12.15 -33.71
C ASN E 144 -0.62 -13.14 -33.44
N ILE E 145 -0.31 -13.37 -32.16
CA ILE E 145 0.56 -14.45 -31.70
C ILE E 145 -0.24 -15.33 -30.73
N PRO E 146 0.26 -16.50 -30.35
CA PRO E 146 -0.49 -17.34 -29.40
C PRO E 146 -0.51 -16.75 -28.00
N VAL E 147 -1.64 -16.97 -27.32
CA VAL E 147 -1.85 -16.55 -25.94
C VAL E 147 -2.29 -17.74 -25.10
N ILE E 148 -1.71 -17.90 -23.92
CA ILE E 148 -2.05 -18.98 -23.01
C ILE E 148 -2.67 -18.34 -21.78
N ASN E 149 -3.81 -18.89 -21.35
CA ASN E 149 -4.55 -18.45 -20.17
C ASN E 149 -3.96 -19.14 -18.94
N ALA E 150 -3.21 -18.37 -18.16
CA ALA E 150 -2.64 -18.86 -16.92
C ALA E 150 -3.57 -18.67 -15.75
N GLY E 151 -4.83 -18.36 -16.03
CA GLY E 151 -5.81 -18.12 -14.99
C GLY E 151 -6.58 -16.85 -15.19
N ASP E 152 -7.84 -16.96 -15.60
CA ASP E 152 -8.67 -15.80 -15.91
C ASP E 152 -9.47 -15.36 -14.69
N GLY E 153 -8.76 -15.03 -13.63
CA GLY E 153 -9.39 -14.62 -12.41
C GLY E 153 -10.40 -15.64 -11.92
N PRO E 154 -11.64 -15.21 -11.66
CA PRO E 154 -12.69 -16.16 -11.27
C PRO E 154 -13.23 -17.00 -12.41
N GLY E 155 -12.59 -16.94 -13.57
CA GLY E 155 -13.02 -17.67 -14.74
C GLY E 155 -12.20 -18.92 -14.95
N GLU E 156 -11.94 -19.22 -16.22
CA GLU E 156 -11.27 -20.47 -16.61
C GLU E 156 -9.82 -20.46 -16.15
N HIS E 157 -9.31 -21.65 -15.82
CA HIS E 157 -7.88 -21.88 -15.60
C HIS E 157 -7.64 -23.20 -16.33
N PRO E 158 -7.40 -23.13 -17.65
CA PRO E 158 -7.39 -24.38 -18.43
C PRO E 158 -6.15 -25.22 -18.22
N THR E 159 -4.94 -24.64 -18.15
CA THR E 159 -3.73 -25.45 -17.92
C THR E 159 -3.81 -26.22 -16.60
N GLN E 160 -4.50 -25.66 -15.61
CA GLN E 160 -4.73 -26.43 -14.39
C GLN E 160 -5.62 -27.63 -14.68
N ALA E 161 -6.77 -27.41 -15.32
CA ALA E 161 -7.66 -28.52 -15.65
C ALA E 161 -6.95 -29.57 -16.48
N LEU E 162 -6.13 -29.15 -17.44
CA LEU E 162 -5.42 -30.12 -18.26
C LEU E 162 -4.48 -30.98 -17.43
N LEU E 163 -3.65 -30.35 -16.58
CA LEU E 163 -2.70 -31.12 -15.79
C LEU E 163 -3.39 -31.92 -14.70
N ASP E 164 -4.62 -31.55 -14.30
CA ASP E 164 -5.39 -32.40 -13.41
C ASP E 164 -5.73 -33.72 -14.09
N VAL E 165 -6.26 -33.66 -15.31
CA VAL E 165 -6.67 -34.87 -16.01
C VAL E 165 -5.47 -35.72 -16.35
N TYR E 166 -4.42 -35.07 -16.88
CA TYR E 166 -3.21 -35.80 -17.25
C TYR E 166 -2.61 -36.50 -16.06
N THR E 167 -2.77 -35.95 -14.86
CA THR E 167 -2.25 -36.62 -13.67
C THR E 167 -3.10 -37.84 -13.28
N ILE E 168 -4.42 -37.76 -13.46
CA ILE E 168 -5.24 -38.92 -13.15
C ILE E 168 -4.84 -40.09 -14.03
N GLN E 169 -4.73 -39.85 -15.34
CA GLN E 169 -4.32 -40.91 -16.25
C GLN E 169 -2.92 -41.41 -15.89
N SER E 170 -2.06 -40.50 -15.49
CA SER E 170 -0.68 -40.86 -15.21
C SER E 170 -0.58 -41.79 -14.01
N GLU E 171 -1.25 -41.43 -12.91
CA GLU E 171 -1.19 -42.24 -11.70
C GLU E 171 -2.09 -43.47 -11.85
N ILE E 172 -3.36 -43.27 -12.14
CA ILE E 172 -4.31 -44.39 -12.16
C ILE E 172 -4.26 -45.26 -13.41
N GLY E 173 -3.57 -44.81 -14.47
CA GLY E 173 -3.39 -45.55 -15.71
C GLY E 173 -4.49 -45.33 -16.73
N LYS E 174 -5.69 -44.97 -16.28
CA LYS E 174 -6.82 -44.84 -17.17
C LYS E 174 -7.66 -43.63 -16.79
N LEU E 175 -8.53 -43.20 -17.71
CA LEU E 175 -9.55 -42.20 -17.42
C LEU E 175 -10.95 -42.76 -17.56
N ASP E 176 -11.16 -43.73 -18.45
CA ASP E 176 -12.44 -44.42 -18.49
C ASP E 176 -12.65 -45.20 -17.20
N GLY E 177 -13.91 -45.35 -16.82
CA GLY E 177 -14.27 -46.16 -15.69
C GLY E 177 -13.54 -45.88 -14.38
N ILE E 178 -13.47 -44.60 -14.00
CA ILE E 178 -12.88 -44.20 -12.73
C ILE E 178 -13.94 -43.45 -11.94
N SER E 179 -13.74 -43.42 -10.63
CA SER E 179 -14.56 -42.65 -9.71
C SER E 179 -13.71 -41.56 -9.10
N VAL E 180 -14.23 -40.33 -9.11
CA VAL E 180 -13.48 -39.15 -8.73
C VAL E 180 -14.29 -38.37 -7.72
N ALA E 181 -13.70 -38.04 -6.58
CA ALA E 181 -14.34 -37.23 -5.57
C ALA E 181 -13.89 -35.79 -5.71
N LEU E 182 -14.82 -34.88 -5.80
CA LEU E 182 -14.53 -33.45 -5.82
C LEU E 182 -14.98 -32.91 -4.47
N VAL E 183 -14.03 -32.42 -3.66
CA VAL E 183 -14.29 -32.06 -2.27
C VAL E 183 -14.06 -30.57 -2.11
N GLY E 184 -14.85 -29.93 -1.27
CA GLY E 184 -14.59 -28.55 -0.95
C GLY E 184 -15.63 -27.56 -1.43
N ASP E 185 -15.19 -26.37 -1.84
CA ASP E 185 -16.07 -25.33 -2.35
C ASP E 185 -16.39 -25.68 -3.80
N LEU E 186 -17.53 -26.30 -4.02
CA LEU E 186 -17.94 -26.68 -5.36
C LEU E 186 -18.81 -25.61 -6.00
N ALA E 187 -19.56 -24.84 -5.21
CA ALA E 187 -20.28 -23.72 -5.79
C ALA E 187 -19.32 -22.73 -6.46
N ASN E 188 -18.30 -22.29 -5.73
CA ASN E 188 -17.38 -21.28 -6.21
C ASN E 188 -15.99 -21.85 -6.54
N GLY E 189 -15.91 -23.14 -6.77
CA GLY E 189 -14.62 -23.72 -7.09
C GLY E 189 -14.30 -23.65 -8.56
N ARG E 190 -13.36 -22.77 -8.94
CA ARG E 190 -13.04 -22.63 -10.36
C ARG E 190 -12.42 -23.89 -10.91
N THR E 191 -11.59 -24.56 -10.10
CA THR E 191 -10.85 -25.73 -10.56
C THR E 191 -11.76 -26.94 -10.73
N VAL E 192 -12.62 -27.22 -9.76
CA VAL E 192 -13.34 -28.49 -9.78
C VAL E 192 -14.33 -28.53 -10.92
N ARG E 193 -14.95 -27.39 -11.24
CA ARG E 193 -15.89 -27.35 -12.35
C ARG E 193 -15.20 -27.66 -13.66
N SER E 194 -14.06 -27.02 -13.92
CA SER E 194 -13.28 -27.32 -15.11
C SER E 194 -12.93 -28.79 -15.19
N LEU E 195 -12.51 -29.37 -14.07
CA LEU E 195 -12.13 -30.78 -14.07
C LEU E 195 -13.31 -31.67 -14.39
N ALA E 196 -14.44 -31.46 -13.71
CA ALA E 196 -15.66 -32.20 -14.02
C ALA E 196 -16.03 -32.10 -15.50
N TYR E 197 -15.88 -30.90 -16.08
CA TYR E 197 -16.20 -30.72 -17.49
C TYR E 197 -15.28 -31.56 -18.36
N LEU E 198 -14.00 -31.68 -17.98
CA LEU E 198 -13.08 -32.45 -18.81
C LEU E 198 -13.14 -33.93 -18.54
N LEU E 199 -13.47 -34.36 -17.31
CA LEU E 199 -13.75 -35.78 -17.05
C LEU E 199 -15.04 -36.25 -17.68
N ALA E 200 -15.99 -35.35 -17.92
CA ALA E 200 -17.23 -35.71 -18.58
C ALA E 200 -17.00 -36.25 -19.98
N LYS E 201 -15.88 -35.92 -20.60
CA LYS E 201 -15.65 -36.32 -21.98
C LYS E 201 -15.23 -37.76 -22.12
N PHE E 202 -15.20 -38.52 -21.02
CA PHE E 202 -14.78 -39.91 -21.02
C PHE E 202 -15.93 -40.82 -20.59
N LYS E 203 -15.66 -42.11 -20.62
CA LYS E 203 -16.68 -43.14 -20.48
C LYS E 203 -16.69 -43.70 -19.07
N ASP E 204 -17.90 -43.87 -18.53
CA ASP E 204 -18.12 -44.60 -17.27
C ASP E 204 -17.40 -43.92 -16.10
N VAL E 205 -17.40 -42.61 -16.08
CA VAL E 205 -16.79 -41.87 -14.99
C VAL E 205 -17.87 -41.54 -13.98
N LYS E 206 -17.60 -41.82 -12.71
CA LYS E 206 -18.48 -41.44 -11.61
C LYS E 206 -17.87 -40.27 -10.84
N ILE E 207 -18.68 -39.27 -10.53
CA ILE E 207 -18.22 -38.06 -9.84
C ILE E 207 -18.98 -37.91 -8.54
N TYR E 208 -18.25 -37.76 -7.42
CA TYR E 208 -18.87 -37.52 -6.13
C TYR E 208 -18.67 -36.06 -5.77
N PHE E 209 -19.76 -35.37 -5.43
CA PHE E 209 -19.71 -33.99 -4.97
C PHE E 209 -19.75 -33.98 -3.44
N VAL E 210 -18.56 -34.05 -2.83
CA VAL E 210 -18.44 -34.06 -1.37
C VAL E 210 -18.30 -32.62 -0.89
N SER E 211 -19.36 -32.09 -0.26
CA SER E 211 -19.39 -30.71 0.20
C SER E 211 -20.50 -30.55 1.23
N PRO E 212 -20.46 -29.49 2.03
CA PRO E 212 -21.66 -29.06 2.75
C PRO E 212 -22.70 -28.49 1.80
N GLU E 213 -23.94 -28.39 2.30
CA GLU E 213 -25.03 -27.90 1.47
C GLU E 213 -24.76 -26.49 0.97
N ILE E 214 -24.09 -25.65 1.78
CA ILE E 214 -23.95 -24.23 1.42
C ILE E 214 -23.15 -24.06 0.15
N VAL E 215 -22.21 -24.96 -0.11
CA VAL E 215 -21.34 -24.80 -1.26
C VAL E 215 -21.38 -25.99 -2.21
N LYS E 216 -22.54 -26.64 -2.32
CA LYS E 216 -22.66 -27.77 -3.24
C LYS E 216 -22.56 -27.26 -4.67
N MET E 217 -22.26 -28.18 -5.59
CA MET E 217 -22.00 -27.78 -6.97
C MET E 217 -23.23 -27.09 -7.58
N LYS E 218 -22.98 -26.15 -8.48
CA LYS E 218 -24.06 -25.39 -9.09
C LYS E 218 -24.80 -26.24 -10.11
N ASP E 219 -26.08 -25.91 -10.32
CA ASP E 219 -26.93 -26.77 -11.14
C ASP E 219 -26.49 -26.82 -12.58
N ASP E 220 -25.74 -25.81 -13.05
CA ASP E 220 -25.32 -25.83 -14.46
C ASP E 220 -24.28 -26.91 -14.73
N ILE E 221 -23.48 -27.29 -13.73
CA ILE E 221 -22.56 -28.41 -13.89
C ILE E 221 -23.30 -29.73 -13.72
N LYS E 222 -24.13 -29.82 -12.68
CA LYS E 222 -24.94 -31.01 -12.48
C LYS E 222 -25.80 -31.33 -13.71
N ASP E 223 -26.29 -30.29 -14.38
CA ASP E 223 -27.01 -30.49 -15.64
C ASP E 223 -26.10 -31.08 -16.70
N TYR E 224 -24.98 -30.39 -17.02
CA TYR E 224 -24.09 -30.86 -18.08
C TYR E 224 -23.67 -32.30 -17.86
N LEU E 225 -23.44 -32.71 -16.62
CA LEU E 225 -23.07 -34.09 -16.37
C LEU E 225 -24.26 -35.03 -16.59
N THR E 226 -25.49 -34.54 -16.53
CA THR E 226 -26.62 -35.40 -16.85
C THR E 226 -26.87 -35.46 -18.35
N SER E 227 -26.79 -34.31 -19.01
CA SER E 227 -26.88 -34.30 -20.47
C SER E 227 -25.90 -35.31 -21.07
N SER E 228 -24.64 -35.28 -20.62
CA SER E 228 -23.58 -36.13 -21.15
C SER E 228 -23.44 -37.44 -20.39
N GLY E 229 -24.55 -37.95 -19.83
CA GLY E 229 -24.62 -39.29 -19.29
C GLY E 229 -23.74 -39.60 -18.10
N VAL E 230 -22.97 -38.65 -17.59
CA VAL E 230 -22.07 -38.95 -16.50
C VAL E 230 -22.88 -39.16 -15.23
N GLU E 231 -22.50 -40.18 -14.45
CA GLU E 231 -23.15 -40.46 -13.19
C GLU E 231 -22.49 -39.64 -12.07
N TRP E 232 -23.30 -38.98 -11.25
CA TRP E 232 -22.81 -38.18 -10.15
C TRP E 232 -23.73 -38.33 -8.95
N GLU E 233 -23.14 -38.17 -7.76
CA GLU E 233 -23.80 -38.39 -6.48
C GLU E 233 -23.34 -37.32 -5.50
N GLU E 234 -24.25 -36.85 -4.66
CA GLU E 234 -23.90 -35.89 -3.63
C GLU E 234 -23.77 -36.56 -2.28
N SER E 235 -22.99 -35.94 -1.40
CA SER E 235 -22.68 -36.49 -0.09
C SER E 235 -21.97 -35.42 0.70
N SER E 236 -22.26 -35.34 1.99
CA SER E 236 -21.47 -34.53 2.91
C SER E 236 -20.63 -35.40 3.84
N ASP E 237 -20.55 -36.72 3.55
CA ASP E 237 -19.81 -37.70 4.35
C ASP E 237 -18.57 -38.09 3.55
N LEU E 238 -17.50 -37.30 3.68
CA LEU E 238 -16.30 -37.58 2.89
C LEU E 238 -15.76 -38.97 3.19
N MET E 239 -15.85 -39.40 4.45
CA MET E 239 -15.23 -40.67 4.86
C MET E 239 -15.79 -41.84 4.07
N GLU E 240 -17.12 -41.86 3.90
CA GLU E 240 -17.76 -42.94 3.15
C GLU E 240 -17.35 -42.89 1.68
N VAL E 241 -17.32 -41.69 1.08
CA VAL E 241 -16.96 -41.58 -0.33
C VAL E 241 -15.48 -41.93 -0.55
N ALA E 242 -14.60 -41.53 0.38
CA ALA E 242 -13.17 -41.75 0.19
C ALA E 242 -12.85 -43.22 -0.09
N SER E 243 -13.64 -44.14 0.45
CA SER E 243 -13.34 -45.57 0.29
C SER E 243 -13.70 -46.07 -1.10
N LYS E 244 -14.60 -45.40 -1.81
CA LYS E 244 -15.13 -45.88 -3.08
C LYS E 244 -14.47 -45.21 -4.29
N CYS E 245 -13.31 -44.57 -4.12
CA CYS E 245 -12.79 -43.67 -5.12
C CYS E 245 -11.40 -44.04 -5.61
N ASP E 246 -11.16 -43.72 -6.89
CA ASP E 246 -9.81 -43.74 -7.46
C ASP E 246 -9.03 -42.48 -7.12
N VAL E 247 -9.74 -41.37 -6.91
CA VAL E 247 -9.13 -40.04 -6.81
C VAL E 247 -9.95 -39.22 -5.82
N VAL E 248 -9.26 -38.52 -4.93
CA VAL E 248 -9.87 -37.57 -4.01
C VAL E 248 -9.24 -36.22 -4.34
N TYR E 249 -10.05 -35.31 -4.85
CA TYR E 249 -9.61 -34.01 -5.33
C TYR E 249 -10.03 -32.96 -4.31
N GLN E 250 -9.09 -32.56 -3.46
CA GLN E 250 -9.37 -31.72 -2.31
C GLN E 250 -9.25 -30.25 -2.67
N THR E 251 -10.17 -29.44 -2.16
CA THR E 251 -10.03 -28.00 -2.27
C THR E 251 -10.51 -27.39 -0.96
N ARG E 252 -10.02 -26.19 -0.66
CA ARG E 252 -10.33 -25.55 0.61
C ARG E 252 -11.72 -24.92 0.59
N ILE E 253 -12.36 -24.90 1.76
CA ILE E 253 -13.63 -24.22 1.96
C ILE E 253 -13.32 -22.95 2.72
N GLN E 254 -13.45 -21.81 2.06
CA GLN E 254 -13.23 -20.54 2.73
C GLN E 254 -14.35 -20.27 3.73
N ARG E 255 -13.97 -19.75 4.90
CA ARG E 255 -14.99 -19.48 5.89
C ARG E 255 -15.92 -18.36 5.47
N GLU E 256 -15.50 -17.52 4.52
CA GLU E 256 -16.35 -16.40 4.12
C GLU E 256 -17.61 -16.86 3.40
N ARG E 257 -17.64 -18.09 2.89
CA ARG E 257 -18.78 -18.54 2.09
C ARG E 257 -20.01 -18.80 2.94
N PHE E 258 -19.82 -19.16 4.21
CA PHE E 258 -20.97 -19.41 5.06
C PHE E 258 -21.73 -18.13 5.41
N GLY E 259 -21.08 -16.97 5.36
CA GLY E 259 -21.77 -15.74 5.72
C GLY E 259 -22.22 -15.76 7.17
N GLU E 260 -23.48 -15.34 7.37
CA GLU E 260 -24.05 -15.25 8.70
C GLU E 260 -24.21 -16.62 9.34
N ARG E 261 -24.35 -17.67 8.53
CA ARG E 261 -24.57 -19.01 9.05
C ARG E 261 -23.29 -19.56 9.68
N LEU E 262 -22.90 -19.07 10.84
CA LEU E 262 -21.72 -19.63 11.49
C LEU E 262 -22.02 -20.97 12.15
N ASP E 263 -23.30 -21.29 12.42
CA ASP E 263 -23.66 -22.62 12.89
C ASP E 263 -23.25 -23.69 11.89
N LEU E 264 -23.54 -23.46 10.61
CA LEU E 264 -23.18 -24.41 9.57
C LEU E 264 -21.67 -24.54 9.42
N TYR E 265 -20.92 -23.50 9.78
CA TYR E 265 -19.47 -23.61 9.70
C TYR E 265 -18.94 -24.50 10.81
N GLU E 266 -19.49 -24.37 12.01
CA GLU E 266 -19.09 -25.23 13.11
C GLU E 266 -19.28 -26.69 12.74
N ALA E 267 -20.44 -27.02 12.17
CA ALA E 267 -20.75 -28.40 11.85
C ALA E 267 -19.82 -28.95 10.78
N ALA E 268 -19.50 -28.12 9.79
CA ALA E 268 -18.62 -28.55 8.72
C ALA E 268 -17.20 -28.65 9.17
N ARG E 269 -16.79 -27.80 10.11
CA ARG E 269 -15.42 -27.80 10.59
C ARG E 269 -14.98 -29.20 10.96
N GLY E 270 -13.89 -29.65 10.35
CA GLY E 270 -13.27 -30.91 10.70
C GLY E 270 -13.82 -32.12 9.98
N LYS E 271 -14.82 -31.95 9.12
CA LYS E 271 -15.46 -33.07 8.44
C LYS E 271 -15.11 -33.16 6.96
N PHE E 272 -14.33 -32.23 6.42
CA PHE E 272 -13.93 -32.27 5.02
C PHE E 272 -12.41 -32.20 4.88
N ILE E 273 -11.71 -32.68 5.90
CA ILE E 273 -10.28 -32.54 6.01
C ILE E 273 -9.64 -33.87 5.67
N VAL E 274 -8.73 -33.87 4.72
CA VAL E 274 -7.91 -35.04 4.44
C VAL E 274 -6.88 -35.20 5.56
N ASP E 275 -6.88 -36.36 6.21
CA ASP E 275 -5.97 -36.65 7.31
C ASP E 275 -5.54 -38.09 7.16
N LYS E 276 -4.73 -38.58 8.12
CA LYS E 276 -4.34 -40.00 8.10
C LYS E 276 -5.54 -40.91 8.30
N ASP E 277 -6.52 -40.46 9.10
CA ASP E 277 -7.76 -41.23 9.28
C ASP E 277 -8.44 -41.47 7.94
N LEU E 278 -8.64 -40.41 7.15
CA LEU E 278 -9.24 -40.55 5.83
C LEU E 278 -8.44 -41.51 4.98
N LEU E 279 -7.11 -41.40 5.02
CA LEU E 279 -6.28 -42.26 4.18
C LEU E 279 -6.42 -43.72 4.57
N GLY E 280 -6.69 -44.01 5.84
CA GLY E 280 -6.91 -45.38 6.27
C GLY E 280 -8.00 -46.08 5.46
N VAL E 281 -9.17 -45.45 5.39
CA VAL E 281 -10.35 -46.08 4.78
C VAL E 281 -10.24 -46.08 3.26
N MET E 282 -9.19 -45.47 2.72
CA MET E 282 -9.03 -45.28 1.28
C MET E 282 -8.31 -46.47 0.66
N GLN E 283 -8.63 -46.75 -0.61
CA GLN E 283 -8.03 -47.86 -1.33
C GLN E 283 -6.53 -47.64 -1.48
N LYS E 284 -5.81 -48.72 -1.73
CA LYS E 284 -4.35 -48.65 -1.81
C LYS E 284 -3.85 -48.07 -3.13
N LYS E 285 -4.64 -48.15 -4.20
CA LYS E 285 -4.26 -47.58 -5.49
C LYS E 285 -4.85 -46.18 -5.74
N ALA E 286 -5.81 -45.72 -4.95
CA ALA E 286 -6.34 -44.36 -5.09
C ALA E 286 -5.28 -43.32 -4.74
N ILE E 287 -5.55 -42.05 -5.10
CA ILE E 287 -4.60 -40.96 -4.91
C ILE E 287 -5.31 -39.72 -4.37
N ILE E 288 -4.53 -38.86 -3.71
CA ILE E 288 -5.00 -37.57 -3.21
C ILE E 288 -4.43 -36.48 -4.11
N MET E 289 -5.29 -35.58 -4.59
CA MET E 289 -4.87 -34.45 -5.43
C MET E 289 -5.35 -33.13 -4.83
N HIS E 290 -4.53 -32.09 -5.00
CA HIS E 290 -4.86 -30.75 -4.56
C HIS E 290 -4.33 -29.82 -5.63
N PRO E 291 -5.11 -28.81 -6.06
CA PRO E 291 -4.58 -27.87 -7.08
C PRO E 291 -3.57 -26.90 -6.52
N LEU E 292 -3.57 -26.66 -5.19
CA LEU E 292 -2.66 -25.78 -4.45
C LEU E 292 -3.02 -24.31 -4.66
N PRO E 293 -2.72 -23.43 -3.72
CA PRO E 293 -2.07 -23.77 -2.46
C PRO E 293 -3.01 -24.44 -1.45
N ARG E 294 -2.43 -25.26 -0.56
CA ARG E 294 -3.20 -25.97 0.47
C ARG E 294 -2.80 -25.42 1.83
N LEU E 295 -3.79 -25.11 2.67
CA LEU E 295 -3.55 -24.76 4.07
C LEU E 295 -3.72 -26.01 4.91
N ASP E 296 -4.78 -26.07 5.73
CA ASP E 296 -4.94 -27.10 6.75
C ASP E 296 -5.93 -28.20 6.36
N GLU E 297 -6.59 -28.09 5.21
CA GLU E 297 -7.51 -29.13 4.78
C GLU E 297 -6.80 -30.38 4.29
N ILE E 298 -5.48 -30.45 4.38
CA ILE E 298 -4.72 -31.68 4.18
C ILE E 298 -3.60 -31.65 5.20
N THR E 299 -3.56 -32.65 6.10
CA THR E 299 -2.57 -32.63 7.18
C THR E 299 -1.16 -32.98 6.68
N ALA E 300 -0.16 -32.36 7.30
CA ALA E 300 1.19 -32.48 6.77
C ALA E 300 1.70 -33.91 6.83
N ASP E 301 1.21 -34.72 7.78
CA ASP E 301 1.67 -36.10 7.88
C ASP E 301 1.12 -36.96 6.74
N VAL E 302 0.17 -36.45 5.95
CA VAL E 302 -0.26 -37.14 4.74
C VAL E 302 0.81 -37.08 3.68
N ASP E 303 1.69 -36.07 3.76
CA ASP E 303 2.72 -35.86 2.74
C ASP E 303 3.50 -37.14 2.48
N ALA E 304 3.88 -37.87 3.56
CA ALA E 304 4.84 -38.98 3.45
C ALA E 304 4.23 -40.13 2.67
N ASP E 305 2.90 -40.29 2.69
CA ASP E 305 2.22 -41.41 2.06
C ASP E 305 2.40 -41.31 0.55
N PRO E 306 2.70 -42.42 -0.15
CA PRO E 306 2.90 -42.36 -1.63
C PRO E 306 1.64 -42.05 -2.41
N ARG E 307 0.48 -42.01 -1.77
CA ARG E 307 -0.75 -41.66 -2.48
C ARG E 307 -0.96 -40.15 -2.51
N ALA E 308 -0.12 -39.38 -1.82
CA ALA E 308 -0.19 -37.92 -1.81
C ALA E 308 0.46 -37.42 -3.08
N ALA E 309 -0.37 -37.17 -4.10
CA ALA E 309 0.14 -36.89 -5.43
C ALA E 309 0.13 -35.41 -5.78
N TYR E 310 -0.10 -34.53 -4.79
CA TYR E 310 -0.29 -33.12 -5.11
C TYR E 310 1.00 -32.44 -5.58
N PHE E 311 2.17 -32.97 -5.22
CA PHE E 311 3.43 -32.39 -5.63
C PHE E 311 3.90 -32.98 -6.93
N ARG E 312 3.56 -34.26 -7.19
CA ARG E 312 3.74 -34.83 -8.53
C ARG E 312 2.77 -34.18 -9.52
N GLN E 313 1.56 -33.84 -9.05
CA GLN E 313 0.60 -33.07 -9.82
C GLN E 313 1.18 -31.75 -10.27
N ALA E 314 1.85 -31.03 -9.37
CA ALA E 314 2.45 -29.75 -9.76
C ALA E 314 3.54 -29.92 -10.81
N LYS E 315 4.51 -30.83 -10.57
CA LYS E 315 5.54 -31.11 -11.57
C LYS E 315 4.93 -31.53 -12.90
N ASN E 316 3.73 -32.12 -12.88
CA ASN E 316 3.09 -32.42 -14.15
C ASN E 316 2.75 -31.16 -14.91
N GLY E 317 2.43 -30.09 -14.19
CA GLY E 317 2.16 -28.83 -14.83
C GLY E 317 3.27 -28.41 -15.75
N LEU E 318 4.52 -28.74 -15.40
CA LEU E 318 5.65 -28.40 -16.27
C LEU E 318 5.59 -29.15 -17.59
N PHE E 319 5.40 -30.48 -17.54
CA PHE E 319 5.37 -31.26 -18.77
C PHE E 319 4.21 -30.84 -19.68
N ILE E 320 3.05 -30.56 -19.08
CA ILE E 320 1.87 -30.15 -19.85
C ILE E 320 2.10 -28.77 -20.45
N ARG E 321 2.79 -27.88 -19.75
CA ARG E 321 3.00 -26.53 -20.24
C ARG E 321 4.13 -26.47 -21.28
N MET E 322 5.11 -27.36 -21.16
CA MET E 322 6.06 -27.53 -22.25
C MET E 322 5.38 -28.02 -23.52
N ALA E 323 4.47 -29.00 -23.40
CA ALA E 323 3.81 -29.55 -24.57
C ALA E 323 2.95 -28.49 -25.27
N LEU E 324 2.36 -27.59 -24.48
CA LEU E 324 1.52 -26.55 -25.07
C LEU E 324 2.38 -25.54 -25.83
N LEU E 325 3.41 -25.03 -25.18
CA LEU E 325 4.34 -24.17 -25.88
C LEU E 325 4.77 -24.78 -27.20
N LYS E 326 5.13 -26.07 -27.19
CA LYS E 326 5.61 -26.71 -28.41
C LYS E 326 4.55 -26.71 -29.49
N LEU E 327 3.37 -27.23 -29.16
CA LEU E 327 2.29 -27.28 -30.15
C LEU E 327 1.98 -25.89 -30.70
N LEU E 328 2.17 -24.85 -29.88
CA LEU E 328 1.75 -23.51 -30.29
C LEU E 328 2.79 -22.79 -31.14
N LEU E 329 4.07 -23.12 -30.96
CA LEU E 329 5.12 -22.39 -31.64
C LEU E 329 5.73 -23.18 -32.78
N VAL E 330 5.68 -24.51 -32.77
CA VAL E 330 6.31 -25.31 -33.81
C VAL E 330 5.41 -26.39 -34.37
N GLY E 331 4.35 -26.82 -33.68
CA GLY E 331 3.39 -27.73 -34.27
C GLY E 331 3.77 -29.17 -34.04
N TRP E 332 3.40 -30.04 -34.97
CA TRP E 332 3.89 -31.41 -34.92
C TRP E 332 5.13 -31.59 -35.80
N HIS F 22 -2.39 27.56 42.34
CA HIS F 22 -1.10 26.89 42.23
C HIS F 22 -1.08 26.06 40.93
N MET F 23 -0.32 26.50 39.92
CA MET F 23 -0.26 25.79 38.65
C MET F 23 0.74 24.63 38.72
N PHE F 24 0.79 23.86 37.63
CA PHE F 24 1.55 22.62 37.59
C PHE F 24 3.02 22.87 37.31
N GLU F 25 3.87 22.13 38.01
CA GLU F 25 5.31 22.38 37.95
C GLU F 25 5.86 22.10 36.56
N LEU F 26 5.38 21.05 35.91
CA LEU F 26 5.86 20.70 34.56
C LEU F 26 5.02 21.40 33.50
N SER F 27 5.70 21.85 32.44
CA SER F 27 5.04 22.44 31.28
C SER F 27 4.74 21.41 30.20
N ASP F 28 5.51 20.31 30.16
CA ASP F 28 5.37 19.21 29.21
C ASP F 28 5.69 17.91 29.95
N VAL F 29 4.99 16.86 29.55
CA VAL F 29 5.27 15.52 30.05
C VAL F 29 5.95 14.77 28.92
N ILE F 30 7.26 14.55 29.04
CA ILE F 30 8.06 14.07 27.92
C ILE F 30 8.88 12.85 28.34
N GLU F 31 9.22 12.76 29.61
CA GLU F 31 10.16 11.72 30.01
C GLU F 31 10.05 11.49 31.51
N GLY F 32 10.62 10.35 31.95
CA GLY F 32 10.59 9.99 33.36
C GLY F 32 11.48 10.80 34.28
N LYS F 33 12.62 11.28 33.79
CA LYS F 33 13.47 12.10 34.66
C LYS F 33 12.83 13.44 35.04
N GLN F 34 11.65 13.77 34.56
CA GLN F 34 10.95 14.94 35.04
C GLN F 34 10.22 14.70 36.35
N PHE F 35 10.25 13.47 36.86
CA PHE F 35 9.36 13.04 37.93
C PHE F 35 10.16 12.65 39.17
N ASP F 36 9.88 13.34 40.29
CA ASP F 36 10.42 13.02 41.60
C ASP F 36 9.38 12.23 42.40
N ARG F 37 9.85 11.58 43.48
CA ARG F 37 8.95 10.83 44.35
C ARG F 37 7.74 11.68 44.74
N GLU F 38 7.97 12.85 45.33
CA GLU F 38 6.86 13.68 45.80
C GLU F 38 5.93 14.05 44.65
N MET F 39 6.49 14.28 43.46
CA MET F 39 5.65 14.61 42.32
C MET F 39 4.75 13.42 41.96
N LEU F 40 5.29 12.20 42.07
CA LEU F 40 4.49 11.03 41.72
C LEU F 40 3.36 10.83 42.73
N SER F 41 3.65 10.93 44.02
CA SER F 41 2.61 10.75 45.03
C SER F 41 1.42 11.69 44.80
N ALA F 42 1.73 12.95 44.48
CA ALA F 42 0.67 13.94 44.30
C ALA F 42 -0.19 13.61 43.10
N ILE F 43 0.43 13.23 41.98
CA ILE F 43 -0.32 12.92 40.78
C ILE F 43 -1.26 11.75 41.04
N PHE F 44 -0.78 10.73 41.77
CA PHE F 44 -1.60 9.55 42.00
C PHE F 44 -2.83 9.88 42.83
N ASP F 45 -2.69 10.78 43.82
CA ASP F 45 -3.85 11.23 44.58
C ASP F 45 -4.82 11.97 43.66
N VAL F 46 -4.30 12.75 42.72
CA VAL F 46 -5.15 13.35 41.71
C VAL F 46 -5.82 12.27 40.87
N ALA F 47 -5.05 11.27 40.44
CA ALA F 47 -5.63 10.18 39.65
C ALA F 47 -6.83 9.54 40.35
N ARG F 48 -6.72 9.33 41.67
CA ARG F 48 -7.83 8.74 42.41
C ARG F 48 -9.00 9.72 42.51
N GLU F 49 -8.73 11.02 42.61
CA GLU F 49 -9.80 12.00 42.48
C GLU F 49 -10.48 11.92 41.11
N MET F 50 -9.71 11.60 40.06
CA MET F 50 -10.26 11.46 38.72
C MET F 50 -11.09 10.19 38.58
N GLU F 51 -10.73 9.13 39.30
CA GLU F 51 -11.52 7.91 39.27
C GLU F 51 -12.93 8.16 39.76
N LYS F 52 -13.10 9.11 40.68
CA LYS F 52 -14.42 9.39 41.23
C LYS F 52 -15.25 10.21 40.26
N ILE F 53 -14.62 11.10 39.50
CA ILE F 53 -15.34 11.84 38.47
C ILE F 53 -15.86 10.90 37.40
N GLU F 54 -15.09 9.86 37.08
CA GLU F 54 -15.52 8.93 36.03
C GLU F 54 -16.74 8.14 36.49
N LYS F 55 -16.69 7.60 37.70
CA LYS F 55 -17.82 6.84 38.23
C LYS F 55 -19.05 7.71 38.43
N SER F 56 -18.84 9.00 38.64
CA SER F 56 -19.99 9.91 38.73
C SER F 56 -20.86 9.78 37.47
N SER F 57 -22.15 10.06 37.64
CA SER F 57 -23.12 10.00 36.55
C SER F 57 -23.49 11.37 36.00
N SER F 58 -22.85 12.43 36.49
CA SER F 58 -23.05 13.78 35.97
C SER F 58 -21.80 14.19 35.23
N GLN F 59 -22.00 14.91 34.13
CA GLN F 59 -20.89 15.26 33.24
C GLN F 59 -20.06 16.38 33.84
N SER F 60 -18.77 16.11 34.03
CA SER F 60 -17.84 17.11 34.55
C SER F 60 -17.49 18.13 33.48
N GLU F 61 -17.24 19.36 33.91
CA GLU F 61 -16.95 20.46 33.00
C GLU F 61 -15.59 21.10 33.29
N ILE F 62 -14.71 20.38 33.98
CA ILE F 62 -13.47 20.98 34.46
C ILE F 62 -12.69 21.63 33.32
N LEU F 63 -12.58 20.93 32.18
CA LEU F 63 -11.80 21.38 31.02
C LEU F 63 -12.68 21.86 29.86
N LYS F 64 -13.84 22.45 30.18
CA LYS F 64 -14.71 23.03 29.17
C LYS F 64 -14.04 24.23 28.51
N GLY F 65 -14.22 24.34 27.20
CA GLY F 65 -13.55 25.34 26.40
C GLY F 65 -12.14 24.97 25.97
N TYR F 66 -11.59 23.87 26.47
CA TYR F 66 -10.24 23.47 26.12
C TYR F 66 -10.30 22.50 24.96
N LEU F 67 -9.34 22.62 24.05
CA LEU F 67 -9.21 21.75 22.91
C LEU F 67 -7.86 21.03 22.98
N MET F 68 -7.91 19.71 22.90
CA MET F 68 -6.75 18.85 22.71
C MET F 68 -6.60 18.50 21.26
N ALA F 69 -5.36 18.35 20.81
CA ALA F 69 -5.06 17.94 19.44
C ALA F 69 -4.21 16.68 19.52
N THR F 70 -4.74 15.58 18.97
CA THR F 70 -4.11 14.26 18.97
C THR F 70 -3.34 14.07 17.67
N LEU F 71 -2.03 13.88 17.77
CA LEU F 71 -1.15 13.67 16.62
C LEU F 71 -0.53 12.30 16.75
N PHE F 72 -0.95 11.37 15.91
CA PHE F 72 -0.45 10.00 15.98
C PHE F 72 0.25 9.65 14.67
N TYR F 73 1.58 9.79 14.66
CA TYR F 73 2.35 9.35 13.50
C TYR F 73 2.58 7.85 13.54
N GLU F 74 2.62 7.27 14.73
CA GLU F 74 2.53 5.84 14.90
C GLU F 74 1.19 5.58 15.55
N PRO F 75 0.22 4.95 14.89
CA PRO F 75 -1.11 4.88 15.49
C PRO F 75 -1.35 3.68 16.40
N SER F 76 -1.59 3.93 17.69
CA SER F 76 -2.09 2.92 18.61
C SER F 76 -3.53 3.29 18.95
N THR F 77 -4.48 2.41 18.60
CA THR F 77 -5.88 2.69 18.88
C THR F 77 -6.13 2.80 20.38
N ARG F 78 -5.57 1.89 21.16
CA ARG F 78 -5.75 1.94 22.62
C ARG F 78 -5.26 3.25 23.21
N THR F 79 -3.94 3.50 23.11
CA THR F 79 -3.34 4.66 23.74
C THR F 79 -4.07 5.94 23.34
N ARG F 80 -4.42 6.07 22.07
CA ARG F 80 -5.15 7.26 21.66
C ARG F 80 -6.50 7.37 22.35
N LEU F 81 -7.29 6.29 22.30
CA LEU F 81 -8.64 6.35 22.85
C LEU F 81 -8.63 6.63 24.35
N SER F 82 -7.59 6.19 25.06
CA SER F 82 -7.46 6.55 26.47
CA SER F 82 -7.46 6.55 26.47
C SER F 82 -7.36 8.07 26.62
N PHE F 83 -6.46 8.69 25.86
CA PHE F 83 -6.28 10.13 25.93
C PHE F 83 -7.53 10.88 25.48
N GLU F 84 -8.16 10.44 24.38
CA GLU F 84 -9.38 11.12 23.92
C GLU F 84 -10.53 10.95 24.92
N SER F 85 -10.62 9.78 25.56
CA SER F 85 -11.68 9.55 26.52
C SER F 85 -11.47 10.43 27.75
N ALA F 86 -10.21 10.57 28.18
CA ALA F 86 -9.93 11.36 29.37
C ALA F 86 -10.35 12.81 29.18
N MET F 87 -10.18 13.36 27.98
CA MET F 87 -10.43 14.78 27.75
C MET F 87 -11.92 15.08 27.71
N LYS F 88 -12.72 14.19 27.12
CA LYS F 88 -14.16 14.43 27.02
C LYS F 88 -14.86 14.08 28.33
N ARG F 89 -14.31 13.15 29.12
CA ARG F 89 -14.83 12.89 30.46
C ARG F 89 -14.67 14.12 31.35
N LEU F 90 -13.55 14.82 31.20
CA LEU F 90 -13.33 16.05 31.92
C LEU F 90 -13.99 17.27 31.24
N GLY F 91 -14.68 17.09 30.12
CA GLY F 91 -15.48 18.17 29.56
C GLY F 91 -14.85 18.93 28.40
N GLY F 92 -13.66 18.55 27.97
CA GLY F 92 -13.00 19.17 26.83
C GLY F 92 -13.44 18.54 25.54
N GLU F 93 -12.68 18.84 24.48
CA GLU F 93 -12.95 18.21 23.19
C GLU F 93 -11.63 17.90 22.50
N VAL F 94 -11.75 17.28 21.33
CA VAL F 94 -10.63 16.66 20.62
C VAL F 94 -10.66 17.04 19.15
N LEU F 95 -9.48 17.12 18.55
CA LEU F 95 -9.28 17.24 17.11
C LEU F 95 -8.44 16.03 16.71
N THR F 96 -9.10 14.92 16.35
CA THR F 96 -8.45 13.61 16.29
C THR F 96 -7.90 13.33 14.89
N THR F 97 -6.61 13.02 14.84
CA THR F 97 -5.95 12.47 13.66
C THR F 97 -5.21 11.19 14.07
N GLU F 98 -5.68 10.07 13.57
CA GLU F 98 -4.93 8.83 13.58
C GLU F 98 -4.06 8.74 12.33
N ASN F 99 -2.92 8.09 12.45
CA ASN F 99 -2.03 7.94 11.30
C ASN F 99 -1.80 9.29 10.61
N ALA F 100 -1.11 10.19 11.32
CA ALA F 100 -0.73 11.47 10.74
C ALA F 100 0.41 11.35 9.72
N ARG F 101 1.03 10.18 9.61
CA ARG F 101 2.19 10.00 8.75
C ARG F 101 1.79 10.22 7.31
N GLU F 102 2.70 10.86 6.55
CA GLU F 102 2.47 11.14 5.13
C GLU F 102 3.41 10.25 4.27
N GLU F 110 7.69 17.96 5.59
CA GLU F 110 7.38 19.31 6.04
C GLU F 110 7.89 19.59 7.44
N THR F 111 8.83 18.80 7.94
CA THR F 111 9.45 19.03 9.24
C THR F 111 8.45 19.15 10.39
N LEU F 112 8.83 18.64 11.56
CA LEU F 112 7.89 18.57 12.67
C LEU F 112 7.69 19.94 13.31
N GLU F 113 8.77 20.72 13.43
CA GLU F 113 8.67 22.02 14.07
C GLU F 113 7.57 22.85 13.43
N ASP F 114 7.49 22.85 12.09
CA ASP F 114 6.46 23.61 11.40
C ASP F 114 5.06 23.08 11.70
N THR F 115 4.92 21.75 11.79
CA THR F 115 3.64 21.17 12.13
C THR F 115 3.16 21.64 13.50
N ILE F 116 4.01 21.48 14.53
CA ILE F 116 3.65 21.85 15.90
C ILE F 116 3.32 23.34 16.00
N ARG F 117 4.16 24.20 15.40
CA ARG F 117 3.89 25.64 15.44
C ARG F 117 2.52 25.96 14.84
N THR F 118 2.17 25.28 13.75
CA THR F 118 0.90 25.53 13.10
C THR F 118 -0.27 25.01 13.94
N VAL F 119 -0.14 23.80 14.49
CA VAL F 119 -1.22 23.15 15.24
C VAL F 119 -1.40 23.69 16.64
N GLU F 120 -0.47 24.50 17.16
CA GLU F 120 -0.71 25.08 18.47
C GLU F 120 -1.68 26.25 18.38
N GLY F 121 -1.82 26.87 17.21
CA GLY F 121 -2.77 27.95 17.05
C GLY F 121 -4.20 27.50 16.96
N TYR F 122 -4.42 26.18 16.90
CA TYR F 122 -5.77 25.61 16.84
C TYR F 122 -6.17 24.85 18.09
N SER F 123 -5.24 24.63 19.01
CA SER F 123 -5.48 23.79 20.18
C SER F 123 -4.88 24.41 21.42
N ASP F 124 -5.15 23.78 22.57
CA ASP F 124 -4.59 24.20 23.84
C ASP F 124 -3.63 23.19 24.46
N ILE F 125 -3.57 21.96 23.94
CA ILE F 125 -2.61 20.96 24.38
C ILE F 125 -2.46 19.96 23.25
N ILE F 126 -1.24 19.45 23.08
CA ILE F 126 -0.88 18.57 21.95
C ILE F 126 -0.43 17.22 22.51
N VAL F 127 -1.12 16.16 22.11
CA VAL F 127 -0.78 14.79 22.49
C VAL F 127 -0.23 14.12 21.25
N MET F 128 1.01 13.64 21.32
CA MET F 128 1.71 13.10 20.16
C MET F 128 2.28 11.72 20.44
N ARG F 129 2.23 10.86 19.42
CA ARG F 129 2.93 9.58 19.39
C ARG F 129 3.67 9.54 18.06
N HIS F 130 4.97 9.28 18.12
CA HIS F 130 5.81 9.25 16.93
C HIS F 130 6.52 7.90 16.85
N PHE F 131 7.08 7.62 15.67
CA PHE F 131 7.90 6.43 15.45
C PHE F 131 9.39 6.71 15.62
N GLU F 132 9.81 7.97 15.58
CA GLU F 132 11.20 8.35 15.66
C GLU F 132 11.49 8.94 17.03
N SER F 133 12.63 8.56 17.60
CA SER F 133 12.98 9.06 18.93
C SER F 133 13.30 10.55 18.91
N GLY F 134 13.07 11.21 20.06
CA GLY F 134 13.37 12.62 20.22
C GLY F 134 12.37 13.56 19.60
N ALA F 135 11.24 13.05 19.08
CA ALA F 135 10.21 13.91 18.53
C ALA F 135 9.45 14.65 19.62
N ALA F 136 9.14 13.97 20.73
CA ALA F 136 8.45 14.62 21.84
C ALA F 136 9.23 15.84 22.37
N ARG F 137 10.54 15.67 22.61
CA ARG F 137 11.36 16.78 23.12
C ARG F 137 11.44 17.93 22.12
N LYS F 138 11.40 17.62 20.81
CA LYS F 138 11.33 18.65 19.77
C LYS F 138 10.04 19.47 19.90
N ALA F 139 8.91 18.79 20.04
CA ALA F 139 7.62 19.46 19.99
C ALA F 139 7.40 20.34 21.22
N ALA F 140 7.80 19.85 22.41
CA ALA F 140 7.65 20.65 23.62
C ALA F 140 8.39 21.97 23.50
N ALA F 141 9.59 21.94 22.89
CA ALA F 141 10.42 23.13 22.75
C ALA F 141 9.86 24.06 21.69
N THR F 142 9.28 23.49 20.63
CA THR F 142 8.74 24.31 19.56
C THR F 142 7.47 25.03 20.01
N ALA F 143 6.60 24.32 20.71
CA ALA F 143 5.29 24.87 21.07
C ALA F 143 5.33 25.69 22.36
N ASN F 144 4.44 26.68 22.43
CA ASN F 144 4.23 27.46 23.64
C ASN F 144 3.02 26.97 24.45
N ILE F 145 2.39 25.88 24.01
CA ILE F 145 1.38 25.15 24.77
C ILE F 145 1.97 23.83 25.22
N PRO F 146 1.35 23.15 26.17
CA PRO F 146 1.99 21.95 26.74
C PRO F 146 1.88 20.78 25.78
N VAL F 147 2.91 19.94 25.81
CA VAL F 147 2.98 18.73 24.98
C VAL F 147 3.00 17.51 25.87
N ILE F 148 2.26 16.47 25.49
CA ILE F 148 2.28 15.18 26.18
C ILE F 148 2.83 14.14 25.22
N ASN F 149 3.93 13.49 25.60
CA ASN F 149 4.53 12.39 24.85
C ASN F 149 3.75 11.12 25.12
N ALA F 150 3.08 10.60 24.08
CA ALA F 150 2.30 9.37 24.15
C ALA F 150 2.98 8.21 23.45
N GLY F 151 4.31 8.24 23.37
CA GLY F 151 5.08 7.18 22.75
C GLY F 151 6.06 7.74 21.76
N ASP F 152 7.33 7.85 22.14
CA ASP F 152 8.35 8.46 21.31
C ASP F 152 9.15 7.37 20.60
N GLY F 153 8.46 6.55 19.83
CA GLY F 153 9.12 5.50 19.09
C GLY F 153 9.75 4.48 20.01
N PRO F 154 11.05 4.23 19.81
CA PRO F 154 11.79 3.32 20.70
C PRO F 154 12.29 3.98 21.98
N GLY F 155 11.95 5.25 22.20
CA GLY F 155 12.45 5.99 23.34
C GLY F 155 11.54 5.95 24.54
N GLU F 156 11.18 7.13 25.05
CA GLU F 156 10.44 7.24 26.30
C GLU F 156 8.94 7.17 26.04
N HIS F 157 8.23 6.42 26.90
CA HIS F 157 6.77 6.36 26.92
C HIS F 157 6.36 6.63 28.37
N PRO F 158 6.27 7.92 28.76
CA PRO F 158 6.13 8.24 30.20
C PRO F 158 4.74 7.94 30.76
N THR F 159 3.65 8.36 30.09
CA THR F 159 2.31 8.08 30.61
C THR F 159 2.11 6.59 30.87
N GLN F 160 2.70 5.71 30.04
CA GLN F 160 2.63 4.28 30.35
C GLN F 160 3.38 3.96 31.64
N ALA F 161 4.59 4.50 31.81
CA ALA F 161 5.34 4.22 33.02
C ALA F 161 4.63 4.77 34.24
N LEU F 162 3.96 5.91 34.11
CA LEU F 162 3.23 6.47 35.25
C LEU F 162 2.04 5.58 35.63
N LEU F 163 1.23 5.16 34.66
CA LEU F 163 0.10 4.29 34.99
C LEU F 163 0.59 2.91 35.44
N ASP F 164 1.75 2.45 34.95
CA ASP F 164 2.31 1.19 35.45
C ASP F 164 2.57 1.26 36.95
N VAL F 165 3.08 2.41 37.41
CA VAL F 165 3.35 2.58 38.83
C VAL F 165 2.05 2.77 39.59
N TYR F 166 1.20 3.68 39.12
CA TYR F 166 -0.06 3.94 39.80
C TYR F 166 -0.87 2.66 39.99
N THR F 167 -0.76 1.72 39.06
CA THR F 167 -1.47 0.46 39.22
C THR F 167 -0.95 -0.32 40.40
N ILE F 168 0.37 -0.28 40.63
CA ILE F 168 0.95 -1.01 41.75
C ILE F 168 0.53 -0.39 43.07
N GLN F 169 0.58 0.95 43.16
CA GLN F 169 0.14 1.63 44.36
C GLN F 169 -1.33 1.30 44.67
N SER F 170 -2.16 1.15 43.63
CA SER F 170 -3.59 0.98 43.81
C SER F 170 -3.93 -0.48 44.14
N GLU F 171 -3.16 -1.42 43.60
CA GLU F 171 -3.42 -2.83 43.82
C GLU F 171 -2.73 -3.34 45.08
N ILE F 172 -1.41 -3.13 45.17
CA ILE F 172 -0.60 -3.64 46.27
C ILE F 172 -0.73 -2.80 47.52
N GLY F 173 -1.13 -1.53 47.39
CA GLY F 173 -1.38 -0.65 48.52
C GLY F 173 -0.24 0.31 48.74
N LYS F 174 0.98 -0.22 48.61
CA LYS F 174 2.20 0.52 48.91
C LYS F 174 3.18 0.44 47.73
N LEU F 175 4.06 1.46 47.66
CA LEU F 175 5.21 1.43 46.76
C LEU F 175 6.55 1.27 47.47
N ASP F 176 6.64 1.59 48.77
CA ASP F 176 7.86 1.35 49.55
C ASP F 176 7.86 -0.09 50.04
N GLY F 177 8.93 -0.83 49.73
CA GLY F 177 9.14 -2.19 50.21
C GLY F 177 8.39 -3.31 49.52
N ILE F 178 8.63 -3.48 48.21
CA ILE F 178 7.91 -4.45 47.40
C ILE F 178 8.90 -5.22 46.53
N SER F 179 8.39 -6.24 45.85
CA SER F 179 9.21 -7.05 44.95
C SER F 179 8.50 -7.05 43.60
N VAL F 180 9.17 -6.56 42.56
CA VAL F 180 8.62 -6.45 41.20
C VAL F 180 9.51 -7.23 40.25
N ALA F 181 8.92 -8.18 39.53
CA ALA F 181 9.66 -9.03 38.59
C ALA F 181 9.39 -8.55 37.16
N LEU F 182 10.43 -8.05 36.50
CA LEU F 182 10.34 -7.61 35.11
C LEU F 182 10.69 -8.82 34.25
N VAL F 183 9.72 -9.24 33.43
CA VAL F 183 9.80 -10.47 32.66
C VAL F 183 9.70 -10.15 31.18
N GLY F 184 10.44 -10.90 30.36
CA GLY F 184 10.40 -10.72 28.92
C GLY F 184 11.67 -10.13 28.34
N ASP F 185 11.53 -9.38 27.26
CA ASP F 185 12.68 -8.74 26.62
C ASP F 185 13.06 -7.51 27.43
N LEU F 186 14.13 -7.65 28.23
CA LEU F 186 14.63 -6.59 29.08
C LEU F 186 15.75 -5.81 28.42
N ALA F 187 16.49 -6.44 27.51
CA ALA F 187 17.51 -5.72 26.76
C ALA F 187 16.90 -4.62 25.91
N ASN F 188 15.75 -4.88 25.27
CA ASN F 188 15.10 -3.95 24.37
C ASN F 188 13.69 -3.58 24.82
N GLY F 189 13.41 -3.67 26.12
CA GLY F 189 12.09 -3.33 26.60
C GLY F 189 11.95 -1.86 26.95
N ARG F 190 11.43 -1.07 26.02
CA ARG F 190 11.27 0.34 26.31
C ARG F 190 10.33 0.57 27.49
N THR F 191 9.39 -0.35 27.74
CA THR F 191 8.44 -0.18 28.83
C THR F 191 9.05 -0.58 30.17
N VAL F 192 9.75 -1.72 30.21
CA VAL F 192 10.30 -2.20 31.48
C VAL F 192 11.35 -1.24 32.02
N ARG F 193 12.21 -0.72 31.15
CA ARG F 193 13.25 0.20 31.60
C ARG F 193 12.64 1.50 32.11
N SER F 194 11.61 2.01 31.43
CA SER F 194 10.95 3.21 31.94
C SER F 194 10.36 2.95 33.31
N LEU F 195 9.98 1.70 33.58
CA LEU F 195 9.38 1.35 34.86
C LEU F 195 10.42 1.32 35.96
N ALA F 196 11.47 0.51 35.77
CA ALA F 196 12.54 0.42 36.77
C ALA F 196 13.04 1.80 37.19
N TYR F 197 13.15 2.73 36.22
CA TYR F 197 13.68 4.04 36.57
C TYR F 197 12.82 4.70 37.63
N LEU F 198 11.48 4.66 37.43
CA LEU F 198 10.58 5.32 38.36
C LEU F 198 10.52 4.61 39.70
N LEU F 199 10.65 3.28 39.71
CA LEU F 199 10.60 2.54 40.98
C LEU F 199 11.78 2.88 41.87
N ALA F 200 12.96 3.16 41.26
CA ALA F 200 14.14 3.51 42.04
C ALA F 200 14.00 4.85 42.75
N LYS F 201 12.86 5.53 42.62
CA LYS F 201 12.57 6.73 43.41
C LYS F 201 11.98 6.39 44.77
N PHE F 202 11.88 5.10 45.11
CA PHE F 202 11.24 4.65 46.34
C PHE F 202 12.16 3.71 47.12
N LYS F 203 11.91 3.61 48.42
CA LYS F 203 12.82 2.96 49.34
C LYS F 203 12.52 1.47 49.46
N ASP F 204 13.59 0.67 49.62
CA ASP F 204 13.47 -0.72 50.05
C ASP F 204 12.78 -1.57 48.99
N VAL F 205 13.10 -1.30 47.71
CA VAL F 205 12.54 -2.02 46.58
C VAL F 205 13.52 -3.07 46.08
N LYS F 206 13.00 -4.23 45.70
CA LYS F 206 13.78 -5.27 45.05
C LYS F 206 13.19 -5.54 43.66
N ILE F 207 14.06 -5.69 42.67
CA ILE F 207 13.65 -5.94 41.28
C ILE F 207 14.34 -7.18 40.75
N TYR F 208 13.56 -8.10 40.18
CA TYR F 208 14.09 -9.29 39.54
C TYR F 208 14.05 -9.10 38.03
N PHE F 209 15.10 -9.53 37.34
CA PHE F 209 15.18 -9.49 35.89
C PHE F 209 15.03 -10.93 35.42
N VAL F 210 13.83 -11.27 34.97
CA VAL F 210 13.52 -12.62 34.52
C VAL F 210 13.53 -12.61 33.00
N SER F 211 14.49 -13.28 32.38
CA SER F 211 14.67 -13.26 30.94
C SER F 211 15.75 -14.25 30.58
N PRO F 212 15.83 -14.64 29.32
CA PRO F 212 17.02 -15.40 28.88
C PRO F 212 18.22 -14.49 28.87
N GLU F 213 19.40 -15.03 28.53
CA GLU F 213 20.64 -14.27 28.60
C GLU F 213 20.73 -13.26 27.47
N ILE F 214 20.39 -13.65 26.24
CA ILE F 214 20.64 -12.76 25.11
C ILE F 214 19.79 -11.50 25.16
N VAL F 215 18.82 -11.42 26.08
CA VAL F 215 18.02 -10.21 26.22
C VAL F 215 17.98 -9.77 27.68
N LYS F 216 18.99 -10.14 28.45
CA LYS F 216 19.08 -9.67 29.81
C LYS F 216 19.07 -8.14 29.83
N MET F 217 18.81 -7.57 31.00
CA MET F 217 18.76 -6.11 31.12
C MET F 217 20.13 -5.48 30.91
N LYS F 218 20.11 -4.20 30.56
CA LYS F 218 21.32 -3.50 30.19
C LYS F 218 22.01 -2.89 31.42
N ASP F 219 23.32 -2.68 31.28
CA ASP F 219 24.13 -2.25 32.42
C ASP F 219 23.87 -0.80 32.80
N ASP F 220 23.38 0.04 31.88
CA ASP F 220 23.09 1.41 32.29
C ASP F 220 21.96 1.47 33.31
N ILE F 221 20.96 0.59 33.18
CA ILE F 221 19.89 0.53 34.17
C ILE F 221 20.39 -0.04 35.48
N LYS F 222 21.00 -1.23 35.43
CA LYS F 222 21.55 -1.87 36.63
C LYS F 222 22.33 -0.87 37.50
N ASP F 223 23.26 -0.12 36.90
CA ASP F 223 24.10 0.80 37.66
C ASP F 223 23.29 1.98 38.17
N TYR F 224 22.19 2.34 37.50
CA TYR F 224 21.31 3.38 38.04
C TYR F 224 20.62 2.93 39.32
N LEU F 225 20.26 1.65 39.38
CA LEU F 225 19.60 1.11 40.56
C LEU F 225 20.60 0.93 41.70
N THR F 226 21.76 0.35 41.41
CA THR F 226 22.82 0.24 42.40
C THR F 226 23.10 1.60 43.04
N SER F 227 23.11 2.65 42.23
CA SER F 227 23.39 3.97 42.77
C SER F 227 22.27 4.44 43.69
N SER F 228 21.01 4.13 43.34
CA SER F 228 19.84 4.62 44.07
C SER F 228 19.54 3.81 45.32
N GLY F 229 20.32 2.76 45.60
CA GLY F 229 20.05 1.91 46.75
C GLY F 229 18.87 0.99 46.51
N VAL F 230 18.95 0.21 45.43
CA VAL F 230 17.91 -0.71 45.03
C VAL F 230 18.54 -2.07 44.77
N GLU F 231 18.02 -3.10 45.42
CA GLU F 231 18.59 -4.43 45.23
C GLU F 231 17.97 -5.04 43.99
N TRP F 232 18.80 -5.71 43.18
CA TRP F 232 18.31 -6.40 41.99
C TRP F 232 19.06 -7.72 41.83
N GLU F 233 18.44 -8.64 41.07
CA GLU F 233 18.92 -10.01 40.93
C GLU F 233 18.44 -10.54 39.59
N GLU F 234 19.36 -11.01 38.74
CA GLU F 234 18.99 -11.61 37.47
C GLU F 234 18.50 -13.05 37.69
N SER F 235 17.68 -13.53 36.77
CA SER F 235 17.21 -14.91 36.85
C SER F 235 16.62 -15.31 35.51
N SER F 236 16.71 -16.62 35.22
CA SER F 236 16.06 -17.21 34.06
C SER F 236 14.90 -18.11 34.44
N ASP F 237 14.69 -18.36 35.75
CA ASP F 237 13.59 -19.20 36.22
C ASP F 237 12.46 -18.28 36.69
N LEU F 238 11.38 -18.21 35.89
CA LEU F 238 10.25 -17.36 36.26
C LEU F 238 9.43 -17.98 37.38
N MET F 239 9.33 -19.31 37.40
CA MET F 239 8.68 -20.01 38.50
C MET F 239 9.26 -19.59 39.85
N GLU F 240 10.57 -19.78 40.03
CA GLU F 240 11.21 -19.46 41.31
C GLU F 240 10.95 -18.02 41.70
N VAL F 241 11.12 -17.09 40.76
CA VAL F 241 11.05 -15.67 41.11
C VAL F 241 9.61 -15.25 41.43
N ALA F 242 8.62 -15.84 40.75
CA ALA F 242 7.25 -15.35 40.84
C ALA F 242 6.69 -15.52 42.24
N SER F 243 7.12 -16.58 42.97
CA SER F 243 6.60 -16.84 44.31
C SER F 243 7.01 -15.76 45.30
N LYS F 244 8.20 -15.20 45.14
CA LYS F 244 8.75 -14.24 46.07
C LYS F 244 8.35 -12.80 45.77
N CYS F 245 7.27 -12.60 45.03
CA CYS F 245 7.00 -11.31 44.40
C CYS F 245 5.57 -10.85 44.60
N ASP F 246 5.43 -9.52 44.64
CA ASP F 246 4.13 -8.85 44.66
C ASP F 246 3.64 -8.49 43.27
N VAL F 247 4.50 -8.57 42.25
CA VAL F 247 4.17 -8.12 40.91
C VAL F 247 4.99 -8.89 39.87
N VAL F 248 4.30 -9.38 38.84
CA VAL F 248 4.93 -9.97 37.68
C VAL F 248 4.58 -9.07 36.50
N TYR F 249 5.53 -8.26 36.07
CA TYR F 249 5.36 -7.39 34.90
C TYR F 249 5.85 -8.16 33.66
N GLN F 250 4.90 -8.56 32.81
CA GLN F 250 5.17 -9.44 31.69
C GLN F 250 5.28 -8.64 30.41
N THR F 251 6.33 -8.90 29.64
CA THR F 251 6.50 -8.38 28.29
C THR F 251 6.90 -9.53 27.38
N ARG F 252 6.66 -9.33 26.08
CA ARG F 252 6.94 -10.35 25.09
C ARG F 252 8.43 -10.40 24.76
N ILE F 253 8.88 -11.57 24.31
CA ILE F 253 10.18 -11.73 23.69
C ILE F 253 9.95 -12.04 22.20
N GLN F 254 10.26 -11.07 21.36
CA GLN F 254 10.10 -11.27 19.92
C GLN F 254 11.12 -12.29 19.43
N ARG F 255 10.66 -13.24 18.59
CA ARG F 255 11.57 -14.22 18.00
C ARG F 255 12.73 -13.55 17.27
N GLU F 256 12.53 -12.33 16.79
CA GLU F 256 13.61 -11.62 16.13
C GLU F 256 14.83 -11.46 17.03
N ARG F 257 14.62 -11.25 18.34
CA ARG F 257 15.72 -10.88 19.24
C ARG F 257 16.82 -11.95 19.29
N PHE F 258 16.52 -13.17 18.89
CA PHE F 258 17.49 -14.26 18.96
C PHE F 258 18.39 -14.32 17.74
N GLY F 259 18.16 -13.50 16.73
CA GLY F 259 19.01 -13.52 15.55
C GLY F 259 19.13 -14.90 14.92
N GLU F 260 20.39 -15.32 14.70
CA GLU F 260 20.70 -16.66 14.21
C GLU F 260 20.62 -17.73 15.30
N ARG F 261 20.54 -17.34 16.57
CA ARG F 261 20.59 -18.28 17.69
C ARG F 261 19.20 -18.89 17.87
N LEU F 262 18.92 -19.89 17.03
CA LEU F 262 17.66 -20.62 17.13
C LEU F 262 17.67 -21.58 18.31
N ASP F 263 18.82 -22.21 18.59
CA ASP F 263 18.95 -23.10 19.74
C ASP F 263 18.54 -22.39 21.03
N LEU F 264 18.90 -21.12 21.19
CA LEU F 264 18.52 -20.38 22.39
C LEU F 264 17.06 -20.00 22.41
N TYR F 265 16.37 -19.98 21.25
CA TYR F 265 14.94 -19.70 21.21
C TYR F 265 14.12 -20.92 21.65
N GLU F 266 14.63 -22.13 21.38
CA GLU F 266 13.99 -23.34 21.85
C GLU F 266 14.07 -23.44 23.37
N ALA F 267 15.26 -23.20 23.92
CA ALA F 267 15.41 -23.21 25.37
C ALA F 267 14.48 -22.20 26.03
N ALA F 268 14.16 -21.09 25.36
CA ALA F 268 13.34 -20.05 25.96
C ALA F 268 11.86 -20.25 25.71
N ARG F 269 11.50 -21.11 24.75
CA ARG F 269 10.09 -21.40 24.51
C ARG F 269 9.47 -22.01 25.76
N GLY F 270 8.40 -21.38 26.26
CA GLY F 270 7.63 -21.90 27.37
C GLY F 270 8.07 -21.45 28.75
N LYS F 271 9.36 -21.21 28.94
CA LYS F 271 9.84 -20.90 30.28
C LYS F 271 9.28 -19.58 30.78
N PHE F 272 9.26 -18.55 29.92
CA PHE F 272 8.84 -17.20 30.30
C PHE F 272 7.38 -16.93 29.96
N ILE F 273 6.51 -17.92 30.09
CA ILE F 273 5.09 -17.79 29.82
C ILE F 273 4.35 -17.76 31.15
N VAL F 274 3.38 -16.86 31.26
CA VAL F 274 2.51 -16.79 32.42
C VAL F 274 1.29 -17.66 32.11
N ASP F 275 1.28 -18.89 32.62
CA ASP F 275 0.18 -19.85 32.50
C ASP F 275 -0.41 -20.12 33.88
N LYS F 276 -1.40 -21.02 33.92
CA LYS F 276 -2.05 -21.37 35.18
C LYS F 276 -1.10 -22.08 36.14
N ASP F 277 -0.06 -22.75 35.63
CA ASP F 277 0.96 -23.33 36.52
C ASP F 277 1.68 -22.24 37.31
N LEU F 278 1.96 -21.11 36.68
CA LEU F 278 2.68 -20.06 37.39
C LEU F 278 1.83 -19.44 38.48
N LEU F 279 0.55 -19.25 38.22
CA LEU F 279 -0.31 -18.63 39.21
C LEU F 279 -0.43 -19.47 40.48
N GLY F 280 -0.36 -20.80 40.33
CA GLY F 280 -0.42 -21.71 41.46
C GLY F 280 0.69 -21.53 42.48
N VAL F 281 1.82 -20.94 42.07
CA VAL F 281 2.95 -20.73 42.95
C VAL F 281 3.06 -19.26 43.35
N MET F 282 1.99 -18.49 43.18
CA MET F 282 2.00 -17.06 43.45
C MET F 282 1.15 -16.74 44.67
N GLN F 283 1.50 -15.64 45.35
CA GLN F 283 0.78 -15.22 46.54
C GLN F 283 -0.59 -14.65 46.19
N LYS F 284 -1.54 -14.82 47.12
CA LYS F 284 -2.94 -14.52 46.83
C LYS F 284 -3.17 -13.03 46.57
N LYS F 285 -2.27 -12.16 47.03
CA LYS F 285 -2.40 -10.71 46.83
C LYS F 285 -1.42 -10.18 45.79
N ALA F 286 -0.59 -11.04 45.19
CA ALA F 286 0.30 -10.69 44.09
C ALA F 286 -0.49 -10.59 42.80
N ILE F 287 -0.04 -9.72 41.88
CA ILE F 287 -0.79 -9.42 40.66
C ILE F 287 0.09 -9.66 39.45
N ILE F 288 -0.56 -9.73 38.28
CA ILE F 288 0.09 -9.83 36.98
C ILE F 288 -0.16 -8.53 36.21
N MET F 289 0.88 -7.97 35.60
CA MET F 289 0.73 -6.75 34.82
C MET F 289 1.33 -6.92 33.42
N HIS F 290 0.74 -6.20 32.48
CA HIS F 290 1.18 -6.22 31.11
C HIS F 290 0.94 -4.84 30.53
N PRO F 291 1.89 -4.31 29.73
CA PRO F 291 1.70 -2.99 29.11
C PRO F 291 0.73 -3.07 27.92
N LEU F 292 0.68 -4.29 27.28
CA LEU F 292 -0.24 -4.62 26.19
C LEU F 292 0.26 -4.07 24.84
N PRO F 293 -0.16 -4.63 23.70
CA PRO F 293 -0.98 -5.84 23.57
C PRO F 293 -0.21 -7.07 23.96
N ARG F 294 -0.89 -8.14 24.33
CA ARG F 294 -0.25 -9.40 24.67
C ARG F 294 -0.68 -10.47 23.68
N LEU F 295 0.23 -11.42 23.41
CA LEU F 295 -0.09 -12.53 22.53
C LEU F 295 -0.23 -13.75 23.41
N ASP F 296 0.62 -14.75 23.27
CA ASP F 296 0.49 -15.96 24.05
C ASP F 296 1.47 -16.01 25.23
N GLU F 297 2.15 -14.90 25.53
CA GLU F 297 3.02 -14.81 26.69
C GLU F 297 2.24 -14.64 28.00
N ILE F 298 0.94 -14.33 27.93
CA ILE F 298 -0.03 -14.58 29.00
C ILE F 298 -1.18 -15.37 28.40
N THR F 299 -1.40 -16.60 28.87
CA THR F 299 -2.48 -17.41 28.31
C THR F 299 -3.84 -16.88 28.72
N ALA F 300 -4.89 -17.36 28.04
CA ALA F 300 -6.22 -16.80 28.23
C ALA F 300 -6.86 -17.23 29.55
N ASP F 301 -6.51 -18.41 30.06
CA ASP F 301 -7.06 -18.88 31.33
C ASP F 301 -6.71 -17.98 32.52
N VAL F 302 -5.61 -17.23 32.44
CA VAL F 302 -5.24 -16.29 33.47
C VAL F 302 -6.25 -15.17 33.57
N ASP F 303 -7.08 -14.94 32.53
CA ASP F 303 -7.95 -13.77 32.50
C ASP F 303 -8.96 -13.79 33.65
N ALA F 304 -9.38 -14.98 34.09
CA ALA F 304 -10.40 -15.10 35.12
C ALA F 304 -9.89 -14.75 36.52
N ASP F 305 -8.59 -14.86 36.76
CA ASP F 305 -8.05 -14.75 38.10
C ASP F 305 -8.07 -13.29 38.57
N PRO F 306 -8.52 -13.02 39.81
CA PRO F 306 -8.56 -11.62 40.29
C PRO F 306 -7.18 -10.95 40.36
N ARG F 307 -6.09 -11.73 40.28
CA ARG F 307 -4.74 -11.18 40.33
C ARG F 307 -4.27 -10.66 38.98
N ALA F 308 -4.90 -11.10 37.90
CA ALA F 308 -4.61 -10.57 36.57
C ALA F 308 -5.10 -9.13 36.52
N ALA F 309 -4.18 -8.17 36.46
CA ALA F 309 -4.55 -6.76 36.57
C ALA F 309 -4.38 -5.96 35.28
N TYR F 310 -4.10 -6.60 34.15
CA TYR F 310 -3.70 -5.85 32.97
C TYR F 310 -4.89 -5.07 32.38
N PHE F 311 -6.12 -5.53 32.56
CA PHE F 311 -7.24 -4.76 32.05
C PHE F 311 -7.58 -3.59 32.96
N ARG F 312 -7.51 -3.79 34.29
CA ARG F 312 -7.57 -2.65 35.19
C ARG F 312 -6.43 -1.70 34.90
N GLN F 313 -5.24 -2.24 34.57
CA GLN F 313 -4.09 -1.43 34.21
C GLN F 313 -4.42 -0.47 33.07
N ALA F 314 -4.97 -1.00 31.97
CA ALA F 314 -5.38 -0.14 30.87
C ALA F 314 -6.37 0.90 31.33
N LYS F 315 -7.35 0.48 32.15
CA LYS F 315 -8.33 1.44 32.66
C LYS F 315 -7.63 2.55 33.44
N ASN F 316 -6.67 2.18 34.28
CA ASN F 316 -5.98 3.20 35.07
C ASN F 316 -5.36 4.27 34.20
N GLY F 317 -4.86 3.89 33.02
CA GLY F 317 -4.39 4.88 32.07
C GLY F 317 -5.38 6.01 31.88
N LEU F 318 -6.67 5.69 31.94
CA LEU F 318 -7.68 6.73 31.79
C LEU F 318 -7.65 7.70 32.96
N PHE F 319 -7.48 7.18 34.18
CA PHE F 319 -7.42 8.03 35.37
C PHE F 319 -6.12 8.84 35.41
N ILE F 320 -5.01 8.22 35.01
CA ILE F 320 -3.71 8.91 34.98
C ILE F 320 -3.72 10.03 33.95
N ARG F 321 -4.14 9.72 32.73
CA ARG F 321 -4.16 10.71 31.66
C ARG F 321 -5.23 11.76 31.91
N MET F 322 -6.31 11.42 32.61
CA MET F 322 -7.24 12.45 33.04
C MET F 322 -6.53 13.46 33.94
N ALA F 323 -5.61 12.98 34.80
CA ALA F 323 -4.92 13.86 35.74
C ALA F 323 -3.99 14.82 35.02
N LEU F 324 -3.12 14.30 34.14
CA LEU F 324 -2.12 15.16 33.51
C LEU F 324 -2.76 16.19 32.60
N LEU F 325 -3.88 15.85 31.97
CA LEU F 325 -4.58 16.85 31.18
C LEU F 325 -5.07 18.00 32.06
N LYS F 326 -5.61 17.66 33.23
CA LYS F 326 -6.13 18.69 34.11
C LYS F 326 -5.01 19.57 34.65
N LEU F 327 -3.96 18.95 35.17
CA LEU F 327 -2.90 19.71 35.82
C LEU F 327 -2.19 20.64 34.84
N LEU F 328 -1.93 20.17 33.62
CA LEU F 328 -1.20 20.98 32.66
C LEU F 328 -2.02 22.18 32.19
N LEU F 329 -3.34 22.11 32.27
CA LEU F 329 -4.21 23.13 31.70
C LEU F 329 -4.89 24.03 32.74
N VAL F 330 -5.05 23.56 33.98
CA VAL F 330 -5.70 24.35 35.02
C VAL F 330 -5.04 24.10 36.36
N GLY F 331 -3.84 23.54 36.34
CA GLY F 331 -3.08 23.37 37.55
C GLY F 331 -3.77 22.53 38.64
N TRP F 332 -3.12 22.52 39.80
CA TRP F 332 -3.64 21.82 40.97
C TRP F 332 -4.96 22.44 41.45
#